data_8TT7
#
_entry.id   8TT7
#
_entity_poly.entity_id   1
_entity_poly.type   'polypeptide(L)'
_entity_poly.pdbx_seq_one_letter_code
;GSKTIKNTVSVNLELTAEEWKKKYEKEKEKNKALKSVIQHLEVELNRWRNGEAV
;
_entity_poly.pdbx_strand_id   A,B
#
# COMPACT_ATOMS: atom_id res chain seq x y z
N GLY A 1 41.99 -30.89 0.49
CA GLY A 1 41.62 -30.43 1.86
C GLY A 1 42.87 -29.91 2.58
N SER A 2 44.01 -30.48 2.25
CA SER A 2 45.27 -30.07 2.86
C SER A 2 45.70 -28.71 2.34
N LYS A 3 46.41 -27.95 3.17
CA LYS A 3 46.87 -26.64 2.77
C LYS A 3 45.70 -25.73 2.40
N THR A 4 44.73 -25.64 3.29
CA THR A 4 43.56 -24.81 3.05
C THR A 4 43.36 -23.82 4.19
N ILE A 5 43.23 -22.53 3.84
CA ILE A 5 43.03 -21.50 4.84
C ILE A 5 41.75 -20.73 4.57
N LYS A 6 40.92 -20.58 5.61
CA LYS A 6 39.65 -19.85 5.47
C LYS A 6 38.83 -20.45 4.34
N ASN A 7 37.59 -20.82 4.66
CA ASN A 7 36.70 -21.40 3.66
C ASN A 7 35.76 -20.34 3.10
N THR A 8 35.64 -20.30 1.78
CA THR A 8 34.77 -19.33 1.13
C THR A 8 33.31 -19.62 1.45
N VAL A 9 32.55 -18.57 1.74
CA VAL A 9 31.14 -18.73 2.04
C VAL A 9 30.27 -17.96 1.04
N SER A 10 29.27 -18.64 0.50
CA SER A 10 28.38 -18.02 -0.47
C SER A 10 27.31 -17.18 0.23
N VAL A 11 26.79 -16.20 -0.48
CA VAL A 11 25.76 -15.33 0.08
C VAL A 11 24.41 -16.04 0.10
N ASN A 12 23.51 -15.55 0.94
CA ASN A 12 22.18 -16.15 1.06
C ASN A 12 21.45 -16.08 -0.27
N LEU A 13 20.63 -17.09 -0.54
CA LEU A 13 19.89 -17.14 -1.80
C LEU A 13 18.71 -16.18 -1.75
N GLU A 14 17.52 -16.74 -1.55
CA GLU A 14 16.31 -15.92 -1.50
C GLU A 14 15.74 -15.93 -0.08
N LEU A 15 15.20 -14.78 0.33
CA LEU A 15 14.61 -14.69 1.65
C LEU A 15 13.27 -15.41 1.67
N THR A 16 12.93 -16.02 2.79
CA THR A 16 11.68 -16.75 2.89
C THR A 16 10.48 -15.81 2.85
N ALA A 17 9.45 -16.20 2.12
CA ALA A 17 8.25 -15.38 2.02
C ALA A 17 7.56 -15.31 3.37
N GLU A 18 8.05 -16.07 4.35
CA GLU A 18 7.45 -16.04 5.68
C GLU A 18 7.49 -14.61 6.19
N GLU A 19 8.63 -13.97 6.00
CA GLU A 19 8.81 -12.59 6.43
C GLU A 19 8.10 -11.65 5.47
N TRP A 20 8.19 -11.95 4.19
CA TRP A 20 7.54 -11.11 3.20
C TRP A 20 6.02 -11.14 3.38
N LYS A 21 5.51 -12.32 3.75
CA LYS A 21 4.07 -12.48 3.94
C LYS A 21 3.57 -11.63 5.10
N LYS A 22 4.28 -11.69 6.23
CA LYS A 22 3.88 -10.92 7.40
C LYS A 22 3.96 -9.42 7.13
N LYS A 23 5.07 -8.99 6.55
CA LYS A 23 5.25 -7.56 6.25
C LYS A 23 4.20 -7.10 5.25
N TYR A 24 3.99 -7.91 4.21
CA TYR A 24 3.00 -7.57 3.19
C TYR A 24 1.60 -7.52 3.80
N GLU A 25 1.29 -8.52 4.62
CA GLU A 25 -0.03 -8.59 5.24
C GLU A 25 -0.35 -7.28 5.95
N LYS A 26 0.50 -6.91 6.89
CA LYS A 26 0.30 -5.66 7.62
C LYS A 26 0.42 -4.48 6.66
N GLU A 27 1.32 -4.60 5.70
CA GLU A 27 1.54 -3.54 4.73
C GLU A 27 0.25 -3.19 4.00
N LYS A 28 -0.48 -4.20 3.55
CA LYS A 28 -1.73 -3.99 2.86
C LYS A 28 -2.71 -3.24 3.74
N GLU A 29 -2.68 -3.53 5.03
CA GLU A 29 -3.59 -2.87 5.96
C GLU A 29 -3.32 -1.37 6.01
N LYS A 30 -2.06 -0.98 6.02
CA LYS A 30 -1.71 0.44 6.08
C LYS A 30 -2.22 1.17 4.85
N ASN A 31 -1.91 0.66 3.68
CA ASN A 31 -2.35 1.27 2.43
C ASN A 31 -3.87 1.21 2.32
N LYS A 32 -4.44 0.09 2.74
CA LYS A 32 -5.89 -0.08 2.67
C LYS A 32 -6.56 0.98 3.52
N ALA A 33 -6.06 1.17 4.73
CA ALA A 33 -6.62 2.16 5.64
C ALA A 33 -6.41 3.56 5.06
N LEU A 34 -5.25 3.77 4.48
CA LEU A 34 -4.94 5.07 3.87
C LEU A 34 -5.87 5.34 2.70
N LYS A 35 -6.15 4.29 1.93
CA LYS A 35 -7.03 4.45 0.78
C LYS A 35 -8.37 4.97 1.24
N SER A 36 -8.92 4.35 2.27
CA SER A 36 -10.20 4.76 2.82
C SER A 36 -10.15 6.21 3.27
N VAL A 37 -8.99 6.63 3.77
CA VAL A 37 -8.80 8.00 4.23
C VAL A 37 -8.88 8.96 3.06
N ILE A 38 -8.29 8.55 1.94
CA ILE A 38 -8.29 9.39 0.75
C ILE A 38 -9.71 9.70 0.36
N GLN A 39 -10.51 8.66 0.29
CA GLN A 39 -11.91 8.80 -0.07
C GLN A 39 -12.62 9.56 1.04
N HIS A 40 -12.17 9.35 2.27
CA HIS A 40 -12.77 10.02 3.42
C HIS A 40 -12.60 11.53 3.30
N LEU A 41 -11.35 11.97 3.13
CA LEU A 41 -11.07 13.40 3.02
C LEU A 41 -11.73 13.98 1.78
N GLU A 42 -11.69 13.25 0.67
CA GLU A 42 -12.30 13.73 -0.56
C GLU A 42 -13.81 13.84 -0.36
N VAL A 43 -14.36 12.93 0.43
CA VAL A 43 -15.78 12.94 0.73
C VAL A 43 -16.12 14.20 1.50
N GLU A 44 -15.26 14.53 2.46
CA GLU A 44 -15.47 15.70 3.30
C GLU A 44 -15.87 16.91 2.46
N LEU A 45 -15.05 17.26 1.47
CA LEU A 45 -15.37 18.43 0.63
C LEU A 45 -16.67 18.22 -0.12
N ASN A 46 -16.88 17.01 -0.61
CA ASN A 46 -18.08 16.69 -1.37
C ASN A 46 -19.35 16.86 -0.54
N ARG A 47 -19.31 16.44 0.72
CA ARG A 47 -20.49 16.53 1.57
C ARG A 47 -20.61 17.91 2.25
N TRP A 48 -19.47 18.53 2.51
CA TRP A 48 -19.45 19.83 3.15
C TRP A 48 -19.65 20.95 2.14
N ARG A 49 -19.43 20.66 0.87
CA ARG A 49 -19.63 21.67 -0.16
C ARG A 49 -21.07 22.14 -0.17
N ASN A 50 -22.00 21.20 -0.11
CA ASN A 50 -23.43 21.54 -0.10
C ASN A 50 -24.01 21.34 1.29
N GLY A 51 -23.15 21.00 2.25
CA GLY A 51 -23.62 20.78 3.62
C GLY A 51 -24.66 19.66 3.67
N GLU A 52 -24.47 18.66 2.82
CA GLU A 52 -25.42 17.55 2.76
C GLU A 52 -25.59 16.93 4.15
N ALA A 53 -26.84 16.64 4.52
CA ALA A 53 -27.12 16.05 5.81
C ALA A 53 -26.79 14.56 5.80
N VAL A 54 -26.44 14.03 6.98
CA VAL A 54 -26.10 12.61 7.08
C VAL A 54 -24.81 12.31 6.33
N GLY B 1 1.04 -48.74 -8.87
CA GLY B 1 1.22 -47.94 -10.12
C GLY B 1 0.34 -48.50 -11.22
N SER B 2 0.12 -49.81 -11.19
CA SER B 2 -0.70 -50.47 -12.19
C SER B 2 -2.18 -50.14 -11.99
N LYS B 3 -2.93 -50.11 -13.07
CA LYS B 3 -4.35 -49.80 -13.00
C LYS B 3 -4.57 -48.42 -12.40
N THR B 4 -3.90 -47.42 -12.97
CA THR B 4 -4.03 -46.05 -12.49
C THR B 4 -4.43 -45.12 -13.64
N ILE B 5 -5.48 -44.34 -13.41
CA ILE B 5 -5.95 -43.41 -14.43
C ILE B 5 -5.97 -41.98 -13.89
N LYS B 6 -5.39 -41.06 -14.64
CA LYS B 6 -5.34 -39.66 -14.22
C LYS B 6 -4.74 -39.54 -12.84
N ASN B 7 -3.70 -38.71 -12.72
CA ASN B 7 -3.04 -38.51 -11.45
C ASN B 7 -3.55 -37.24 -10.77
N THR B 8 -3.86 -37.36 -9.48
CA THR B 8 -4.37 -36.22 -8.73
C THR B 8 -3.29 -35.16 -8.55
N VAL B 9 -3.67 -33.90 -8.73
CA VAL B 9 -2.72 -32.80 -8.59
C VAL B 9 -3.16 -31.86 -7.47
N SER B 10 -2.23 -31.54 -6.58
CA SER B 10 -2.51 -30.65 -5.47
C SER B 10 -2.46 -29.19 -5.92
N VAL B 11 -3.17 -28.33 -5.21
CA VAL B 11 -3.19 -26.91 -5.53
C VAL B 11 -1.90 -26.23 -5.07
N ASN B 12 -1.60 -25.09 -5.66
CA ASN B 12 -0.38 -24.34 -5.31
C ASN B 12 -0.41 -23.96 -3.84
N LEU B 13 0.76 -23.95 -3.21
CA LEU B 13 0.86 -23.59 -1.80
C LEU B 13 0.70 -22.09 -1.61
N GLU B 14 1.83 -21.43 -1.38
CA GLU B 14 1.82 -19.98 -1.17
C GLU B 14 2.50 -19.27 -2.33
N LEU B 15 1.97 -18.11 -2.70
CA LEU B 15 2.55 -17.35 -3.79
C LEU B 15 3.83 -16.70 -3.32
N THR B 16 4.81 -16.57 -4.21
CA THR B 16 6.08 -15.98 -3.85
C THR B 16 5.93 -14.48 -3.56
N ALA B 17 6.60 -14.02 -2.52
CA ALA B 17 6.53 -12.61 -2.17
C ALA B 17 7.20 -11.77 -3.25
N GLU B 18 7.81 -12.42 -4.23
CA GLU B 18 8.46 -11.70 -5.31
C GLU B 18 7.42 -10.81 -5.98
N GLU B 19 6.26 -11.40 -6.23
CA GLU B 19 5.15 -10.67 -6.85
C GLU B 19 4.51 -9.73 -5.85
N TRP B 20 4.35 -10.20 -4.62
CA TRP B 20 3.75 -9.38 -3.58
C TRP B 20 4.63 -8.16 -3.30
N LYS B 21 5.95 -8.35 -3.36
CA LYS B 21 6.88 -7.25 -3.09
C LYS B 21 6.77 -6.17 -4.15
N LYS B 22 6.74 -6.57 -5.42
CA LYS B 22 6.64 -5.60 -6.50
C LYS B 22 5.32 -4.84 -6.45
N LYS B 23 4.23 -5.58 -6.29
CA LYS B 23 2.91 -4.97 -6.22
C LYS B 23 2.81 -4.04 -5.02
N TYR B 24 3.30 -4.52 -3.88
CA TYR B 24 3.27 -3.72 -2.66
C TYR B 24 4.12 -2.47 -2.83
N GLU B 25 5.31 -2.64 -3.38
CA GLU B 25 6.22 -1.52 -3.58
C GLU B 25 5.52 -0.38 -4.31
N LYS B 26 5.02 -0.68 -5.50
CA LYS B 26 4.32 0.32 -6.28
C LYS B 26 3.05 0.74 -5.56
N GLU B 27 2.42 -0.22 -4.89
CA GLU B 27 1.18 0.04 -4.16
C GLU B 27 1.38 1.15 -3.14
N LYS B 28 2.46 1.06 -2.38
CA LYS B 28 2.74 2.07 -1.37
C LYS B 28 2.90 3.44 -2.00
N GLU B 29 3.45 3.47 -3.20
CA GLU B 29 3.65 4.73 -3.89
C GLU B 29 2.32 5.40 -4.19
N LYS B 30 1.33 4.61 -4.63
CA LYS B 30 0.02 5.16 -4.96
C LYS B 30 -0.64 5.78 -3.74
N ASN B 31 -0.69 5.01 -2.66
CA ASN B 31 -1.30 5.50 -1.42
C ASN B 31 -0.49 6.66 -0.85
N LYS B 32 0.83 6.55 -0.94
CA LYS B 32 1.71 7.60 -0.43
C LYS B 32 1.44 8.90 -1.16
N ALA B 33 1.34 8.82 -2.49
CA ALA B 33 1.08 10.00 -3.30
C ALA B 33 -0.31 10.53 -2.98
N LEU B 34 -1.26 9.62 -2.80
CA LEU B 34 -2.63 10.01 -2.47
C LEU B 34 -2.68 10.69 -1.12
N LYS B 35 -1.89 10.19 -0.17
CA LYS B 35 -1.86 10.77 1.16
C LYS B 35 -1.45 12.24 1.06
N SER B 36 -0.39 12.49 0.32
CA SER B 36 0.09 13.85 0.13
C SER B 36 -1.00 14.72 -0.49
N VAL B 37 -1.80 14.12 -1.36
CA VAL B 37 -2.89 14.85 -2.01
C VAL B 37 -3.94 15.25 -0.99
N ILE B 38 -4.21 14.35 -0.06
CA ILE B 38 -5.20 14.62 0.96
C ILE B 38 -4.82 15.86 1.72
N GLN B 39 -3.58 15.89 2.15
CA GLN B 39 -3.06 17.03 2.88
C GLN B 39 -3.00 18.23 1.95
N HIS B 40 -2.74 17.97 0.68
CA HIS B 40 -2.66 19.03 -0.31
C HIS B 40 -4.00 19.73 -0.44
N LEU B 41 -5.05 18.96 -0.70
CA LEU B 41 -6.38 19.55 -0.84
C LEU B 41 -6.84 20.19 0.45
N GLU B 42 -6.58 19.54 1.58
CA GLU B 42 -6.97 20.08 2.87
C GLU B 42 -6.23 21.38 3.11
N VAL B 43 -4.99 21.44 2.65
CA VAL B 43 -4.17 22.64 2.78
C VAL B 43 -4.81 23.77 1.99
N GLU B 44 -5.27 23.44 0.79
CA GLU B 44 -5.88 24.43 -0.08
C GLU B 44 -6.88 25.30 0.69
N LEU B 45 -7.86 24.66 1.34
CA LEU B 45 -8.85 25.44 2.08
C LEU B 45 -8.20 26.23 3.21
N ASN B 46 -7.24 25.61 3.88
CA ASN B 46 -6.57 26.26 4.99
C ASN B 46 -5.82 27.53 4.57
N ARG B 47 -5.17 27.48 3.42
CA ARG B 47 -4.39 28.61 2.94
C ARG B 47 -5.26 29.61 2.18
N TRP B 48 -6.29 29.10 1.52
CA TRP B 48 -7.18 29.95 0.74
C TRP B 48 -8.25 30.58 1.62
N ARG B 49 -8.48 30.01 2.80
CA ARG B 49 -9.46 30.57 3.72
C ARG B 49 -9.09 31.99 4.09
N ASN B 50 -7.83 32.21 4.43
CA ASN B 50 -7.36 33.54 4.80
C ASN B 50 -6.52 34.14 3.68
N GLY B 51 -6.43 33.44 2.56
CA GLY B 51 -5.65 33.92 1.42
C GLY B 51 -4.19 34.12 1.82
N GLU B 52 -3.69 33.24 2.70
CA GLU B 52 -2.32 33.35 3.16
C GLU B 52 -1.36 33.37 1.97
N ALA B 53 -0.38 34.28 2.03
CA ALA B 53 0.60 34.39 0.96
C ALA B 53 1.63 33.27 1.04
N VAL B 54 2.19 32.89 -0.10
CA VAL B 54 3.19 31.83 -0.13
C VAL B 54 2.55 30.48 0.23
N GLY A 1 39.80 -17.65 -11.34
CA GLY A 1 38.43 -18.17 -11.06
C GLY A 1 38.36 -18.64 -9.61
N SER A 2 37.96 -17.75 -8.71
CA SER A 2 37.86 -18.09 -7.30
C SER A 2 36.84 -19.21 -7.10
N LYS A 3 35.70 -19.10 -7.78
CA LYS A 3 34.65 -20.10 -7.66
C LYS A 3 34.49 -20.56 -6.22
N THR A 4 34.76 -19.64 -5.28
CA THR A 4 34.64 -19.96 -3.87
C THR A 4 35.74 -20.93 -3.43
N ILE A 5 36.70 -20.43 -2.67
CA ILE A 5 37.80 -21.26 -2.19
C ILE A 5 37.68 -21.48 -0.69
N LYS A 6 37.76 -22.75 -0.28
CA LYS A 6 37.65 -23.09 1.13
C LYS A 6 36.57 -22.28 1.81
N ASN A 7 35.52 -21.97 1.05
CA ASN A 7 34.40 -21.19 1.60
C ASN A 7 33.52 -22.05 2.48
N THR A 8 33.01 -21.48 3.56
CA THR A 8 32.14 -22.20 4.48
C THR A 8 30.80 -22.49 3.82
N VAL A 9 30.22 -23.64 4.12
CA VAL A 9 28.94 -24.03 3.54
C VAL A 9 27.88 -22.97 3.85
N SER A 10 27.21 -22.50 2.80
CA SER A 10 26.16 -21.49 2.96
C SER A 10 24.93 -22.10 3.61
N VAL A 11 24.30 -21.35 4.50
CA VAL A 11 23.10 -21.84 5.18
C VAL A 11 21.96 -20.85 5.00
N ASN A 12 20.86 -21.32 4.39
CA ASN A 12 19.70 -20.46 4.16
C ASN A 12 20.15 -19.04 3.81
N LEU A 13 20.07 -18.14 4.80
CA LEU A 13 20.47 -16.74 4.61
C LEU A 13 19.25 -15.88 4.29
N GLU A 14 19.12 -15.49 3.04
CA GLU A 14 18.00 -14.66 2.62
C GLU A 14 16.70 -15.09 3.30
N LEU A 15 15.86 -14.13 3.62
CA LEU A 15 14.60 -14.42 4.28
C LEU A 15 13.63 -15.05 3.29
N THR A 16 12.95 -16.10 3.70
CA THR A 16 12.02 -16.78 2.82
C THR A 16 10.69 -16.04 2.78
N ALA A 17 9.87 -16.38 1.78
CA ALA A 17 8.58 -15.74 1.63
C ALA A 17 7.72 -15.95 2.87
N GLU A 18 7.89 -17.09 3.52
CA GLU A 18 7.12 -17.39 4.72
C GLU A 18 6.86 -16.10 5.49
N GLU A 19 7.95 -15.40 5.84
CA GLU A 19 7.81 -14.14 6.56
C GLU A 19 7.30 -13.04 5.64
N TRP A 20 7.64 -13.11 4.35
CA TRP A 20 7.17 -12.09 3.43
C TRP A 20 5.66 -12.20 3.21
N LYS A 21 5.10 -13.37 3.50
CA LYS A 21 3.67 -13.55 3.30
C LYS A 21 2.87 -12.75 4.32
N LYS A 22 3.26 -12.87 5.58
CA LYS A 22 2.57 -12.14 6.65
C LYS A 22 2.76 -10.64 6.49
N LYS A 23 4.00 -10.23 6.23
CA LYS A 23 4.32 -8.81 6.08
C LYS A 23 3.60 -8.23 4.87
N TYR A 24 3.62 -8.96 3.76
CA TYR A 24 2.97 -8.50 2.54
C TYR A 24 1.47 -8.34 2.77
N GLU A 25 0.85 -9.32 3.42
CA GLU A 25 -0.57 -9.26 3.68
C GLU A 25 -0.89 -8.17 4.71
N LYS A 26 -0.10 -8.13 5.78
CA LYS A 26 -0.31 -7.13 6.83
C LYS A 26 -0.06 -5.72 6.30
N GLU A 27 0.94 -5.57 5.44
CA GLU A 27 1.28 -4.26 4.88
C GLU A 27 0.09 -3.66 4.15
N LYS A 28 -0.62 -4.46 3.36
CA LYS A 28 -1.79 -3.96 2.64
C LYS A 28 -2.85 -3.46 3.61
N GLU A 29 -2.99 -4.15 4.73
CA GLU A 29 -3.98 -3.75 5.73
C GLU A 29 -3.86 -2.27 6.07
N LYS A 30 -2.63 -1.82 6.33
CA LYS A 30 -2.41 -0.41 6.67
C LYS A 30 -2.79 0.51 5.52
N ASN A 31 -2.39 0.13 4.30
CA ASN A 31 -2.70 0.94 3.13
C ASN A 31 -4.21 1.01 2.91
N LYS A 32 -4.91 -0.08 3.22
CA LYS A 32 -6.36 -0.10 3.06
C LYS A 32 -6.95 1.06 3.86
N ALA A 33 -6.41 1.26 5.06
CA ALA A 33 -6.89 2.35 5.91
C ALA A 33 -6.58 3.69 5.24
N LEU A 34 -5.43 3.78 4.57
CA LEU A 34 -5.06 5.01 3.87
C LEU A 34 -6.04 5.29 2.74
N LYS A 35 -6.44 4.24 2.03
CA LYS A 35 -7.39 4.41 0.94
C LYS A 35 -8.68 4.99 1.48
N SER A 36 -9.17 4.41 2.57
CA SER A 36 -10.38 4.90 3.20
C SER A 36 -10.14 6.28 3.81
N VAL A 37 -8.87 6.54 4.15
CA VAL A 37 -8.47 7.82 4.72
C VAL A 37 -8.71 8.95 3.72
N ILE A 38 -8.37 8.69 2.47
CA ILE A 38 -8.54 9.70 1.43
C ILE A 38 -10.02 10.06 1.34
N GLN A 39 -10.85 9.03 1.35
CA GLN A 39 -12.29 9.21 1.29
C GLN A 39 -12.77 9.87 2.58
N HIS A 40 -12.05 9.60 3.67
CA HIS A 40 -12.39 10.16 4.96
C HIS A 40 -12.25 11.68 4.94
N LEU A 41 -11.15 12.15 4.38
CA LEU A 41 -10.90 13.59 4.29
C LEU A 41 -11.97 14.25 3.42
N GLU A 42 -12.37 13.60 2.33
CA GLU A 42 -13.38 14.16 1.43
C GLU A 42 -14.65 14.49 2.21
N VAL A 43 -15.01 13.61 3.14
CA VAL A 43 -16.19 13.84 3.96
C VAL A 43 -16.01 15.09 4.79
N GLU A 44 -14.82 15.24 5.36
CA GLU A 44 -14.52 16.40 6.18
C GLU A 44 -14.60 17.68 5.35
N LEU A 45 -14.29 17.57 4.05
CA LEU A 45 -14.33 18.72 3.17
C LEU A 45 -15.77 19.25 3.05
N ASN A 46 -16.74 18.34 3.10
CA ASN A 46 -18.13 18.73 3.01
C ASN A 46 -18.54 19.56 4.22
N ARG A 47 -18.31 19.00 5.39
CA ARG A 47 -18.65 19.71 6.63
C ARG A 47 -17.69 20.88 6.79
N TRP A 48 -16.62 20.81 6.03
CA TRP A 48 -15.59 21.84 6.05
C TRP A 48 -16.09 23.12 5.38
N ARG A 49 -16.66 23.00 4.19
CA ARG A 49 -17.17 24.17 3.48
C ARG A 49 -18.44 24.74 4.14
N ASN A 50 -19.48 23.92 4.31
CA ASN A 50 -20.73 24.39 4.90
C ASN A 50 -21.08 23.66 6.20
N GLY A 51 -20.33 22.64 6.54
CA GLY A 51 -20.62 21.89 7.75
C GLY A 51 -21.92 21.10 7.61
N GLU A 52 -22.29 20.82 6.37
CA GLU A 52 -23.52 20.08 6.09
C GLU A 52 -23.40 18.62 6.52
N ALA A 53 -22.75 17.81 5.70
CA ALA A 53 -22.58 16.40 5.99
C ALA A 53 -21.69 16.19 7.22
N VAL A 54 -22.00 15.18 8.02
CA VAL A 54 -21.22 14.90 9.22
C VAL A 54 -20.43 13.62 9.04
N GLY B 1 -10.95 -41.55 1.15
CA GLY B 1 -9.76 -40.68 1.36
C GLY B 1 -8.95 -40.62 0.08
N SER B 2 -9.24 -39.64 -0.77
CA SER B 2 -8.53 -39.49 -2.03
C SER B 2 -7.04 -39.24 -1.77
N LYS B 3 -6.75 -38.39 -0.80
CA LYS B 3 -5.36 -38.07 -0.46
C LYS B 3 -4.52 -37.93 -1.73
N THR B 4 -5.15 -37.47 -2.81
CA THR B 4 -4.45 -37.29 -4.07
C THR B 4 -4.09 -38.64 -4.68
N ILE B 5 -4.78 -39.00 -5.77
CA ILE B 5 -4.53 -40.26 -6.44
C ILE B 5 -3.87 -40.02 -7.80
N LYS B 6 -2.76 -40.72 -8.04
CA LYS B 6 -2.05 -40.57 -9.31
C LYS B 6 -1.99 -39.10 -9.73
N ASN B 7 -1.91 -38.21 -8.74
CA ASN B 7 -1.85 -36.78 -9.01
C ASN B 7 -0.45 -36.38 -9.47
N THR B 8 -0.39 -35.45 -10.41
CA THR B 8 0.90 -34.99 -10.93
C THR B 8 1.63 -34.18 -9.87
N VAL B 9 2.95 -34.30 -9.83
CA VAL B 9 3.74 -33.59 -8.84
C VAL B 9 3.50 -32.09 -8.95
N SER B 10 3.18 -31.47 -7.82
CA SER B 10 2.92 -30.03 -7.78
C SER B 10 4.22 -29.25 -7.95
N VAL B 11 4.17 -28.16 -8.70
CA VAL B 11 5.35 -27.33 -8.92
C VAL B 11 5.07 -25.88 -8.54
N ASN B 12 5.83 -25.38 -7.57
CA ASN B 12 5.65 -24.01 -7.11
C ASN B 12 4.17 -23.63 -7.09
N LEU B 13 3.73 -22.90 -8.11
CA LEU B 13 2.33 -22.47 -8.22
C LEU B 13 2.16 -21.06 -7.69
N GLU B 14 1.56 -20.96 -6.50
CA GLU B 14 1.34 -19.66 -5.87
C GLU B 14 2.53 -18.75 -6.07
N LEU B 15 2.25 -17.46 -6.24
CA LEU B 15 3.31 -16.49 -6.45
C LEU B 15 4.03 -16.23 -5.14
N THR B 16 5.35 -16.19 -5.19
CA THR B 16 6.14 -15.97 -3.99
C THR B 16 6.19 -14.49 -3.64
N ALA B 17 6.62 -14.20 -2.42
CA ALA B 17 6.71 -12.83 -1.96
C ALA B 17 7.64 -12.02 -2.85
N GLU B 18 8.67 -12.68 -3.37
CA GLU B 18 9.62 -12.00 -4.24
C GLU B 18 8.90 -10.94 -5.06
N GLU B 19 7.87 -11.35 -5.80
CA GLU B 19 7.10 -10.41 -6.59
C GLU B 19 6.21 -9.54 -5.71
N TRP B 20 5.75 -10.10 -4.59
CA TRP B 20 4.90 -9.32 -3.69
C TRP B 20 5.68 -8.21 -3.02
N LYS B 21 7.01 -8.33 -2.98
CA LYS B 21 7.84 -7.33 -2.34
C LYS B 21 7.85 -6.05 -3.17
N LYS B 22 8.09 -6.19 -4.46
CA LYS B 22 8.14 -5.03 -5.35
C LYS B 22 6.76 -4.37 -5.46
N LYS B 23 5.74 -5.20 -5.63
CA LYS B 23 4.36 -4.70 -5.76
C LYS B 23 3.92 -4.02 -4.47
N TYR B 24 4.21 -4.64 -3.34
CA TYR B 24 3.84 -4.08 -2.05
C TYR B 24 4.51 -2.74 -1.84
N GLU B 25 5.81 -2.67 -2.14
CA GLU B 25 6.55 -1.43 -1.97
C GLU B 25 6.10 -0.37 -2.98
N LYS B 26 5.95 -0.79 -4.24
CA LYS B 26 5.51 0.12 -5.29
C LYS B 26 4.09 0.61 -5.04
N GLU B 27 3.24 -0.28 -4.55
CA GLU B 27 1.84 0.07 -4.29
C GLU B 27 1.75 1.25 -3.32
N LYS B 28 2.56 1.22 -2.25
CA LYS B 28 2.53 2.31 -1.28
C LYS B 28 2.91 3.63 -1.94
N GLU B 29 3.85 3.57 -2.88
CA GLU B 29 4.31 4.77 -3.56
C GLU B 29 3.11 5.57 -4.11
N LYS B 30 2.19 4.87 -4.78
CA LYS B 30 1.02 5.53 -5.36
C LYS B 30 0.14 6.14 -4.27
N ASN B 31 -0.08 5.40 -3.19
CA ASN B 31 -0.90 5.89 -2.09
C ASN B 31 -0.25 7.11 -1.45
N LYS B 32 1.07 7.11 -1.38
CA LYS B 32 1.77 8.26 -0.79
C LYS B 32 1.35 9.52 -1.52
N ALA B 33 1.23 9.42 -2.83
CA ALA B 33 0.80 10.56 -3.64
C ALA B 33 -0.63 10.95 -3.25
N LEU B 34 -1.47 9.94 -2.98
CA LEU B 34 -2.85 10.20 -2.59
C LEU B 34 -2.90 10.94 -1.26
N LYS B 35 -2.02 10.54 -0.34
CA LYS B 35 -1.97 11.21 0.95
C LYS B 35 -1.66 12.68 0.76
N SER B 36 -0.64 12.95 -0.06
CA SER B 36 -0.25 14.32 -0.35
C SER B 36 -1.36 15.00 -1.17
N VAL B 37 -2.11 14.18 -1.90
CA VAL B 37 -3.21 14.69 -2.72
C VAL B 37 -4.29 15.30 -1.85
N ILE B 38 -4.58 14.66 -0.74
CA ILE B 38 -5.60 15.18 0.17
C ILE B 38 -5.17 16.56 0.65
N GLN B 39 -3.91 16.65 1.02
CA GLN B 39 -3.35 17.92 1.49
C GLN B 39 -3.29 18.90 0.34
N HIS B 40 -3.15 18.36 -0.87
CA HIS B 40 -3.10 19.20 -2.07
C HIS B 40 -4.41 19.92 -2.28
N LEU B 41 -5.50 19.19 -2.14
CA LEU B 41 -6.82 19.79 -2.31
C LEU B 41 -7.07 20.86 -1.25
N GLU B 42 -6.63 20.61 -0.02
CA GLU B 42 -6.82 21.58 1.06
C GLU B 42 -6.24 22.93 0.67
N VAL B 43 -5.09 22.91 0.01
CA VAL B 43 -4.45 24.14 -0.44
C VAL B 43 -5.36 24.85 -1.43
N GLU B 44 -5.93 24.06 -2.35
CA GLU B 44 -6.81 24.62 -3.35
C GLU B 44 -8.04 25.25 -2.71
N LEU B 45 -8.46 24.70 -1.57
CA LEU B 45 -9.62 25.22 -0.85
C LEU B 45 -9.37 26.65 -0.39
N ASN B 46 -8.11 26.94 -0.04
CA ASN B 46 -7.76 28.27 0.42
C ASN B 46 -7.90 29.28 -0.70
N ARG B 47 -7.24 29.00 -1.81
CA ARG B 47 -7.31 29.89 -2.96
C ARG B 47 -8.72 29.81 -3.55
N TRP B 48 -9.41 28.75 -3.14
CA TRP B 48 -10.77 28.49 -3.59
C TRP B 48 -11.74 29.50 -2.98
N ARG B 49 -11.69 29.68 -1.67
CA ARG B 49 -12.58 30.62 -0.99
C ARG B 49 -12.23 32.08 -1.30
N ASN B 50 -10.98 32.48 -1.05
CA ASN B 50 -10.58 33.87 -1.30
C ASN B 50 -9.46 33.99 -2.32
N GLY B 51 -8.90 32.88 -2.73
CA GLY B 51 -7.82 32.91 -3.71
C GLY B 51 -6.55 33.50 -3.09
N GLU B 52 -6.46 33.41 -1.77
CA GLU B 52 -5.32 33.94 -1.04
C GLU B 52 -4.06 33.11 -1.29
N ALA B 53 -3.96 31.98 -0.61
CA ALA B 53 -2.79 31.12 -0.77
C ALA B 53 -2.75 30.51 -2.16
N VAL B 54 -1.54 30.35 -2.70
CA VAL B 54 -1.38 29.77 -4.03
C VAL B 54 -0.77 28.38 -3.95
N GLY A 1 19.54 10.77 -22.59
CA GLY A 1 20.22 9.56 -22.06
C GLY A 1 19.54 9.09 -20.78
N SER A 2 19.67 7.81 -20.47
CA SER A 2 19.06 7.26 -19.27
C SER A 2 19.84 7.69 -18.03
N LYS A 3 19.20 7.58 -16.87
CA LYS A 3 19.84 7.96 -15.61
C LYS A 3 18.93 7.62 -14.44
N THR A 4 18.91 6.35 -14.06
CA THR A 4 18.08 5.90 -12.94
C THR A 4 18.93 5.20 -11.89
N ILE A 5 18.78 5.61 -10.64
CA ILE A 5 19.54 5.01 -9.54
C ILE A 5 18.64 4.16 -8.66
N LYS A 6 19.05 2.93 -8.42
CA LYS A 6 18.27 2.02 -7.58
C LYS A 6 18.80 2.01 -6.15
N ASN A 7 17.90 1.84 -5.20
CA ASN A 7 18.29 1.82 -3.79
C ASN A 7 19.05 0.54 -3.46
N THR A 8 20.02 0.65 -2.55
CA THR A 8 20.81 -0.51 -2.16
C THR A 8 20.46 -0.94 -0.75
N VAL A 9 20.00 -2.17 -0.60
CA VAL A 9 19.64 -2.70 0.71
C VAL A 9 20.31 -4.05 0.95
N SER A 10 20.94 -4.19 2.12
CA SER A 10 21.61 -5.44 2.47
C SER A 10 20.60 -6.48 2.94
N VAL A 11 21.00 -7.75 2.91
CA VAL A 11 20.12 -8.83 3.34
C VAL A 11 20.65 -9.47 4.62
N ASN A 12 20.00 -9.16 5.74
CA ASN A 12 20.41 -9.73 7.02
C ASN A 12 20.26 -11.24 7.03
N LEU A 13 19.12 -11.72 6.55
CA LEU A 13 18.87 -13.15 6.51
C LEU A 13 17.82 -13.49 5.45
N GLU A 14 17.78 -14.76 5.05
CA GLU A 14 16.82 -15.19 4.04
C GLU A 14 15.61 -15.84 4.71
N LEU A 15 14.53 -15.09 4.82
CA LEU A 15 13.31 -15.59 5.44
C LEU A 15 12.37 -16.17 4.39
N THR A 16 11.70 -17.26 4.74
CA THR A 16 10.78 -17.90 3.81
C THR A 16 9.58 -16.99 3.52
N ALA A 17 9.10 -17.00 2.28
CA ALA A 17 7.96 -16.16 1.93
C ALA A 17 6.76 -16.48 2.82
N GLU A 18 6.72 -17.71 3.32
CA GLU A 18 5.61 -18.10 4.19
C GLU A 18 5.51 -17.14 5.37
N GLU A 19 6.62 -16.98 6.08
CA GLU A 19 6.66 -16.07 7.21
C GLU A 19 6.90 -14.63 6.76
N TRP A 20 7.85 -14.48 5.84
CA TRP A 20 8.19 -13.15 5.33
C TRP A 20 6.96 -12.49 4.71
N LYS A 21 6.21 -13.26 3.93
CA LYS A 21 5.01 -12.76 3.29
C LYS A 21 3.97 -12.37 4.34
N LYS A 22 3.93 -13.12 5.44
CA LYS A 22 2.97 -12.83 6.50
C LYS A 22 3.07 -11.36 6.91
N LYS A 23 4.30 -10.88 7.05
CA LYS A 23 4.53 -9.49 7.42
C LYS A 23 3.94 -8.55 6.36
N TYR A 24 4.24 -8.84 5.10
CA TYR A 24 3.71 -8.03 4.00
C TYR A 24 2.19 -8.11 3.95
N GLU A 25 1.66 -9.31 4.21
CA GLU A 25 0.23 -9.51 4.18
C GLU A 25 -0.51 -8.39 4.92
N LYS A 26 -0.27 -8.28 6.21
CA LYS A 26 -0.91 -7.26 7.02
C LYS A 26 -0.48 -5.87 6.57
N GLU A 27 0.74 -5.78 6.04
CA GLU A 27 1.27 -4.50 5.58
C GLU A 27 0.34 -3.88 4.54
N LYS A 28 -0.09 -4.69 3.58
CA LYS A 28 -0.99 -4.22 2.54
C LYS A 28 -2.32 -3.77 3.15
N GLU A 29 -2.79 -4.53 4.13
CA GLU A 29 -4.05 -4.20 4.78
C GLU A 29 -4.02 -2.77 5.33
N LYS A 30 -2.92 -2.42 5.97
CA LYS A 30 -2.77 -1.07 6.52
C LYS A 30 -2.80 -0.04 5.40
N ASN A 31 -2.13 -0.34 4.30
CA ASN A 31 -2.09 0.58 3.17
C ASN A 31 -3.51 0.79 2.62
N LYS A 32 -4.31 -0.27 2.65
CA LYS A 32 -5.69 -0.16 2.17
C LYS A 32 -6.43 0.85 3.04
N ALA A 33 -6.06 0.90 4.31
CA ALA A 33 -6.67 1.85 5.24
C ALA A 33 -6.49 3.25 4.71
N LEU A 34 -5.39 3.47 3.99
CA LEU A 34 -5.12 4.78 3.41
C LEU A 34 -6.20 5.11 2.39
N LYS A 35 -6.64 4.10 1.65
CA LYS A 35 -7.67 4.32 0.65
C LYS A 35 -8.87 4.98 1.33
N SER A 36 -9.25 4.44 2.48
CA SER A 36 -10.36 4.99 3.24
C SER A 36 -10.05 6.44 3.60
N VAL A 37 -8.76 6.75 3.70
CA VAL A 37 -8.34 8.10 4.03
C VAL A 37 -8.63 9.04 2.87
N ILE A 38 -8.72 8.48 1.67
CA ILE A 38 -9.02 9.29 0.49
C ILE A 38 -10.39 9.90 0.65
N GLN A 39 -11.33 9.07 1.08
CA GLN A 39 -12.70 9.54 1.28
C GLN A 39 -12.78 10.38 2.56
N HIS A 40 -11.76 10.24 3.40
CA HIS A 40 -11.72 11.00 4.66
C HIS A 40 -11.66 12.50 4.40
N LEU A 41 -10.60 12.95 3.74
CA LEU A 41 -10.43 14.38 3.47
C LEU A 41 -11.53 14.88 2.52
N GLU A 42 -11.84 14.10 1.49
CA GLU A 42 -12.87 14.47 0.52
C GLU A 42 -14.21 14.68 1.20
N VAL A 43 -14.54 13.81 2.15
CA VAL A 43 -15.80 13.92 2.89
C VAL A 43 -15.80 15.22 3.69
N GLU A 44 -14.65 15.53 4.29
CA GLU A 44 -14.52 16.72 5.10
C GLU A 44 -15.03 17.96 4.36
N LEU A 45 -14.68 18.07 3.08
CA LEU A 45 -15.13 19.22 2.28
C LEU A 45 -16.63 19.24 2.14
N ASN A 46 -17.22 18.07 1.92
CA ASN A 46 -18.67 17.97 1.78
C ASN A 46 -19.38 18.61 2.97
N ARG A 47 -19.10 18.10 4.16
CA ARG A 47 -19.68 18.65 5.37
C ARG A 47 -19.16 20.06 5.63
N TRP A 48 -17.89 20.26 5.31
CA TRP A 48 -17.26 21.56 5.52
C TRP A 48 -18.06 22.65 4.80
N ARG A 49 -18.60 22.31 3.63
CA ARG A 49 -19.38 23.27 2.86
C ARG A 49 -20.53 23.81 3.70
N ASN A 50 -21.28 22.92 4.34
CA ASN A 50 -22.39 23.32 5.20
C ASN A 50 -21.88 23.94 6.49
N GLY A 51 -20.71 23.50 6.94
CA GLY A 51 -20.12 24.03 8.17
C GLY A 51 -20.99 23.67 9.38
N GLU A 52 -21.64 22.51 9.32
CA GLU A 52 -22.49 22.08 10.41
C GLU A 52 -21.68 21.95 11.71
N ALA A 53 -20.50 21.35 11.60
CA ALA A 53 -19.64 21.18 12.76
C ALA A 53 -18.99 22.50 13.15
N VAL A 54 -18.77 22.70 14.45
CA VAL A 54 -18.15 23.92 14.95
C VAL A 54 -17.50 23.68 16.31
N GLY B 1 -21.15 -8.17 23.42
CA GLY B 1 -20.47 -9.37 22.87
C GLY B 1 -19.71 -8.99 21.60
N SER B 2 -18.69 -9.77 21.28
CA SER B 2 -17.89 -9.50 20.08
C SER B 2 -18.65 -9.94 18.83
N LYS B 3 -18.23 -9.40 17.68
CA LYS B 3 -18.87 -9.75 16.42
C LYS B 3 -18.12 -9.13 15.25
N THR B 4 -17.00 -9.76 14.87
CA THR B 4 -16.19 -9.26 13.77
C THR B 4 -16.03 -10.33 12.69
N ILE B 5 -16.30 -9.96 11.44
CA ILE B 5 -16.18 -10.90 10.34
C ILE B 5 -14.98 -10.55 9.47
N LYS B 6 -14.13 -11.54 9.21
CA LYS B 6 -12.94 -11.32 8.38
C LYS B 6 -13.21 -11.75 6.94
N ASN B 7 -12.59 -11.05 6.00
CA ASN B 7 -12.77 -11.36 4.58
C ASN B 7 -12.06 -12.67 4.24
N THR B 8 -12.65 -13.43 3.31
CA THR B 8 -12.06 -14.71 2.90
C THR B 8 -11.51 -14.61 1.49
N VAL B 9 -10.21 -14.84 1.34
CA VAL B 9 -9.57 -14.78 0.04
C VAL B 9 -8.76 -16.04 -0.22
N SER B 10 -8.96 -16.63 -1.40
CA SER B 10 -8.23 -17.85 -1.76
C SER B 10 -6.82 -17.51 -2.23
N VAL B 11 -5.94 -18.51 -2.20
CA VAL B 11 -4.56 -18.30 -2.63
C VAL B 11 -4.28 -19.06 -3.92
N ASN B 12 -4.19 -18.33 -5.03
CA ASN B 12 -3.93 -18.94 -6.32
C ASN B 12 -2.55 -19.60 -6.33
N LEU B 13 -1.55 -18.89 -5.84
CA LEU B 13 -0.18 -19.41 -5.80
C LEU B 13 0.64 -18.70 -4.73
N GLU B 14 1.73 -19.31 -4.32
CA GLU B 14 2.60 -18.73 -3.30
C GLU B 14 3.79 -18.03 -3.96
N LEU B 15 3.69 -16.70 -4.05
CA LEU B 15 4.75 -15.91 -4.65
C LEU B 15 5.73 -15.43 -3.59
N THR B 16 7.01 -15.40 -3.93
CA THR B 16 8.03 -14.95 -2.99
C THR B 16 7.88 -13.47 -2.68
N ALA B 17 8.12 -13.08 -1.43
CA ALA B 17 7.99 -11.68 -1.04
C ALA B 17 8.89 -10.80 -1.92
N GLU B 18 9.97 -11.38 -2.43
CA GLU B 18 10.87 -10.63 -3.28
C GLU B 18 10.11 -10.03 -4.46
N GLU B 19 9.39 -10.88 -5.18
CA GLU B 19 8.60 -10.42 -6.32
C GLU B 19 7.24 -9.91 -5.85
N TRP B 20 6.62 -10.65 -4.95
CA TRP B 20 5.30 -10.27 -4.44
C TRP B 20 5.37 -8.88 -3.79
N LYS B 21 6.42 -8.66 -3.00
CA LYS B 21 6.60 -7.38 -2.34
C LYS B 21 6.80 -6.27 -3.37
N LYS B 22 7.47 -6.60 -4.47
CA LYS B 22 7.72 -5.61 -5.52
C LYS B 22 6.41 -4.94 -5.93
N LYS B 23 5.36 -5.74 -6.07
CA LYS B 23 4.06 -5.21 -6.44
C LYS B 23 3.56 -4.24 -5.38
N TYR B 24 3.65 -4.66 -4.11
CA TYR B 24 3.21 -3.82 -3.00
C TYR B 24 4.07 -2.56 -2.94
N GLU B 25 5.36 -2.72 -3.18
CA GLU B 25 6.29 -1.59 -3.13
C GLU B 25 5.71 -0.37 -3.84
N LYS B 26 5.50 -0.50 -5.15
CA LYS B 26 4.95 0.60 -5.93
C LYS B 26 3.53 0.93 -5.49
N GLU B 27 2.82 -0.08 -4.97
CA GLU B 27 1.46 0.13 -4.52
C GLU B 27 1.40 1.22 -3.46
N LYS B 28 2.31 1.16 -2.50
CA LYS B 28 2.36 2.15 -1.44
C LYS B 28 2.67 3.53 -2.02
N GLU B 29 3.56 3.57 -3.00
CA GLU B 29 3.94 4.83 -3.64
C GLU B 29 2.70 5.54 -4.16
N LYS B 30 1.83 4.79 -4.82
CA LYS B 30 0.61 5.37 -5.37
C LYS B 30 -0.27 5.91 -4.25
N ASN B 31 -0.36 5.16 -3.16
CA ASN B 31 -1.17 5.57 -2.02
C ASN B 31 -0.63 6.88 -1.45
N LYS B 32 0.69 7.03 -1.47
CA LYS B 32 1.30 8.26 -0.97
C LYS B 32 0.83 9.43 -1.81
N ALA B 33 0.59 9.16 -3.10
CA ALA B 33 0.11 10.19 -4.01
C ALA B 33 -1.21 10.75 -3.47
N LEU B 34 -1.95 9.91 -2.77
CA LEU B 34 -3.21 10.34 -2.17
C LEU B 34 -2.95 11.41 -1.14
N LYS B 35 -1.86 11.26 -0.40
CA LYS B 35 -1.52 12.24 0.61
C LYS B 35 -1.45 13.62 -0.03
N SER B 36 -0.79 13.68 -1.19
CA SER B 36 -0.70 14.94 -1.92
C SER B 36 -2.10 15.43 -2.28
N VAL B 37 -3.02 14.48 -2.40
CA VAL B 37 -4.40 14.82 -2.73
C VAL B 37 -5.06 15.54 -1.56
N ILE B 38 -4.54 15.30 -0.36
CA ILE B 38 -5.09 15.95 0.82
C ILE B 38 -4.90 17.45 0.69
N GLN B 39 -3.70 17.84 0.27
CA GLN B 39 -3.40 19.25 0.09
C GLN B 39 -4.07 19.77 -1.17
N HIS B 40 -4.48 18.84 -2.03
CA HIS B 40 -5.14 19.21 -3.28
C HIS B 40 -6.45 19.94 -3.02
N LEU B 41 -7.40 19.25 -2.38
CA LEU B 41 -8.70 19.84 -2.09
C LEU B 41 -8.57 21.03 -1.13
N GLU B 42 -7.75 20.85 -0.10
CA GLU B 42 -7.55 21.92 0.89
C GLU B 42 -7.03 23.19 0.23
N VAL B 43 -6.10 23.03 -0.72
CA VAL B 43 -5.55 24.19 -1.42
C VAL B 43 -6.65 24.87 -2.22
N GLU B 44 -7.51 24.06 -2.83
CA GLU B 44 -8.61 24.58 -3.64
C GLU B 44 -9.40 25.64 -2.89
N LEU B 45 -9.69 25.38 -1.61
CA LEU B 45 -10.44 26.33 -0.80
C LEU B 45 -9.67 27.63 -0.64
N ASN B 46 -8.38 27.53 -0.42
CA ASN B 46 -7.54 28.72 -0.24
C ASN B 46 -7.73 29.67 -1.42
N ARG B 47 -7.43 29.19 -2.63
CA ARG B 47 -7.59 30.01 -3.83
C ARG B 47 -9.07 30.29 -4.08
N TRP B 48 -9.90 29.30 -3.78
CA TRP B 48 -11.34 29.42 -3.98
C TRP B 48 -11.86 30.65 -3.25
N ARG B 49 -11.30 30.93 -2.08
CA ARG B 49 -11.71 32.08 -1.29
C ARG B 49 -11.59 33.37 -2.10
N ASN B 50 -10.44 33.55 -2.73
CA ASN B 50 -10.20 34.72 -3.57
C ASN B 50 -11.00 34.62 -4.86
N GLY B 51 -11.21 33.41 -5.33
CA GLY B 51 -11.96 33.20 -6.57
C GLY B 51 -11.21 33.77 -7.77
N GLU B 52 -9.88 33.73 -7.71
CA GLU B 52 -9.06 34.25 -8.79
C GLU B 52 -9.37 33.53 -10.09
N ALA B 53 -9.46 32.20 -10.02
CA ALA B 53 -9.76 31.39 -11.19
C ALA B 53 -11.23 31.52 -11.59
N VAL B 54 -11.49 31.46 -12.89
CA VAL B 54 -12.85 31.57 -13.39
C VAL B 54 -12.98 30.93 -14.77
N GLY A 1 42.15 1.01 -0.08
CA GLY A 1 40.84 0.45 -0.51
C GLY A 1 40.92 -1.07 -0.59
N SER A 2 39.78 -1.72 -0.68
CA SER A 2 39.74 -3.18 -0.76
C SER A 2 40.49 -3.67 -1.99
N LYS A 3 40.33 -2.97 -3.10
CA LYS A 3 40.99 -3.34 -4.35
C LYS A 3 40.67 -4.78 -4.72
N THR A 4 39.42 -5.18 -4.52
CA THR A 4 39.00 -6.53 -4.83
C THR A 4 39.85 -7.55 -4.10
N ILE A 5 40.60 -7.08 -3.11
CA ILE A 5 41.46 -7.96 -2.33
C ILE A 5 41.04 -7.98 -0.86
N LYS A 6 40.84 -9.18 -0.33
CA LYS A 6 40.43 -9.34 1.07
C LYS A 6 39.25 -8.41 1.37
N ASN A 7 38.31 -8.32 0.43
CA ASN A 7 37.14 -7.48 0.62
C ASN A 7 35.98 -8.27 1.22
N THR A 8 35.02 -7.58 1.80
CA THR A 8 33.86 -8.23 2.41
C THR A 8 32.61 -7.95 1.59
N VAL A 9 31.95 -9.01 1.14
CA VAL A 9 30.73 -8.87 0.36
C VAL A 9 29.57 -9.62 1.02
N SER A 10 28.44 -8.94 1.14
CA SER A 10 27.27 -9.55 1.77
C SER A 10 26.61 -10.53 0.80
N VAL A 11 25.82 -11.45 1.35
CA VAL A 11 25.14 -12.45 0.52
C VAL A 11 23.63 -12.35 0.71
N ASN A 12 22.90 -12.29 -0.39
CA ASN A 12 21.44 -12.19 -0.33
C ASN A 12 20.81 -13.52 -0.71
N LEU A 13 19.84 -13.96 0.08
CA LEU A 13 19.15 -15.23 -0.18
C LEU A 13 17.65 -15.01 -0.28
N GLU A 14 16.98 -15.86 -1.06
CA GLU A 14 15.55 -15.76 -1.22
C GLU A 14 14.83 -16.08 0.09
N LEU A 15 14.46 -15.03 0.81
CA LEU A 15 13.77 -15.19 2.09
C LEU A 15 12.43 -15.89 1.88
N THR A 16 12.06 -16.75 2.83
CA THR A 16 10.80 -17.47 2.72
C THR A 16 9.64 -16.49 2.59
N ALA A 17 8.76 -16.72 1.61
CA ALA A 17 7.62 -15.84 1.42
C ALA A 17 6.65 -15.97 2.59
N GLU A 18 6.76 -17.04 3.35
CA GLU A 18 5.89 -17.23 4.50
C GLU A 18 6.04 -16.05 5.44
N GLU A 19 7.23 -15.90 5.99
CA GLU A 19 7.53 -14.79 6.88
C GLU A 19 7.57 -13.49 6.09
N TRP A 20 8.02 -13.57 4.84
CA TRP A 20 8.11 -12.39 4.00
C TRP A 20 6.72 -11.76 3.82
N LYS A 21 5.73 -12.62 3.59
CA LYS A 21 4.36 -12.16 3.41
C LYS A 21 3.85 -11.49 4.69
N LYS A 22 4.34 -11.97 5.83
CA LYS A 22 3.93 -11.42 7.12
C LYS A 22 4.21 -9.92 7.17
N LYS A 23 5.40 -9.53 6.74
CA LYS A 23 5.77 -8.11 6.75
C LYS A 23 4.87 -7.32 5.79
N TYR A 24 4.63 -7.88 4.61
CA TYR A 24 3.79 -7.23 3.62
C TYR A 24 2.34 -7.17 4.09
N GLU A 25 1.94 -8.16 4.88
CA GLU A 25 0.57 -8.22 5.39
C GLU A 25 0.24 -6.95 6.18
N LYS A 26 1.11 -6.58 7.10
CA LYS A 26 0.90 -5.39 7.90
C LYS A 26 0.81 -4.16 7.02
N GLU A 27 1.60 -4.15 5.95
CA GLU A 27 1.61 -3.03 5.02
C GLU A 27 0.23 -2.85 4.41
N LYS A 28 -0.45 -3.97 4.16
CA LYS A 28 -1.79 -3.93 3.58
C LYS A 28 -2.74 -3.17 4.47
N GLU A 29 -2.60 -3.36 5.78
CA GLU A 29 -3.46 -2.68 6.73
C GLU A 29 -3.36 -1.16 6.55
N LYS A 30 -2.14 -0.68 6.27
CA LYS A 30 -1.94 0.75 6.09
C LYS A 30 -2.59 1.25 4.79
N ASN A 31 -2.25 0.60 3.68
CA ASN A 31 -2.81 0.97 2.38
C ASN A 31 -4.31 0.74 2.34
N LYS A 32 -4.75 -0.36 2.92
CA LYS A 32 -6.18 -0.68 2.94
C LYS A 32 -6.93 0.41 3.69
N ALA A 33 -6.42 0.77 4.86
CA ALA A 33 -7.04 1.80 5.68
C ALA A 33 -6.93 3.17 5.00
N LEU A 34 -5.77 3.43 4.39
CA LEU A 34 -5.54 4.70 3.71
C LEU A 34 -6.46 4.85 2.52
N LYS A 35 -6.70 3.76 1.81
CA LYS A 35 -7.60 3.80 0.66
C LYS A 35 -8.96 4.33 1.10
N SER A 36 -9.47 3.78 2.20
CA SER A 36 -10.75 4.21 2.73
C SER A 36 -10.66 5.66 3.21
N VAL A 37 -9.49 6.02 3.76
CA VAL A 37 -9.27 7.38 4.25
C VAL A 37 -9.32 8.39 3.11
N ILE A 38 -8.81 8.01 1.95
CA ILE A 38 -8.80 8.91 0.81
C ILE A 38 -10.24 9.31 0.48
N GLN A 39 -11.12 8.32 0.47
CA GLN A 39 -12.52 8.56 0.16
C GLN A 39 -13.15 9.47 1.21
N HIS A 40 -12.74 9.28 2.47
CA HIS A 40 -13.25 10.09 3.56
C HIS A 40 -12.84 11.55 3.40
N LEU A 41 -11.59 11.76 3.01
CA LEU A 41 -11.07 13.11 2.82
C LEU A 41 -11.84 13.84 1.72
N GLU A 42 -12.12 13.12 0.63
CA GLU A 42 -12.87 13.72 -0.48
C GLU A 42 -14.27 14.13 -0.03
N VAL A 43 -14.85 13.36 0.88
CA VAL A 43 -16.19 13.66 1.37
C VAL A 43 -16.19 15.00 2.10
N GLU A 44 -15.17 15.22 2.92
CA GLU A 44 -15.06 16.46 3.67
C GLU A 44 -14.89 17.63 2.71
N LEU A 45 -14.19 17.38 1.60
CA LEU A 45 -13.97 18.43 0.60
C LEU A 45 -15.29 18.90 0.01
N ASN A 46 -16.18 17.98 -0.27
CA ASN A 46 -17.46 18.32 -0.85
C ASN A 46 -18.35 19.00 0.20
N ARG A 47 -18.11 18.69 1.47
CA ARG A 47 -18.88 19.27 2.56
C ARG A 47 -18.50 20.74 2.77
N TRP A 48 -17.20 21.02 2.63
CA TRP A 48 -16.70 22.37 2.80
C TRP A 48 -17.26 23.30 1.72
N ARG A 49 -17.56 22.74 0.55
CA ARG A 49 -18.11 23.53 -0.55
C ARG A 49 -19.51 24.00 -0.22
N ASN A 50 -20.31 23.11 0.36
CA ASN A 50 -21.68 23.44 0.73
C ASN A 50 -21.81 23.67 2.24
N GLY A 51 -20.66 23.71 2.91
CA GLY A 51 -20.65 23.91 4.35
C GLY A 51 -21.75 23.11 5.04
N GLU A 52 -22.05 21.93 4.48
CA GLU A 52 -23.08 21.07 5.05
C GLU A 52 -24.46 21.69 4.85
N ALA A 53 -24.85 21.87 3.59
CA ALA A 53 -26.15 22.44 3.27
C ALA A 53 -27.27 21.52 3.71
N VAL A 54 -28.37 22.09 4.19
CA VAL A 54 -29.51 21.30 4.65
C VAL A 54 -30.59 21.25 3.57
N GLY B 1 -23.61 -28.56 -20.12
CA GLY B 1 -22.77 -28.01 -19.02
C GLY B 1 -21.71 -29.03 -18.62
N SER B 2 -20.73 -28.58 -17.85
CA SER B 2 -19.66 -29.48 -17.39
C SER B 2 -20.23 -30.62 -16.57
N LYS B 3 -21.20 -30.30 -15.71
CA LYS B 3 -21.83 -31.31 -14.87
C LYS B 3 -20.78 -32.04 -14.04
N THR B 4 -19.79 -31.29 -13.54
CA THR B 4 -18.73 -31.88 -12.73
C THR B 4 -18.03 -33.00 -13.50
N ILE B 5 -18.27 -33.06 -14.80
CA ILE B 5 -17.66 -34.09 -15.65
C ILE B 5 -16.74 -33.45 -16.69
N LYS B 6 -15.52 -33.93 -16.76
CA LYS B 6 -14.54 -33.40 -17.72
C LYS B 6 -14.53 -31.87 -17.68
N ASN B 7 -14.59 -31.32 -16.47
CA ASN B 7 -14.59 -29.87 -16.31
C ASN B 7 -13.16 -29.37 -16.10
N THR B 8 -12.95 -28.07 -16.32
CA THR B 8 -11.64 -27.48 -16.16
C THR B 8 -11.63 -26.53 -14.96
N VAL B 9 -10.74 -26.79 -14.01
CA VAL B 9 -10.64 -25.96 -12.82
C VAL B 9 -9.23 -25.40 -12.67
N SER B 10 -9.13 -24.10 -12.43
CA SER B 10 -7.83 -23.46 -12.27
C SER B 10 -7.25 -23.78 -10.90
N VAL B 11 -5.93 -23.64 -10.78
CA VAL B 11 -5.25 -23.91 -9.52
C VAL B 11 -4.52 -22.67 -9.02
N ASN B 12 -4.74 -22.32 -7.77
CA ASN B 12 -4.10 -21.15 -7.17
C ASN B 12 -2.98 -21.58 -6.23
N LEU B 13 -1.82 -20.94 -6.36
CA LEU B 13 -0.68 -21.27 -5.50
C LEU B 13 -0.18 -20.03 -4.78
N GLU B 14 0.40 -20.22 -3.61
CA GLU B 14 0.93 -19.10 -2.84
C GLU B 14 2.13 -18.48 -3.55
N LEU B 15 1.86 -17.39 -4.26
CA LEU B 15 2.90 -16.69 -5.00
C LEU B 15 3.96 -16.15 -4.04
N THR B 16 5.23 -16.20 -4.46
CA THR B 16 6.31 -15.72 -3.61
C THR B 16 6.07 -14.27 -3.22
N ALA B 17 6.20 -13.97 -1.92
CA ALA B 17 5.99 -12.60 -1.46
C ALA B 17 7.09 -11.69 -1.99
N GLU B 18 8.20 -12.27 -2.41
CA GLU B 18 9.30 -11.47 -2.95
C GLU B 18 8.77 -10.65 -4.13
N GLU B 19 8.36 -11.34 -5.18
CA GLU B 19 7.82 -10.68 -6.35
C GLU B 19 6.46 -10.08 -6.03
N TRP B 20 5.72 -10.74 -5.14
CA TRP B 20 4.39 -10.27 -4.74
C TRP B 20 4.51 -8.88 -4.13
N LYS B 21 5.50 -8.70 -3.27
CA LYS B 21 5.72 -7.41 -2.61
C LYS B 21 6.07 -6.35 -3.63
N LYS B 22 6.74 -6.76 -4.71
CA LYS B 22 7.13 -5.82 -5.76
C LYS B 22 5.90 -5.10 -6.30
N LYS B 23 4.84 -5.84 -6.59
CA LYS B 23 3.62 -5.25 -7.11
C LYS B 23 3.01 -4.29 -6.09
N TYR B 24 2.97 -4.72 -4.83
CA TYR B 24 2.41 -3.90 -3.76
C TYR B 24 3.29 -2.67 -3.52
N GLU B 25 4.59 -2.80 -3.77
CA GLU B 25 5.51 -1.69 -3.57
C GLU B 25 5.10 -0.49 -4.40
N LYS B 26 4.84 -0.72 -5.68
CA LYS B 26 4.44 0.36 -6.57
C LYS B 26 3.14 1.00 -6.08
N GLU B 27 2.26 0.16 -5.54
CA GLU B 27 0.99 0.64 -5.02
C GLU B 27 1.23 1.67 -3.91
N LYS B 28 2.25 1.44 -3.12
CA LYS B 28 2.58 2.33 -2.02
C LYS B 28 2.90 3.73 -2.54
N GLU B 29 3.58 3.79 -3.68
CA GLU B 29 3.92 5.07 -4.27
C GLU B 29 2.66 5.89 -4.54
N LYS B 30 1.60 5.22 -4.97
CA LYS B 30 0.35 5.90 -5.27
C LYS B 30 -0.32 6.41 -3.99
N ASN B 31 -0.52 5.51 -3.03
CA ASN B 31 -1.14 5.89 -1.77
C ASN B 31 -0.28 6.87 -0.99
N LYS B 32 1.02 6.64 -1.00
CA LYS B 32 1.93 7.52 -0.28
C LYS B 32 1.84 8.93 -0.86
N ALA B 33 1.88 9.02 -2.19
CA ALA B 33 1.78 10.31 -2.87
C ALA B 33 0.39 10.93 -2.68
N LEU B 34 -0.63 10.07 -2.75
CA LEU B 34 -2.01 10.53 -2.59
C LEU B 34 -2.24 11.07 -1.19
N LYS B 35 -1.65 10.41 -0.21
CA LYS B 35 -1.80 10.86 1.17
C LYS B 35 -1.34 12.31 1.28
N SER B 36 -0.18 12.60 0.72
CA SER B 36 0.36 13.96 0.74
C SER B 36 -0.54 14.88 -0.08
N VAL B 37 -1.10 14.35 -1.16
CA VAL B 37 -1.98 15.13 -2.02
C VAL B 37 -3.24 15.54 -1.28
N ILE B 38 -3.75 14.66 -0.43
CA ILE B 38 -4.96 14.98 0.31
C ILE B 38 -4.74 16.21 1.15
N GLN B 39 -3.58 16.27 1.81
CA GLN B 39 -3.25 17.41 2.66
C GLN B 39 -3.14 18.68 1.80
N HIS B 40 -2.59 18.53 0.60
CA HIS B 40 -2.44 19.66 -0.32
C HIS B 40 -3.80 20.21 -0.73
N LEU B 41 -4.73 19.31 -1.02
CA LEU B 41 -6.07 19.72 -1.43
C LEU B 41 -6.76 20.50 -0.32
N GLU B 42 -6.61 20.04 0.92
CA GLU B 42 -7.24 20.73 2.05
C GLU B 42 -6.67 22.12 2.21
N VAL B 43 -5.39 22.29 1.89
CA VAL B 43 -4.74 23.59 2.01
C VAL B 43 -5.40 24.59 1.05
N GLU B 44 -5.65 24.13 -0.18
CA GLU B 44 -6.28 24.98 -1.18
C GLU B 44 -7.69 25.36 -0.73
N LEU B 45 -8.35 24.44 -0.04
CA LEU B 45 -9.70 24.70 0.45
C LEU B 45 -9.72 25.87 1.43
N ASN B 46 -8.73 25.89 2.33
CA ASN B 46 -8.65 26.96 3.31
C ASN B 46 -8.25 28.27 2.64
N ARG B 47 -7.54 28.18 1.52
CA ARG B 47 -7.09 29.37 0.81
C ARG B 47 -8.26 30.02 0.09
N TRP B 48 -9.15 29.20 -0.45
CA TRP B 48 -10.32 29.69 -1.17
C TRP B 48 -11.25 30.45 -0.22
N ARG B 49 -11.23 30.07 1.05
CA ARG B 49 -12.09 30.72 2.04
C ARG B 49 -11.62 32.15 2.28
N ASN B 50 -10.30 32.34 2.37
CA ASN B 50 -9.72 33.66 2.59
C ASN B 50 -9.12 34.21 1.30
N GLY B 51 -9.38 33.53 0.20
CA GLY B 51 -8.86 33.96 -1.10
C GLY B 51 -7.42 34.44 -0.96
N GLU B 52 -6.66 33.82 -0.07
CA GLU B 52 -5.27 34.19 0.14
C GLU B 52 -5.17 35.57 0.78
N ALA B 53 -5.71 35.70 1.99
CA ALA B 53 -5.68 36.96 2.71
C ALA B 53 -4.24 37.34 3.07
N VAL B 54 -3.93 38.62 3.02
CA VAL B 54 -2.58 39.09 3.35
C VAL B 54 -2.54 39.64 4.77
N GLY A 1 30.62 0.72 14.42
CA GLY A 1 29.21 1.18 14.30
C GLY A 1 29.19 2.63 13.81
N SER A 2 29.76 2.86 12.64
CA SER A 2 29.80 4.21 12.08
C SER A 2 28.39 4.68 11.73
N LYS A 3 28.11 5.95 12.01
CA LYS A 3 26.80 6.52 11.72
C LYS A 3 25.70 5.51 12.04
N THR A 4 24.48 5.83 11.64
CA THR A 4 23.35 4.95 11.89
C THR A 4 22.49 4.81 10.64
N ILE A 5 21.70 3.74 10.57
CA ILE A 5 20.83 3.52 9.43
C ILE A 5 19.37 3.80 9.78
N LYS A 6 18.83 4.87 9.20
CA LYS A 6 17.45 5.24 9.46
C LYS A 6 16.49 4.18 8.93
N ASN A 7 16.78 3.67 7.75
CA ASN A 7 15.94 2.65 7.13
C ASN A 7 16.36 1.25 7.58
N THR A 8 15.48 0.28 7.39
CA THR A 8 15.77 -1.09 7.79
C THR A 8 17.01 -1.61 7.06
N VAL A 9 17.89 -2.29 7.79
CA VAL A 9 19.10 -2.83 7.20
C VAL A 9 18.76 -3.85 6.11
N SER A 10 19.74 -4.14 5.27
CA SER A 10 19.54 -5.11 4.19
C SER A 10 19.27 -6.50 4.74
N VAL A 11 18.78 -7.39 3.88
CA VAL A 11 18.47 -8.75 4.31
C VAL A 11 19.52 -9.72 3.77
N ASN A 12 20.05 -10.55 4.66
CA ASN A 12 21.07 -11.53 4.29
C ASN A 12 20.43 -12.90 4.06
N LEU A 13 21.06 -13.70 3.20
CA LEU A 13 20.55 -15.03 2.91
C LEU A 13 19.20 -14.95 2.18
N GLU A 14 18.34 -15.94 2.44
CA GLU A 14 17.03 -15.98 1.80
C GLU A 14 15.95 -16.26 2.84
N LEU A 15 15.23 -15.21 3.22
CA LEU A 15 14.17 -15.35 4.21
C LEU A 15 12.96 -16.08 3.61
N THR A 16 12.28 -16.86 4.44
CA THR A 16 11.12 -17.61 3.98
C THR A 16 9.99 -16.66 3.55
N ALA A 17 9.36 -16.94 2.42
CA ALA A 17 8.28 -16.10 1.94
C ALA A 17 7.11 -16.11 2.92
N GLU A 18 6.95 -17.23 3.62
CA GLU A 18 5.86 -17.35 4.59
C GLU A 18 6.00 -16.28 5.67
N GLU A 19 7.15 -16.27 6.35
CA GLU A 19 7.40 -15.29 7.38
C GLU A 19 7.61 -13.91 6.78
N TRP A 20 8.38 -13.84 5.69
CA TRP A 20 8.66 -12.57 5.03
C TRP A 20 7.35 -11.93 4.56
N LYS A 21 6.51 -12.73 3.91
CA LYS A 21 5.23 -12.24 3.42
C LYS A 21 4.33 -11.83 4.58
N LYS A 22 4.50 -12.50 5.72
CA LYS A 22 3.69 -12.19 6.89
C LYS A 22 3.78 -10.70 7.21
N LYS A 23 4.98 -10.16 7.17
CA LYS A 23 5.19 -8.74 7.44
C LYS A 23 4.43 -7.90 6.41
N TYR A 24 4.58 -8.26 5.14
CA TYR A 24 3.90 -7.54 4.06
C TYR A 24 2.39 -7.65 4.22
N GLU A 25 1.91 -8.85 4.58
CA GLU A 25 0.49 -9.08 4.75
C GLU A 25 -0.17 -7.92 5.50
N LYS A 26 0.26 -7.71 6.73
CA LYS A 26 -0.28 -6.64 7.55
C LYS A 26 0.04 -5.27 6.94
N GLU A 27 1.21 -5.17 6.32
CA GLU A 27 1.64 -3.93 5.71
C GLU A 27 0.59 -3.46 4.69
N LYS A 28 0.15 -4.36 3.84
CA LYS A 28 -0.85 -4.03 2.83
C LYS A 28 -2.16 -3.62 3.49
N GLU A 29 -2.53 -4.34 4.55
CA GLU A 29 -3.77 -4.03 5.26
C GLU A 29 -3.77 -2.57 5.73
N LYS A 30 -2.64 -2.13 6.29
CA LYS A 30 -2.54 -0.76 6.77
C LYS A 30 -2.67 0.21 5.60
N ASN A 31 -2.03 -0.13 4.48
CA ASN A 31 -2.08 0.74 3.31
C ASN A 31 -3.51 0.85 2.81
N LYS A 32 -4.26 -0.24 2.90
CA LYS A 32 -5.65 -0.24 2.47
C LYS A 32 -6.43 0.78 3.30
N ALA A 33 -6.12 0.83 4.59
CA ALA A 33 -6.79 1.77 5.48
C ALA A 33 -6.66 3.17 4.92
N LEU A 34 -5.53 3.44 4.28
CA LEU A 34 -5.29 4.74 3.67
C LEU A 34 -6.27 4.95 2.53
N LYS A 35 -6.58 3.87 1.82
CA LYS A 35 -7.51 3.96 0.71
C LYS A 35 -8.79 4.61 1.19
N SER A 36 -9.29 4.16 2.33
CA SER A 36 -10.49 4.73 2.91
C SER A 36 -10.25 6.20 3.21
N VAL A 37 -9.05 6.53 3.66
CA VAL A 37 -8.70 7.91 3.98
C VAL A 37 -8.72 8.75 2.72
N ILE A 38 -8.52 8.11 1.57
CA ILE A 38 -8.53 8.84 0.32
C ILE A 38 -9.91 9.44 0.09
N GLN A 39 -10.93 8.63 0.34
CA GLN A 39 -12.30 9.09 0.18
C GLN A 39 -12.71 9.94 1.38
N HIS A 40 -11.87 9.95 2.41
CA HIS A 40 -12.15 10.71 3.62
C HIS A 40 -12.04 12.22 3.36
N LEU A 41 -10.82 12.68 3.08
CA LEU A 41 -10.59 14.10 2.84
C LEU A 41 -11.32 14.57 1.57
N GLU A 42 -11.30 13.75 0.53
CA GLU A 42 -11.94 14.10 -0.73
C GLU A 42 -13.45 14.23 -0.56
N VAL A 43 -14.07 13.22 0.03
CA VAL A 43 -15.51 13.24 0.24
C VAL A 43 -15.86 14.26 1.33
N GLU A 44 -14.88 14.54 2.18
CA GLU A 44 -15.06 15.51 3.26
C GLU A 44 -15.36 16.90 2.73
N LEU A 45 -14.58 17.33 1.72
CA LEU A 45 -14.78 18.66 1.15
C LEU A 45 -16.14 18.76 0.46
N ASN A 46 -16.48 17.75 -0.33
CA ASN A 46 -17.76 17.75 -1.04
C ASN A 46 -18.88 18.23 -0.12
N ARG A 47 -19.11 17.50 0.97
CA ARG A 47 -20.15 17.87 1.92
C ARG A 47 -19.80 19.17 2.62
N TRP A 48 -18.50 19.36 2.87
CA TRP A 48 -18.02 20.56 3.54
C TRP A 48 -18.50 21.80 2.78
N ARG A 49 -18.52 21.71 1.46
CA ARG A 49 -18.95 22.83 0.63
C ARG A 49 -20.36 23.26 1.01
N ASN A 50 -21.27 22.30 1.13
CA ASN A 50 -22.65 22.57 1.51
C ASN A 50 -22.75 22.86 3.00
N GLY A 51 -21.80 22.32 3.77
CA GLY A 51 -21.80 22.52 5.21
C GLY A 51 -23.20 22.30 5.80
N GLU A 52 -24.07 21.69 5.02
CA GLU A 52 -25.44 21.44 5.47
C GLU A 52 -26.02 22.67 6.16
N ALA A 53 -25.93 23.81 5.48
CA ALA A 53 -26.44 25.06 6.02
C ALA A 53 -27.96 24.99 6.18
N VAL A 54 -28.47 25.62 7.24
CA VAL A 54 -29.91 25.63 7.49
C VAL A 54 -30.68 26.07 6.24
N GLY B 1 -18.94 -21.21 -13.92
CA GLY B 1 -18.55 -19.78 -13.74
C GLY B 1 -19.76 -19.00 -13.21
N SER B 2 -20.25 -19.39 -12.05
CA SER B 2 -21.39 -18.72 -11.44
C SER B 2 -21.02 -17.30 -11.04
N LYS B 3 -21.94 -16.37 -11.27
CA LYS B 3 -21.71 -14.97 -10.92
C LYS B 3 -20.27 -14.58 -11.24
N THR B 4 -19.88 -13.39 -10.79
CA THR B 4 -18.52 -12.91 -11.03
C THR B 4 -17.93 -12.31 -9.76
N ILE B 5 -16.60 -12.23 -9.71
CA ILE B 5 -15.92 -11.68 -8.55
C ILE B 5 -15.38 -10.28 -8.85
N LYS B 6 -15.98 -9.28 -8.21
CA LYS B 6 -15.55 -7.90 -8.42
C LYS B 6 -14.13 -7.70 -7.89
N ASN B 7 -13.85 -8.27 -6.72
CA ASN B 7 -12.52 -8.14 -6.12
C ASN B 7 -11.59 -9.23 -6.63
N THR B 8 -10.29 -9.03 -6.44
CA THR B 8 -9.31 -10.00 -6.90
C THR B 8 -9.53 -11.35 -6.21
N VAL B 9 -9.44 -12.42 -7.00
CA VAL B 9 -9.64 -13.76 -6.46
C VAL B 9 -8.59 -14.06 -5.39
N SER B 10 -8.85 -15.10 -4.60
CA SER B 10 -7.94 -15.49 -3.53
C SER B 10 -6.62 -15.98 -4.13
N VAL B 11 -5.60 -16.10 -3.28
CA VAL B 11 -4.29 -16.55 -3.74
C VAL B 11 -4.04 -17.99 -3.27
N ASN B 12 -3.63 -18.84 -4.21
CA ASN B 12 -3.36 -20.24 -3.89
C ASN B 12 -1.86 -20.46 -3.69
N LEU B 13 -1.52 -21.46 -2.88
CA LEU B 13 -0.12 -21.76 -2.61
C LEU B 13 0.55 -20.62 -1.84
N GLU B 14 1.83 -20.42 -2.10
CA GLU B 14 2.58 -19.36 -1.42
C GLU B 14 3.39 -18.56 -2.44
N LEU B 15 2.91 -17.38 -2.77
CA LEU B 15 3.59 -16.51 -3.72
C LEU B 15 4.85 -15.93 -3.11
N THR B 16 5.88 -15.74 -3.95
CA THR B 16 7.14 -15.19 -3.45
C THR B 16 6.96 -13.75 -2.98
N ALA B 17 7.54 -13.42 -1.83
CA ALA B 17 7.42 -12.07 -1.30
C ALA B 17 8.07 -11.06 -2.24
N GLU B 18 9.08 -11.50 -2.98
CA GLU B 18 9.76 -10.61 -3.91
C GLU B 18 8.77 -10.10 -4.95
N GLU B 19 8.14 -11.03 -5.66
CA GLU B 19 7.17 -10.67 -6.69
C GLU B 19 5.90 -10.12 -6.04
N TRP B 20 5.45 -10.78 -4.97
CA TRP B 20 4.24 -10.35 -4.29
C TRP B 20 4.40 -8.93 -3.75
N LYS B 21 5.53 -8.69 -3.09
CA LYS B 21 5.82 -7.36 -2.55
C LYS B 21 5.95 -6.34 -3.67
N LYS B 22 6.41 -6.79 -4.84
CA LYS B 22 6.58 -5.89 -5.98
C LYS B 22 5.28 -5.15 -6.24
N LYS B 23 4.17 -5.87 -6.23
CA LYS B 23 2.87 -5.26 -6.47
C LYS B 23 2.57 -4.21 -5.38
N TYR B 24 2.82 -4.59 -4.13
CA TYR B 24 2.59 -3.68 -3.02
C TYR B 24 3.51 -2.45 -3.13
N GLU B 25 4.75 -2.69 -3.51
CA GLU B 25 5.73 -1.60 -3.64
C GLU B 25 5.10 -0.40 -4.33
N LYS B 26 4.68 -0.60 -5.57
CA LYS B 26 4.06 0.48 -6.34
C LYS B 26 2.76 0.91 -5.69
N GLU B 27 2.04 -0.04 -5.11
CA GLU B 27 0.76 0.25 -4.46
C GLU B 27 0.94 1.34 -3.41
N LYS B 28 1.95 1.18 -2.57
CA LYS B 28 2.23 2.16 -1.52
C LYS B 28 2.59 3.51 -2.12
N GLU B 29 3.36 3.48 -3.19
CA GLU B 29 3.78 4.71 -3.86
C GLU B 29 2.56 5.52 -4.27
N LYS B 30 1.57 4.84 -4.86
CA LYS B 30 0.35 5.52 -5.30
C LYS B 30 -0.39 6.10 -4.09
N ASN B 31 -0.43 5.34 -3.01
CA ASN B 31 -1.13 5.79 -1.80
C ASN B 31 -0.44 7.03 -1.26
N LYS B 32 0.89 7.08 -1.37
CA LYS B 32 1.64 8.24 -0.89
C LYS B 32 1.20 9.47 -1.66
N ALA B 33 0.99 9.30 -2.96
CA ALA B 33 0.54 10.39 -3.80
C ALA B 33 -0.70 11.02 -3.20
N LEU B 34 -1.54 10.19 -2.59
CA LEU B 34 -2.75 10.67 -1.94
C LEU B 34 -2.38 11.55 -0.77
N LYS B 35 -1.29 11.21 -0.08
CA LYS B 35 -0.86 11.99 1.06
C LYS B 35 -0.72 13.45 0.64
N SER B 36 -0.08 13.66 -0.51
CA SER B 36 0.09 15.01 -1.02
C SER B 36 -1.29 15.62 -1.28
N VAL B 37 -2.21 14.80 -1.76
CA VAL B 37 -3.56 15.26 -2.04
C VAL B 37 -4.25 15.68 -0.75
N ILE B 38 -3.80 15.12 0.36
CA ILE B 38 -4.40 15.46 1.64
C ILE B 38 -4.16 16.94 1.92
N GLN B 39 -2.93 17.37 1.68
CA GLN B 39 -2.56 18.76 1.89
C GLN B 39 -3.07 19.62 0.75
N HIS B 40 -3.55 18.95 -0.31
CA HIS B 40 -4.05 19.66 -1.48
C HIS B 40 -5.37 20.37 -1.18
N LEU B 41 -6.41 19.59 -0.93
CA LEU B 41 -7.73 20.15 -0.65
C LEU B 41 -7.73 20.97 0.65
N GLU B 42 -7.03 20.46 1.67
CA GLU B 42 -6.97 21.13 2.96
C GLU B 42 -6.26 22.48 2.84
N VAL B 43 -5.08 22.47 2.24
CA VAL B 43 -4.32 23.71 2.06
C VAL B 43 -5.00 24.59 1.03
N GLU B 44 -5.78 23.97 0.16
CA GLU B 44 -6.48 24.69 -0.89
C GLU B 44 -7.51 25.66 -0.30
N LEU B 45 -8.27 25.21 0.69
CA LEU B 45 -9.27 26.07 1.32
C LEU B 45 -8.62 27.23 2.05
N ASN B 46 -7.58 26.94 2.81
CA ASN B 46 -6.88 27.98 3.55
C ASN B 46 -6.68 29.23 2.69
N ARG B 47 -5.95 29.07 1.60
CA ARG B 47 -5.71 30.17 0.68
C ARG B 47 -7.01 30.61 0.02
N TRP B 48 -7.86 29.65 -0.27
CA TRP B 48 -9.15 29.92 -0.91
C TRP B 48 -9.92 30.96 -0.11
N ARG B 49 -9.81 30.88 1.22
CA ARG B 49 -10.51 31.81 2.09
C ARG B 49 -10.12 33.24 1.77
N ASN B 50 -8.81 33.48 1.65
CA ASN B 50 -8.31 34.80 1.32
C ASN B 50 -8.51 35.10 -0.16
N GLY B 51 -8.57 34.06 -0.97
CA GLY B 51 -8.75 34.22 -2.41
C GLY B 51 -7.83 35.30 -2.96
N GLU B 52 -6.83 35.68 -2.17
CA GLU B 52 -5.88 36.71 -2.59
C GLU B 52 -6.60 37.89 -3.22
N ALA B 53 -7.61 38.40 -2.50
CA ALA B 53 -8.39 39.53 -2.99
C ALA B 53 -7.50 40.78 -3.10
N VAL B 54 -7.76 41.59 -4.13
CA VAL B 54 -7.00 42.81 -4.34
C VAL B 54 -6.95 43.63 -3.05
N GLY A 1 -1.92 -28.49 36.19
CA GLY A 1 -0.93 -29.41 35.60
C GLY A 1 -1.62 -30.71 35.17
N SER A 2 -1.71 -30.91 33.86
CA SER A 2 -2.36 -32.11 33.33
C SER A 2 -1.47 -32.78 32.28
N LYS A 3 -1.62 -34.09 32.14
CA LYS A 3 -0.82 -34.84 31.17
C LYS A 3 -1.71 -35.36 30.05
N THR A 4 -2.54 -34.48 29.50
CA THR A 4 -3.45 -34.87 28.41
C THR A 4 -2.65 -35.33 27.20
N ILE A 5 -1.63 -34.54 26.84
CA ILE A 5 -0.80 -34.88 25.68
C ILE A 5 0.60 -35.29 26.13
N LYS A 6 1.01 -36.49 25.74
CA LYS A 6 2.34 -36.99 26.10
C LYS A 6 3.30 -36.83 24.93
N ASN A 7 2.78 -36.40 23.79
CA ASN A 7 3.61 -36.22 22.60
C ASN A 7 3.98 -34.75 22.44
N THR A 8 5.23 -34.51 22.02
CA THR A 8 5.71 -33.16 21.82
C THR A 8 5.36 -32.64 20.43
N VAL A 9 5.50 -31.35 20.23
CA VAL A 9 5.18 -30.74 18.94
C VAL A 9 6.42 -30.05 18.35
N SER A 10 6.66 -30.29 17.07
CA SER A 10 7.82 -29.70 16.40
C SER A 10 7.63 -28.20 16.21
N VAL A 11 8.72 -27.49 15.97
CA VAL A 11 8.67 -26.05 15.78
C VAL A 11 9.28 -25.67 14.44
N ASN A 12 8.59 -24.80 13.70
CA ASN A 12 9.08 -24.36 12.40
C ASN A 12 10.35 -23.52 12.56
N LEU A 13 11.24 -23.61 11.59
CA LEU A 13 12.49 -22.86 11.63
C LEU A 13 12.67 -22.07 10.34
N GLU A 14 12.97 -22.78 9.26
CA GLU A 14 13.16 -22.13 7.96
C GLU A 14 11.93 -21.30 7.59
N LEU A 15 12.16 -20.11 7.05
CA LEU A 15 11.06 -19.26 6.64
C LEU A 15 10.91 -19.27 5.12
N THR A 16 9.73 -19.65 4.66
CA THR A 16 9.47 -19.71 3.22
C THR A 16 8.48 -18.62 2.81
N ALA A 17 7.90 -18.78 1.64
CA ALA A 17 6.92 -17.81 1.14
C ALA A 17 5.80 -17.62 2.15
N GLU A 18 5.62 -18.60 3.03
CA GLU A 18 4.58 -18.52 4.04
C GLU A 18 4.62 -17.18 4.76
N GLU A 19 5.80 -16.76 5.18
CA GLU A 19 5.95 -15.50 5.89
C GLU A 19 6.14 -14.33 4.93
N TRP A 20 7.03 -14.48 3.96
CA TRP A 20 7.29 -13.41 3.01
C TRP A 20 6.02 -13.02 2.27
N LYS A 21 5.24 -14.02 1.86
CA LYS A 21 3.99 -13.75 1.16
C LYS A 21 2.99 -13.04 2.07
N LYS A 22 2.90 -13.52 3.30
CA LYS A 22 1.99 -12.93 4.28
C LYS A 22 2.40 -11.50 4.61
N LYS A 23 3.71 -11.26 4.68
CA LYS A 23 4.20 -9.93 5.00
C LYS A 23 3.61 -8.90 4.06
N TYR A 24 3.57 -9.21 2.77
CA TYR A 24 3.01 -8.28 1.79
C TYR A 24 1.52 -8.07 2.09
N GLU A 25 0.83 -9.15 2.44
CA GLU A 25 -0.59 -9.08 2.72
C GLU A 25 -0.87 -8.12 3.87
N LYS A 26 -0.06 -8.20 4.92
CA LYS A 26 -0.23 -7.32 6.07
C LYS A 26 -0.05 -5.87 5.67
N GLU A 27 0.91 -5.62 4.77
CA GLU A 27 1.19 -4.27 4.32
C GLU A 27 -0.01 -3.69 3.57
N LYS A 28 -0.70 -4.53 2.81
CA LYS A 28 -1.87 -4.08 2.06
C LYS A 28 -2.94 -3.54 3.01
N GLU A 29 -3.07 -4.18 4.16
CA GLU A 29 -4.06 -3.74 5.14
C GLU A 29 -3.80 -2.30 5.56
N LYS A 30 -2.54 -1.97 5.83
CA LYS A 30 -2.20 -0.62 6.22
C LYS A 30 -2.52 0.36 5.09
N ASN A 31 -2.20 -0.05 3.86
CA ASN A 31 -2.46 0.79 2.70
C ASN A 31 -3.96 1.02 2.54
N LYS A 32 -4.76 -0.02 2.80
CA LYS A 32 -6.20 0.09 2.68
C LYS A 32 -6.73 1.10 3.69
N ALA A 33 -6.17 1.08 4.90
CA ALA A 33 -6.58 2.00 5.94
C ALA A 33 -6.35 3.44 5.49
N LEU A 34 -5.27 3.66 4.75
CA LEU A 34 -4.96 4.99 4.24
C LEU A 34 -6.05 5.47 3.27
N LYS A 35 -6.57 4.54 2.47
CA LYS A 35 -7.61 4.88 1.51
C LYS A 35 -8.79 5.51 2.25
N SER A 36 -9.14 4.95 3.39
CA SER A 36 -10.23 5.48 4.19
C SER A 36 -9.90 6.90 4.64
N VAL A 37 -8.64 7.14 4.95
CA VAL A 37 -8.19 8.45 5.40
C VAL A 37 -8.40 9.49 4.30
N ILE A 38 -8.10 9.12 3.07
CA ILE A 38 -8.27 10.04 1.96
C ILE A 38 -9.71 10.52 1.93
N GLN A 39 -10.63 9.59 2.02
CA GLN A 39 -12.05 9.92 2.02
C GLN A 39 -12.35 10.79 3.23
N HIS A 40 -11.74 10.43 4.36
CA HIS A 40 -11.92 11.17 5.60
C HIS A 40 -12.00 12.66 5.30
N LEU A 41 -10.97 13.17 4.64
CA LEU A 41 -10.92 14.59 4.28
C LEU A 41 -12.03 14.96 3.30
N GLU A 42 -12.30 14.07 2.34
CA GLU A 42 -13.34 14.33 1.36
C GLU A 42 -14.69 14.47 2.04
N VAL A 43 -14.91 13.64 3.06
CA VAL A 43 -16.16 13.70 3.82
C VAL A 43 -16.23 15.04 4.54
N GLU A 44 -15.10 15.46 5.09
CA GLU A 44 -15.02 16.73 5.82
C GLU A 44 -15.54 17.87 4.95
N LEU A 45 -15.15 17.89 3.67
CA LEU A 45 -15.60 18.93 2.76
C LEU A 45 -17.11 18.90 2.56
N ASN A 46 -17.66 17.70 2.45
CA ASN A 46 -19.09 17.54 2.23
C ASN A 46 -19.90 18.04 3.42
N ARG A 47 -19.42 17.75 4.63
CA ARG A 47 -20.14 18.17 5.83
C ARG A 47 -20.18 19.71 5.98
N TRP A 48 -19.06 20.39 5.67
CA TRP A 48 -18.99 21.86 5.81
C TRP A 48 -19.46 22.59 4.55
N ARG A 49 -19.12 22.08 3.37
CA ARG A 49 -19.57 22.74 2.14
C ARG A 49 -21.01 23.22 2.29
N ASN A 50 -21.84 22.41 2.96
CA ASN A 50 -23.24 22.79 3.14
C ASN A 50 -23.61 22.94 4.62
N GLY A 51 -22.62 22.77 5.48
CA GLY A 51 -22.85 22.90 6.92
C GLY A 51 -24.11 22.16 7.35
N GLU A 52 -24.57 21.23 6.51
CA GLU A 52 -25.76 20.46 6.84
C GLU A 52 -25.76 19.13 6.07
N ALA A 53 -26.94 18.66 5.69
CA ALA A 53 -27.05 17.41 4.96
C ALA A 53 -26.39 17.54 3.59
N VAL A 54 -25.75 16.45 3.14
CA VAL A 54 -25.08 16.47 1.85
C VAL A 54 -25.84 17.34 0.86
N GLY B 1 24.97 -7.55 -35.10
CA GLY B 1 25.21 -8.94 -34.60
C GLY B 1 26.66 -9.06 -34.13
N SER B 2 26.85 -9.19 -32.82
CA SER B 2 28.19 -9.31 -32.26
C SER B 2 28.26 -10.49 -31.29
N LYS B 3 29.44 -11.07 -31.16
CA LYS B 3 29.64 -12.20 -30.27
C LYS B 3 30.51 -11.82 -29.07
N THR B 4 30.18 -10.69 -28.45
CA THR B 4 30.94 -10.22 -27.31
C THR B 4 30.88 -11.23 -26.16
N ILE B 5 29.66 -11.70 -25.87
CA ILE B 5 29.48 -12.68 -24.80
C ILE B 5 29.10 -14.04 -25.36
N LYS B 6 29.90 -15.05 -25.02
CA LYS B 6 29.64 -16.41 -25.50
C LYS B 6 28.97 -17.23 -24.41
N ASN B 7 28.85 -16.67 -23.23
CA ASN B 7 28.21 -17.36 -22.11
C ASN B 7 26.76 -16.92 -21.96
N THR B 8 25.89 -17.89 -21.64
CA THR B 8 24.47 -17.60 -21.47
C THR B 8 24.19 -17.13 -20.05
N VAL B 9 22.99 -16.59 -19.84
CA VAL B 9 22.60 -16.10 -18.53
C VAL B 9 21.35 -16.84 -18.04
N SER B 10 21.38 -17.27 -16.78
CA SER B 10 20.26 -18.00 -16.20
C SER B 10 19.07 -17.06 -15.98
N VAL B 11 17.89 -17.63 -15.82
CA VAL B 11 16.68 -16.84 -15.60
C VAL B 11 15.99 -17.27 -14.31
N ASN B 12 15.58 -16.29 -13.51
CA ASN B 12 14.91 -16.58 -12.25
C ASN B 12 13.54 -17.20 -12.51
N LEU B 13 13.12 -18.08 -11.62
CA LEU B 13 11.83 -18.73 -11.75
C LEU B 13 11.01 -18.58 -10.48
N GLU B 14 11.42 -19.28 -9.42
CA GLU B 14 10.73 -19.21 -8.14
C GLU B 14 10.66 -17.76 -7.66
N LEU B 15 9.51 -17.37 -7.12
CA LEU B 15 9.35 -16.02 -6.61
C LEU B 15 9.39 -16.03 -5.08
N THR B 16 10.31 -15.25 -4.52
CA THR B 16 10.45 -15.17 -3.08
C THR B 16 10.03 -13.80 -2.57
N ALA B 17 10.44 -13.47 -1.35
CA ALA B 17 10.11 -12.18 -0.76
C ALA B 17 10.55 -11.05 -1.68
N GLU B 18 11.50 -11.34 -2.55
CA GLU B 18 12.03 -10.34 -3.47
C GLU B 18 10.89 -9.61 -4.16
N GLU B 19 9.93 -10.36 -4.69
CA GLU B 19 8.80 -9.77 -5.39
C GLU B 19 7.67 -9.39 -4.44
N TRP B 20 7.31 -10.31 -3.54
CA TRP B 20 6.22 -10.04 -2.61
C TRP B 20 6.54 -8.81 -1.75
N LYS B 21 7.78 -8.72 -1.30
CA LYS B 21 8.19 -7.57 -0.48
C LYS B 21 8.13 -6.28 -1.31
N LYS B 22 8.63 -6.35 -2.54
CA LYS B 22 8.63 -5.20 -3.43
C LYS B 22 7.21 -4.77 -3.77
N LYS B 23 6.32 -5.74 -3.94
CA LYS B 23 4.93 -5.44 -4.29
C LYS B 23 4.34 -4.48 -3.28
N TYR B 24 4.58 -4.71 -2.00
CA TYR B 24 4.06 -3.82 -0.97
C TYR B 24 4.65 -2.42 -1.14
N GLU B 25 5.95 -2.38 -1.44
CA GLU B 25 6.65 -1.10 -1.61
C GLU B 25 6.01 -0.28 -2.72
N LYS B 26 5.69 -0.93 -3.83
CA LYS B 26 5.08 -0.23 -4.96
C LYS B 26 3.72 0.33 -4.55
N GLU B 27 2.99 -0.40 -3.74
CA GLU B 27 1.68 0.03 -3.28
C GLU B 27 1.78 1.29 -2.44
N LYS B 28 2.82 1.38 -1.63
CA LYS B 28 3.03 2.54 -0.78
C LYS B 28 3.17 3.81 -1.62
N GLU B 29 3.82 3.67 -2.78
CA GLU B 29 4.00 4.82 -3.66
C GLU B 29 2.66 5.39 -4.08
N LYS B 30 1.72 4.52 -4.45
CA LYS B 30 0.40 4.96 -4.85
C LYS B 30 -0.30 5.66 -3.69
N ASN B 31 -0.16 5.08 -2.49
CA ASN B 31 -0.77 5.65 -1.31
C ASN B 31 -0.20 7.03 -1.03
N LYS B 32 1.12 7.17 -1.22
CA LYS B 32 1.77 8.46 -0.99
C LYS B 32 1.22 9.51 -1.94
N ALA B 33 0.98 9.11 -3.18
CA ALA B 33 0.46 10.03 -4.17
C ALA B 33 -0.90 10.56 -3.73
N LEU B 34 -1.68 9.69 -3.07
CA LEU B 34 -3.00 10.09 -2.58
C LEU B 34 -2.87 11.19 -1.52
N LYS B 35 -1.83 11.08 -0.69
CA LYS B 35 -1.61 12.07 0.36
C LYS B 35 -1.51 13.45 -0.26
N SER B 36 -0.80 13.54 -1.38
CA SER B 36 -0.65 14.80 -2.09
C SER B 36 -2.02 15.31 -2.54
N VAL B 37 -2.87 14.39 -2.96
CA VAL B 37 -4.21 14.73 -3.42
C VAL B 37 -5.02 15.37 -2.31
N ILE B 38 -4.90 14.82 -1.10
CA ILE B 38 -5.64 15.37 0.04
C ILE B 38 -5.30 16.85 0.19
N GLN B 39 -4.01 17.14 0.17
CA GLN B 39 -3.56 18.51 0.29
C GLN B 39 -4.10 19.31 -0.89
N HIS B 40 -4.07 18.70 -2.06
CA HIS B 40 -4.57 19.34 -3.27
C HIS B 40 -5.81 20.16 -2.95
N LEU B 41 -6.81 19.51 -2.37
CA LEU B 41 -8.05 20.18 -2.01
C LEU B 41 -7.81 21.25 -0.93
N GLU B 42 -6.95 20.92 0.04
CA GLU B 42 -6.66 21.86 1.12
C GLU B 42 -6.04 23.14 0.54
N VAL B 43 -5.19 22.97 -0.46
CA VAL B 43 -4.57 24.12 -1.12
C VAL B 43 -5.65 24.94 -1.81
N GLU B 44 -6.58 24.24 -2.45
CA GLU B 44 -7.67 24.89 -3.16
C GLU B 44 -8.41 25.87 -2.23
N LEU B 45 -8.66 25.45 -1.00
CA LEU B 45 -9.35 26.30 -0.04
C LEU B 45 -8.54 27.55 0.28
N ASN B 46 -7.24 27.39 0.43
CA ASN B 46 -6.36 28.50 0.75
C ASN B 46 -6.32 29.54 -0.36
N ARG B 47 -6.29 29.07 -1.61
CA ARG B 47 -6.23 29.99 -2.74
C ARG B 47 -7.51 30.85 -2.86
N TRP B 48 -8.68 30.23 -2.63
CA TRP B 48 -9.96 30.96 -2.76
C TRP B 48 -10.39 31.64 -1.46
N ARG B 49 -10.17 30.99 -0.32
CA ARG B 49 -10.53 31.61 0.96
C ARG B 49 -10.18 33.10 0.94
N ASN B 50 -9.04 33.45 0.33
CA ASN B 50 -8.61 34.84 0.26
C ASN B 50 -8.52 35.35 -1.17
N GLY B 51 -8.86 34.49 -2.12
CA GLY B 51 -8.80 34.86 -3.54
C GLY B 51 -7.49 35.56 -3.88
N GLU B 52 -6.49 35.41 -3.02
CA GLU B 52 -5.20 36.04 -3.24
C GLU B 52 -4.09 35.28 -2.50
N ALA B 53 -3.08 36.01 -2.03
CA ALA B 53 -1.98 35.39 -1.30
C ALA B 53 -2.49 34.79 0.00
N VAL B 54 -1.91 33.65 0.38
CA VAL B 54 -2.32 32.98 1.63
C VAL B 54 -2.69 34.01 2.69
N GLY A 1 28.26 -40.97 -18.14
CA GLY A 1 27.78 -39.79 -17.37
C GLY A 1 27.93 -40.06 -15.87
N SER A 2 29.02 -39.56 -15.29
CA SER A 2 29.27 -39.74 -13.87
C SER A 2 29.79 -38.47 -13.24
N LYS A 3 29.42 -38.23 -11.99
CA LYS A 3 29.86 -37.02 -11.28
C LYS A 3 30.74 -37.39 -10.10
N THR A 4 32.06 -37.28 -10.29
CA THR A 4 33.00 -37.60 -9.23
C THR A 4 33.58 -36.33 -8.63
N ILE A 5 33.31 -35.20 -9.27
CA ILE A 5 33.81 -33.92 -8.80
C ILE A 5 32.65 -32.97 -8.49
N LYS A 6 32.67 -32.39 -7.29
CA LYS A 6 31.62 -31.46 -6.89
C LYS A 6 31.97 -30.04 -7.30
N ASN A 7 30.96 -29.26 -7.67
CA ASN A 7 31.18 -27.89 -8.10
C ASN A 7 30.64 -26.92 -7.04
N THR A 8 30.91 -25.63 -7.23
CA THR A 8 30.44 -24.62 -6.28
C THR A 8 28.93 -24.53 -6.28
N VAL A 9 28.35 -24.37 -5.09
CA VAL A 9 26.91 -24.27 -4.96
C VAL A 9 26.51 -22.89 -4.42
N SER A 10 25.53 -22.27 -5.07
CA SER A 10 25.07 -20.95 -4.67
C SER A 10 24.35 -21.02 -3.33
N VAL A 11 24.33 -19.91 -2.61
CA VAL A 11 23.66 -19.85 -1.31
C VAL A 11 22.72 -18.66 -1.24
N ASN A 12 21.80 -18.69 -0.28
CA ASN A 12 20.84 -17.60 -0.12
C ASN A 12 20.03 -17.42 -1.41
N LEU A 13 18.84 -18.00 -1.44
CA LEU A 13 17.98 -17.89 -2.62
C LEU A 13 16.84 -16.92 -2.34
N GLU A 14 15.81 -16.98 -3.19
CA GLU A 14 14.67 -16.12 -3.03
C GLU A 14 14.09 -16.27 -1.62
N LEU A 15 13.60 -15.16 -1.06
CA LEU A 15 13.02 -15.21 0.27
C LEU A 15 11.68 -15.91 0.24
N THR A 16 11.38 -16.68 1.29
CA THR A 16 10.12 -17.41 1.35
C THR A 16 8.94 -16.46 1.50
N ALA A 17 7.87 -16.69 0.74
CA ALA A 17 6.69 -15.83 0.81
C ALA A 17 5.96 -16.03 2.15
N GLU A 18 6.35 -17.06 2.90
CA GLU A 18 5.72 -17.32 4.18
C GLU A 18 5.97 -16.17 5.13
N GLU A 19 7.25 -15.85 5.33
CA GLU A 19 7.63 -14.74 6.19
C GLU A 19 7.23 -13.43 5.53
N TRP A 20 7.37 -13.39 4.20
CA TRP A 20 7.02 -12.21 3.42
C TRP A 20 5.53 -11.89 3.55
N LYS A 21 4.72 -12.94 3.57
CA LYS A 21 3.27 -12.76 3.66
C LYS A 21 2.91 -12.08 4.97
N LYS A 22 3.57 -12.48 6.05
CA LYS A 22 3.29 -11.89 7.36
C LYS A 22 3.53 -10.38 7.31
N LYS A 23 4.68 -9.99 6.77
CA LYS A 23 5.02 -8.58 6.65
C LYS A 23 4.02 -7.89 5.71
N TYR A 24 3.67 -8.59 4.63
CA TYR A 24 2.73 -8.06 3.65
C TYR A 24 1.40 -7.74 4.31
N GLU A 25 0.95 -8.62 5.20
CA GLU A 25 -0.32 -8.43 5.89
C GLU A 25 -0.35 -7.05 6.57
N LYS A 26 0.68 -6.76 7.36
CA LYS A 26 0.75 -5.48 8.04
C LYS A 26 0.90 -4.32 7.05
N GLU A 27 1.71 -4.54 6.01
CA GLU A 27 1.94 -3.51 5.00
C GLU A 27 0.63 -3.13 4.31
N LYS A 28 -0.18 -4.13 4.00
CA LYS A 28 -1.46 -3.90 3.34
C LYS A 28 -2.38 -3.09 4.25
N GLU A 29 -2.33 -3.40 5.54
CA GLU A 29 -3.16 -2.70 6.51
C GLU A 29 -3.07 -1.19 6.27
N LYS A 30 -1.87 -0.70 6.00
CA LYS A 30 -1.67 0.73 5.75
C LYS A 30 -2.38 1.15 4.46
N ASN A 31 -2.19 0.40 3.38
CA ASN A 31 -2.84 0.73 2.12
C ASN A 31 -4.35 0.65 2.25
N LYS A 32 -4.83 -0.36 2.97
CA LYS A 32 -6.25 -0.52 3.18
C LYS A 32 -6.79 0.66 3.99
N ALA A 33 -6.02 1.09 4.98
CA ALA A 33 -6.43 2.20 5.83
C ALA A 33 -6.48 3.49 5.01
N LEU A 34 -5.56 3.63 4.06
CA LEU A 34 -5.52 4.82 3.23
C LEU A 34 -6.79 4.97 2.42
N LYS A 35 -7.27 3.85 1.88
CA LYS A 35 -8.50 3.88 1.09
C LYS A 35 -9.64 4.45 1.91
N SER A 36 -9.67 4.10 3.20
CA SER A 36 -10.70 4.60 4.09
C SER A 36 -10.51 6.10 4.34
N VAL A 37 -9.26 6.48 4.55
CA VAL A 37 -8.91 7.88 4.82
C VAL A 37 -9.23 8.75 3.61
N ILE A 38 -9.05 8.21 2.42
CA ILE A 38 -9.31 8.97 1.21
C ILE A 38 -10.75 9.42 1.17
N GLN A 39 -11.64 8.49 1.47
CA GLN A 39 -13.07 8.78 1.48
C GLN A 39 -13.39 9.86 2.50
N HIS A 40 -12.74 9.78 3.66
CA HIS A 40 -12.96 10.77 4.71
C HIS A 40 -12.55 12.16 4.26
N LEU A 41 -11.32 12.28 3.77
CA LEU A 41 -10.81 13.59 3.32
C LEU A 41 -11.58 14.12 2.12
N GLU A 42 -11.88 13.25 1.16
CA GLU A 42 -12.59 13.65 -0.03
C GLU A 42 -14.02 14.07 0.31
N VAL A 43 -14.60 13.41 1.29
CA VAL A 43 -15.96 13.73 1.73
C VAL A 43 -15.98 15.13 2.34
N GLU A 44 -14.94 15.43 3.12
CA GLU A 44 -14.84 16.73 3.78
C GLU A 44 -15.04 17.87 2.78
N LEU A 45 -14.34 17.79 1.65
CA LEU A 45 -14.45 18.83 0.65
C LEU A 45 -15.88 19.02 0.16
N ASN A 46 -16.51 17.93 -0.24
CA ASN A 46 -17.87 18.01 -0.76
C ASN A 46 -18.89 18.21 0.36
N ARG A 47 -18.48 18.01 1.61
CA ARG A 47 -19.39 18.14 2.74
C ARG A 47 -19.27 19.48 3.47
N TRP A 48 -18.05 19.96 3.65
CA TRP A 48 -17.81 21.19 4.42
C TRP A 48 -17.87 22.44 3.55
N ARG A 49 -17.78 22.29 2.24
CA ARG A 49 -17.85 23.46 1.37
C ARG A 49 -19.21 24.15 1.53
N ASN A 50 -20.27 23.35 1.57
CA ASN A 50 -21.61 23.89 1.73
C ASN A 50 -22.19 23.52 3.10
N GLY A 51 -21.71 22.43 3.67
CA GLY A 51 -22.18 21.99 4.98
C GLY A 51 -23.65 21.55 4.92
N GLU A 52 -24.27 21.73 3.76
CA GLU A 52 -25.67 21.36 3.58
C GLU A 52 -26.34 22.26 2.54
N ALA A 53 -27.11 23.23 3.02
CA ALA A 53 -27.80 24.15 2.12
C ALA A 53 -26.82 25.08 1.43
N VAL A 54 -27.09 25.42 0.17
CA VAL A 54 -26.22 26.31 -0.58
C VAL A 54 -25.86 27.54 0.24
N GLY B 1 0.40 -50.00 3.70
CA GLY B 1 0.38 -48.62 3.14
C GLY B 1 1.58 -48.43 2.23
N SER B 2 1.38 -48.60 0.92
CA SER B 2 2.47 -48.44 -0.03
C SER B 2 1.98 -47.69 -1.27
N LYS B 3 2.86 -46.88 -1.85
CA LYS B 3 2.51 -46.11 -3.04
C LYS B 3 3.34 -46.55 -4.24
N THR B 4 2.74 -47.39 -5.08
CA THR B 4 3.45 -47.88 -6.26
C THR B 4 2.92 -47.18 -7.52
N ILE B 5 1.84 -46.43 -7.36
CA ILE B 5 1.24 -45.71 -8.48
C ILE B 5 1.23 -44.21 -8.23
N LYS B 6 1.74 -43.44 -9.17
CA LYS B 6 1.77 -41.98 -9.03
C LYS B 6 0.48 -41.37 -9.57
N ASN B 7 0.04 -40.30 -8.92
CA ASN B 7 -1.19 -39.62 -9.35
C ASN B 7 -0.85 -38.28 -9.98
N THR B 8 -1.86 -37.62 -10.53
CA THR B 8 -1.65 -36.31 -11.17
C THR B 8 -1.26 -35.26 -10.14
N VAL B 9 -0.33 -34.40 -10.51
CA VAL B 9 0.13 -33.35 -9.60
C VAL B 9 -0.21 -31.97 -10.17
N SER B 10 -0.78 -31.12 -9.33
CA SER B 10 -1.16 -29.78 -9.76
C SER B 10 0.08 -28.93 -10.02
N VAL B 11 -0.07 -27.91 -10.86
CA VAL B 11 1.03 -27.03 -11.19
C VAL B 11 0.62 -25.57 -11.03
N ASN B 12 1.61 -24.69 -10.95
CA ASN B 12 1.34 -23.26 -10.78
C ASN B 12 0.53 -23.02 -9.52
N LEU B 13 1.21 -22.68 -8.44
CA LEU B 13 0.53 -22.41 -7.17
C LEU B 13 0.47 -20.91 -6.89
N GLU B 14 0.20 -20.57 -5.64
CA GLU B 14 0.12 -19.17 -5.26
C GLU B 14 1.40 -18.44 -5.65
N LEU B 15 1.28 -17.19 -6.06
CA LEU B 15 2.45 -16.41 -6.44
C LEU B 15 3.25 -16.04 -5.20
N THR B 16 4.58 -16.04 -5.34
CA THR B 16 5.45 -15.71 -4.21
C THR B 16 5.31 -14.23 -3.83
N ALA B 17 5.21 -13.95 -2.54
CA ALA B 17 5.09 -12.58 -2.08
C ALA B 17 6.40 -11.81 -2.29
N GLU B 18 7.47 -12.53 -2.63
CA GLU B 18 8.76 -11.88 -2.85
C GLU B 18 8.67 -10.94 -4.05
N GLU B 19 8.23 -11.49 -5.18
CA GLU B 19 8.07 -10.70 -6.38
C GLU B 19 6.89 -9.74 -6.21
N TRP B 20 5.86 -10.24 -5.52
CA TRP B 20 4.67 -9.45 -5.26
C TRP B 20 4.99 -8.22 -4.41
N LYS B 21 5.90 -8.41 -3.45
CA LYS B 21 6.28 -7.32 -2.56
C LYS B 21 6.93 -6.18 -3.35
N LYS B 22 7.76 -6.54 -4.32
CA LYS B 22 8.44 -5.54 -5.13
C LYS B 22 7.41 -4.67 -5.84
N LYS B 23 6.43 -5.32 -6.47
CA LYS B 23 5.37 -4.60 -7.17
C LYS B 23 4.55 -3.79 -6.16
N TYR B 24 4.31 -4.38 -5.00
CA TYR B 24 3.54 -3.72 -3.96
C TYR B 24 4.21 -2.42 -3.54
N GLU B 25 5.54 -2.46 -3.42
CA GLU B 25 6.29 -1.28 -3.02
C GLU B 25 5.95 -0.09 -3.93
N LYS B 26 6.04 -0.31 -5.24
CA LYS B 26 5.74 0.75 -6.20
C LYS B 26 4.26 1.13 -6.12
N GLU B 27 3.40 0.13 -5.98
CA GLU B 27 1.95 0.37 -5.93
C GLU B 27 1.59 1.26 -4.75
N LYS B 28 2.22 0.99 -3.60
CA LYS B 28 1.97 1.76 -2.40
C LYS B 28 2.41 3.21 -2.60
N GLU B 29 3.53 3.39 -3.30
CA GLU B 29 4.05 4.71 -3.57
C GLU B 29 2.92 5.63 -4.05
N LYS B 30 2.07 5.09 -4.92
CA LYS B 30 0.94 5.87 -5.45
C LYS B 30 -0.05 6.21 -4.34
N ASN B 31 -0.43 5.21 -3.53
CA ASN B 31 -1.37 5.46 -2.44
C ASN B 31 -0.77 6.42 -1.43
N LYS B 32 0.51 6.27 -1.15
CA LYS B 32 1.19 7.15 -0.21
C LYS B 32 1.21 8.57 -0.77
N ALA B 33 1.44 8.68 -2.08
CA ALA B 33 1.49 9.99 -2.72
C ALA B 33 0.12 10.65 -2.69
N LEU B 34 -0.94 9.85 -2.81
CA LEU B 34 -2.30 10.38 -2.79
C LEU B 34 -2.59 11.04 -1.45
N LYS B 35 -2.15 10.41 -0.37
CA LYS B 35 -2.39 10.97 0.95
C LYS B 35 -1.81 12.38 1.05
N SER B 36 -0.65 12.56 0.42
CA SER B 36 0.00 13.86 0.42
C SER B 36 -0.79 14.85 -0.43
N VAL B 37 -1.25 14.37 -1.59
CA VAL B 37 -2.01 15.20 -2.51
C VAL B 37 -3.34 15.62 -1.90
N ILE B 38 -3.93 14.74 -1.10
CA ILE B 38 -5.21 15.05 -0.48
C ILE B 38 -5.08 16.28 0.39
N GLN B 39 -4.03 16.31 1.18
CA GLN B 39 -3.79 17.44 2.08
C GLN B 39 -3.61 18.72 1.27
N HIS B 40 -2.91 18.61 0.14
CA HIS B 40 -2.68 19.78 -0.71
C HIS B 40 -4.00 20.33 -1.25
N LEU B 41 -4.80 19.46 -1.86
CA LEU B 41 -6.07 19.89 -2.44
C LEU B 41 -7.05 20.37 -1.38
N GLU B 42 -7.12 19.65 -0.27
CA GLU B 42 -8.04 20.01 0.81
C GLU B 42 -7.63 21.33 1.44
N VAL B 43 -6.32 21.57 1.51
CA VAL B 43 -5.80 22.81 2.07
C VAL B 43 -6.22 23.97 1.20
N GLU B 44 -6.14 23.78 -0.12
CA GLU B 44 -6.49 24.81 -1.08
C GLU B 44 -7.86 25.41 -0.77
N LEU B 45 -8.85 24.54 -0.55
CA LEU B 45 -10.19 25.01 -0.27
C LEU B 45 -10.24 25.91 0.96
N ASN B 46 -9.67 25.43 2.06
CA ASN B 46 -9.70 26.20 3.30
C ASN B 46 -8.70 27.36 3.27
N ARG B 47 -7.81 27.36 2.28
CA ARG B 47 -6.78 28.40 2.21
C ARG B 47 -7.10 29.48 1.17
N TRP B 48 -7.62 29.07 0.03
CA TRP B 48 -7.89 30.01 -1.07
C TRP B 48 -9.28 30.65 -0.98
N ARG B 49 -10.18 30.06 -0.19
CA ARG B 49 -11.51 30.64 -0.06
C ARG B 49 -11.42 32.05 0.53
N ASN B 50 -10.58 32.19 1.56
CA ASN B 50 -10.40 33.49 2.21
C ASN B 50 -9.01 34.05 1.92
N GLY B 51 -8.06 33.16 1.65
CA GLY B 51 -6.69 33.59 1.37
C GLY B 51 -6.04 34.22 2.59
N GLU B 52 -6.82 34.38 3.66
CA GLU B 52 -6.31 34.96 4.89
C GLU B 52 -7.42 35.68 5.65
N ALA B 53 -7.44 37.02 5.54
CA ALA B 53 -8.47 37.81 6.22
C ALA B 53 -9.84 37.59 5.58
N VAL B 54 -10.88 37.60 6.41
CA VAL B 54 -12.24 37.40 5.91
C VAL B 54 -12.49 38.28 4.69
N GLY A 1 4.81 -16.57 -33.03
CA GLY A 1 5.11 -15.15 -33.36
C GLY A 1 6.40 -14.72 -32.68
N SER A 2 6.26 -13.85 -31.68
CA SER A 2 7.42 -13.36 -30.94
C SER A 2 8.04 -14.49 -30.12
N LYS A 3 9.37 -14.49 -30.04
CA LYS A 3 10.07 -15.51 -29.28
C LYS A 3 9.92 -15.26 -27.78
N THR A 4 9.68 -16.33 -27.03
CA THR A 4 9.51 -16.22 -25.58
C THR A 4 9.99 -17.48 -24.88
N ILE A 5 10.24 -17.37 -23.59
CA ILE A 5 10.71 -18.53 -22.82
C ILE A 5 9.59 -19.06 -21.93
N LYS A 6 9.26 -20.33 -22.12
CA LYS A 6 8.20 -20.97 -21.32
C LYS A 6 8.80 -21.72 -20.14
N ASN A 7 10.12 -21.82 -20.11
CA ASN A 7 10.80 -22.52 -19.02
C ASN A 7 11.02 -21.58 -17.84
N THR A 8 10.87 -22.12 -16.64
CA THR A 8 11.04 -21.31 -15.43
C THR A 8 12.50 -20.93 -15.25
N VAL A 9 12.74 -19.86 -14.49
CA VAL A 9 14.10 -19.40 -14.23
C VAL A 9 14.35 -19.29 -12.74
N SER A 10 15.53 -19.73 -12.30
CA SER A 10 15.87 -19.68 -10.88
C SER A 10 15.69 -18.27 -10.33
N VAL A 11 15.40 -18.18 -9.04
CA VAL A 11 15.21 -16.88 -8.40
C VAL A 11 16.28 -16.64 -7.34
N ASN A 12 16.86 -15.45 -7.35
CA ASN A 12 17.89 -15.10 -6.38
C ASN A 12 17.27 -14.79 -5.03
N LEU A 13 18.09 -14.27 -4.11
CA LEU A 13 17.61 -13.95 -2.77
C LEU A 13 16.42 -14.82 -2.42
N GLU A 14 16.70 -16.05 -2.02
CA GLU A 14 15.63 -16.97 -1.66
C GLU A 14 14.83 -16.43 -0.48
N LEU A 15 13.80 -15.65 -0.79
CA LEU A 15 12.96 -15.09 0.25
C LEU A 15 11.63 -15.84 0.30
N THR A 16 11.38 -16.55 1.38
CA THR A 16 10.15 -17.32 1.50
C THR A 16 8.94 -16.38 1.57
N ALA A 17 7.89 -16.67 0.79
CA ALA A 17 6.69 -15.85 0.81
C ALA A 17 5.94 -16.02 2.12
N GLU A 18 6.31 -17.03 2.91
CA GLU A 18 5.65 -17.27 4.18
C GLU A 18 5.92 -16.11 5.13
N GLU A 19 7.19 -15.83 5.36
CA GLU A 19 7.58 -14.72 6.22
C GLU A 19 7.22 -13.41 5.53
N TRP A 20 7.39 -13.39 4.22
CA TRP A 20 7.08 -12.20 3.42
C TRP A 20 5.60 -11.86 3.54
N LYS A 21 4.76 -12.88 3.58
CA LYS A 21 3.32 -12.69 3.68
C LYS A 21 2.97 -11.99 4.99
N LYS A 22 3.68 -12.33 6.06
CA LYS A 22 3.43 -11.72 7.36
C LYS A 22 3.66 -10.22 7.28
N LYS A 23 4.78 -9.84 6.69
CA LYS A 23 5.10 -8.42 6.54
C LYS A 23 4.07 -7.75 5.64
N TYR A 24 3.68 -8.46 4.58
CA TYR A 24 2.71 -7.95 3.63
C TYR A 24 1.40 -7.61 4.34
N GLU A 25 0.98 -8.48 5.24
CA GLU A 25 -0.27 -8.26 5.97
C GLU A 25 -0.26 -6.91 6.66
N LYS A 26 0.82 -6.62 7.38
CA LYS A 26 0.93 -5.33 8.07
C LYS A 26 1.00 -4.18 7.06
N GLU A 27 1.79 -4.37 6.01
CA GLU A 27 1.93 -3.34 4.97
C GLU A 27 0.58 -3.04 4.32
N LYS A 28 -0.15 -4.09 4.01
CA LYS A 28 -1.45 -3.93 3.37
C LYS A 28 -2.38 -3.13 4.27
N GLU A 29 -2.30 -3.38 5.57
CA GLU A 29 -3.13 -2.66 6.52
C GLU A 29 -3.02 -1.16 6.28
N LYS A 30 -1.80 -0.70 5.98
CA LYS A 30 -1.59 0.72 5.73
C LYS A 30 -2.36 1.18 4.48
N ASN A 31 -2.21 0.45 3.38
CA ASN A 31 -2.92 0.80 2.15
C ASN A 31 -4.42 0.69 2.33
N LYS A 32 -4.85 -0.34 3.03
CA LYS A 32 -6.26 -0.55 3.27
C LYS A 32 -6.83 0.63 4.04
N ALA A 33 -6.08 1.06 5.07
CA ALA A 33 -6.52 2.19 5.89
C ALA A 33 -6.56 3.47 5.07
N LEU A 34 -5.62 3.63 4.15
CA LEU A 34 -5.58 4.82 3.30
C LEU A 34 -6.82 4.91 2.44
N LYS A 35 -7.28 3.76 1.91
CA LYS A 35 -8.46 3.75 1.07
C LYS A 35 -9.63 4.37 1.82
N SER A 36 -9.87 3.89 3.04
CA SER A 36 -10.94 4.43 3.87
C SER A 36 -10.67 5.89 4.20
N VAL A 37 -9.39 6.22 4.38
CA VAL A 37 -8.98 7.58 4.70
C VAL A 37 -9.26 8.53 3.55
N ILE A 38 -9.06 8.06 2.32
CA ILE A 38 -9.28 8.91 1.16
C ILE A 38 -10.74 9.35 1.13
N GLN A 39 -11.63 8.42 1.38
CA GLN A 39 -13.05 8.71 1.37
C GLN A 39 -13.38 9.78 2.41
N HIS A 40 -12.73 9.68 3.58
CA HIS A 40 -12.96 10.66 4.64
C HIS A 40 -12.54 12.05 4.21
N LEU A 41 -11.32 12.19 3.71
CA LEU A 41 -10.81 13.50 3.29
C LEU A 41 -11.57 14.04 2.08
N GLU A 42 -11.85 13.17 1.11
CA GLU A 42 -12.56 13.59 -0.09
C GLU A 42 -13.98 14.01 0.26
N VAL A 43 -14.57 13.34 1.24
CA VAL A 43 -15.92 13.68 1.66
C VAL A 43 -15.94 15.08 2.27
N GLU A 44 -14.91 15.39 3.05
CA GLU A 44 -14.81 16.69 3.70
C GLU A 44 -14.96 17.82 2.70
N LEU A 45 -14.25 17.72 1.57
CA LEU A 45 -14.31 18.77 0.57
C LEU A 45 -15.73 18.97 0.06
N ASN A 46 -16.42 17.88 -0.26
CA ASN A 46 -17.78 17.98 -0.76
C ASN A 46 -18.79 18.20 0.35
N ARG A 47 -18.39 18.01 1.60
CA ARG A 47 -19.33 18.15 2.71
C ARG A 47 -19.19 19.49 3.45
N TRP A 48 -17.96 19.93 3.71
CA TRP A 48 -17.77 21.17 4.46
C TRP A 48 -17.85 22.42 3.59
N ARG A 49 -17.73 22.28 2.28
CA ARG A 49 -17.81 23.45 1.42
C ARG A 49 -19.18 24.11 1.56
N ASN A 50 -20.24 23.29 1.55
CA ASN A 50 -21.59 23.83 1.69
C ASN A 50 -22.19 23.46 3.04
N GLY A 51 -21.66 22.39 3.64
CA GLY A 51 -22.15 21.95 4.94
C GLY A 51 -23.67 21.95 5.01
N GLU A 52 -24.31 21.26 4.06
CA GLU A 52 -25.76 21.21 4.03
C GLU A 52 -26.35 22.60 3.78
N ALA A 53 -26.17 23.11 2.56
CA ALA A 53 -26.67 24.43 2.22
C ALA A 53 -28.20 24.45 2.29
N VAL A 54 -28.76 25.57 2.77
CA VAL A 54 -30.21 25.70 2.87
C VAL A 54 -30.76 26.52 1.71
N GLY B 1 -18.65 -22.67 19.96
CA GLY B 1 -19.86 -21.99 19.41
C GLY B 1 -20.00 -22.31 17.93
N SER B 2 -19.76 -21.30 17.09
CA SER B 2 -19.87 -21.48 15.65
C SER B 2 -18.76 -22.39 15.15
N LYS B 3 -19.09 -23.24 14.17
CA LYS B 3 -18.11 -24.15 13.60
C LYS B 3 -17.11 -23.40 12.71
N THR B 4 -15.84 -23.75 12.84
CA THR B 4 -14.81 -23.10 12.05
C THR B 4 -13.66 -24.06 11.77
N ILE B 5 -12.85 -23.73 10.77
CA ILE B 5 -11.71 -24.58 10.41
C ILE B 5 -10.41 -23.95 10.86
N LYS B 6 -9.66 -24.67 11.70
CA LYS B 6 -8.39 -24.17 12.20
C LYS B 6 -7.23 -24.69 11.36
N ASN B 7 -7.54 -25.61 10.45
CA ASN B 7 -6.52 -26.18 9.58
C ASN B 7 -6.29 -25.30 8.36
N THR B 8 -5.03 -25.19 7.94
CA THR B 8 -4.70 -24.36 6.79
C THR B 8 -5.23 -25.00 5.50
N VAL B 9 -5.41 -24.16 4.47
CA VAL B 9 -5.90 -24.64 3.19
C VAL B 9 -4.94 -24.26 2.07
N SER B 10 -4.71 -25.18 1.15
CA SER B 10 -3.80 -24.91 0.04
C SER B 10 -4.21 -23.65 -0.71
N VAL B 11 -3.23 -22.99 -1.32
CA VAL B 11 -3.50 -21.77 -2.06
C VAL B 11 -3.19 -21.95 -3.54
N ASN B 12 -4.11 -21.51 -4.39
CA ASN B 12 -3.92 -21.63 -5.84
C ASN B 12 -2.94 -20.58 -6.34
N LEU B 13 -2.83 -20.46 -7.66
CA LEU B 13 -1.91 -19.50 -8.26
C LEU B 13 -0.76 -19.21 -7.30
N GLU B 14 0.21 -20.12 -7.27
CA GLU B 14 1.35 -19.95 -6.39
C GLU B 14 2.10 -18.68 -6.74
N LEU B 15 1.72 -17.57 -6.12
CA LEU B 15 2.37 -16.30 -6.38
C LEU B 15 3.25 -15.94 -5.18
N THR B 16 4.56 -15.93 -5.39
CA THR B 16 5.49 -15.61 -4.31
C THR B 16 5.32 -14.15 -3.86
N ALA B 17 5.24 -13.93 -2.55
CA ALA B 17 5.09 -12.58 -2.03
C ALA B 17 6.38 -11.79 -2.22
N GLU B 18 7.46 -12.48 -2.58
CA GLU B 18 8.74 -11.81 -2.79
C GLU B 18 8.64 -10.88 -3.99
N GLU B 19 8.26 -11.44 -5.12
CA GLU B 19 8.10 -10.65 -6.34
C GLU B 19 6.90 -9.73 -6.17
N TRP B 20 5.86 -10.25 -5.51
CA TRP B 20 4.65 -9.48 -5.25
C TRP B 20 4.97 -8.24 -4.43
N LYS B 21 5.87 -8.40 -3.47
CA LYS B 21 6.24 -7.29 -2.60
C LYS B 21 6.87 -6.16 -3.41
N LYS B 22 7.66 -6.53 -4.42
CA LYS B 22 8.31 -5.52 -5.26
C LYS B 22 7.26 -4.66 -5.94
N LYS B 23 6.26 -5.31 -6.53
CA LYS B 23 5.18 -4.59 -7.20
C LYS B 23 4.41 -3.74 -6.18
N TYR B 24 4.20 -4.31 -5.00
CA TYR B 24 3.47 -3.63 -3.95
C TYR B 24 4.17 -2.33 -3.57
N GLU B 25 5.49 -2.37 -3.50
CA GLU B 25 6.25 -1.18 -3.14
C GLU B 25 5.92 -0.02 -4.07
N LYS B 26 5.95 -0.29 -5.38
CA LYS B 26 5.63 0.74 -6.37
C LYS B 26 4.16 1.17 -6.25
N GLU B 27 3.27 0.19 -6.08
CA GLU B 27 1.85 0.49 -5.96
C GLU B 27 1.59 1.35 -4.74
N LYS B 28 2.21 1.01 -3.63
CA LYS B 28 2.04 1.76 -2.40
C LYS B 28 2.47 3.20 -2.59
N GLU B 29 3.55 3.39 -3.34
CA GLU B 29 4.05 4.73 -3.60
C GLU B 29 2.92 5.61 -4.11
N LYS B 30 2.06 5.04 -4.94
CA LYS B 30 0.94 5.81 -5.49
C LYS B 30 -0.03 6.22 -4.37
N ASN B 31 -0.43 5.27 -3.53
CA ASN B 31 -1.34 5.58 -2.43
C ASN B 31 -0.70 6.54 -1.44
N LYS B 32 0.58 6.32 -1.17
CA LYS B 32 1.30 7.18 -0.24
C LYS B 32 1.30 8.61 -0.77
N ALA B 33 1.57 8.75 -2.06
CA ALA B 33 1.61 10.06 -2.69
C ALA B 33 0.23 10.72 -2.65
N LEU B 34 -0.82 9.93 -2.82
CA LEU B 34 -2.19 10.45 -2.78
C LEU B 34 -2.51 11.05 -1.42
N LYS B 35 -2.04 10.38 -0.36
CA LYS B 35 -2.30 10.88 0.98
C LYS B 35 -1.79 12.31 1.12
N SER B 36 -0.54 12.51 0.73
CA SER B 36 0.04 13.84 0.78
C SER B 36 -0.69 14.79 -0.17
N VAL B 37 -1.14 14.24 -1.30
CA VAL B 37 -1.86 15.02 -2.30
C VAL B 37 -3.20 15.49 -1.77
N ILE B 38 -3.86 14.63 -0.99
CA ILE B 38 -5.16 14.99 -0.45
C ILE B 38 -5.05 16.24 0.41
N GLN B 39 -4.03 16.25 1.25
CA GLN B 39 -3.79 17.37 2.14
C GLN B 39 -3.59 18.65 1.33
N HIS B 40 -2.87 18.54 0.21
CA HIS B 40 -2.62 19.70 -0.64
C HIS B 40 -3.93 20.26 -1.20
N LEU B 41 -4.73 19.39 -1.81
CA LEU B 41 -5.99 19.83 -2.42
C LEU B 41 -6.99 20.31 -1.36
N GLU B 42 -7.08 19.59 -0.25
CA GLU B 42 -8.00 19.95 0.81
C GLU B 42 -7.60 21.28 1.44
N VAL B 43 -6.30 21.51 1.52
CA VAL B 43 -5.79 22.76 2.07
C VAL B 43 -6.20 23.93 1.19
N GLU B 44 -6.13 23.73 -0.12
CA GLU B 44 -6.48 24.77 -1.07
C GLU B 44 -7.87 25.32 -0.79
N LEU B 45 -8.83 24.43 -0.56
CA LEU B 45 -10.20 24.87 -0.33
C LEU B 45 -10.27 25.78 0.90
N ASN B 46 -9.64 25.37 1.99
CA ASN B 46 -9.67 26.15 3.21
C ASN B 46 -8.68 27.32 3.18
N ARG B 47 -7.77 27.33 2.20
CA ARG B 47 -6.77 28.39 2.14
C ARG B 47 -7.09 29.47 1.09
N TRP B 48 -7.54 29.05 -0.09
CA TRP B 48 -7.81 30.02 -1.16
C TRP B 48 -9.19 30.66 -1.05
N ARG B 49 -10.11 30.07 -0.30
CA ARG B 49 -11.43 30.65 -0.16
C ARG B 49 -11.32 32.05 0.46
N ASN B 50 -10.51 32.17 1.53
CA ASN B 50 -10.35 33.45 2.18
C ASN B 50 -8.95 34.02 1.92
N GLY B 51 -8.01 33.13 1.60
CA GLY B 51 -6.65 33.54 1.33
C GLY B 51 -6.16 34.57 2.35
N GLU B 52 -6.23 34.20 3.64
CA GLU B 52 -5.79 35.10 4.70
C GLU B 52 -6.66 36.36 4.73
N ALA B 53 -7.92 36.20 5.14
CA ALA B 53 -8.83 37.34 5.19
C ALA B 53 -8.34 38.37 6.22
N VAL B 54 -8.52 39.65 5.90
CA VAL B 54 -8.09 40.72 6.80
C VAL B 54 -9.28 41.27 7.57
N GLY A 1 17.08 -11.00 -24.27
CA GLY A 1 17.52 -12.40 -23.97
C GLY A 1 16.34 -13.20 -23.45
N SER A 2 16.18 -14.41 -23.97
CA SER A 2 15.08 -15.27 -23.55
C SER A 2 15.19 -15.58 -22.05
N LYS A 3 16.41 -15.85 -21.60
CA LYS A 3 16.63 -16.16 -20.19
C LYS A 3 17.62 -15.16 -19.58
N THR A 4 17.36 -14.76 -18.34
CA THR A 4 18.21 -13.82 -17.65
C THR A 4 19.30 -14.55 -16.86
N ILE A 5 18.94 -15.71 -16.30
CA ILE A 5 19.90 -16.49 -15.53
C ILE A 5 20.08 -17.87 -16.15
N LYS A 6 21.34 -18.24 -16.39
CA LYS A 6 21.64 -19.54 -16.97
C LYS A 6 21.94 -20.58 -15.88
N ASN A 7 22.85 -20.23 -14.98
CA ASN A 7 23.22 -21.12 -13.89
C ASN A 7 22.66 -20.61 -12.57
N THR A 8 22.20 -21.54 -11.72
CA THR A 8 21.65 -21.17 -10.43
C THR A 8 22.77 -20.92 -9.42
N VAL A 9 22.54 -19.98 -8.52
CA VAL A 9 23.53 -19.65 -7.49
C VAL A 9 22.93 -19.77 -6.10
N SER A 10 23.65 -20.42 -5.20
CA SER A 10 23.16 -20.60 -3.83
C SER A 10 22.99 -19.24 -3.15
N VAL A 11 21.91 -19.12 -2.38
CA VAL A 11 21.63 -17.86 -1.68
C VAL A 11 21.18 -18.15 -0.24
N ASN A 12 21.24 -17.12 0.59
CA ASN A 12 20.83 -17.28 2.00
C ASN A 12 19.33 -17.52 2.09
N LEU A 13 18.91 -18.73 1.72
CA LEU A 13 17.50 -19.08 1.76
C LEU A 13 16.66 -18.03 1.06
N GLU A 14 15.98 -18.44 -0.01
CA GLU A 14 15.13 -17.52 -0.76
C GLU A 14 13.90 -17.16 0.05
N LEU A 15 13.88 -15.96 0.58
CA LEU A 15 12.73 -15.50 1.37
C LEU A 15 11.44 -15.95 0.71
N THR A 16 10.69 -16.82 1.38
CA THR A 16 9.45 -17.34 0.83
C THR A 16 8.27 -16.43 1.20
N ALA A 17 7.17 -16.55 0.47
CA ALA A 17 5.99 -15.74 0.76
C ALA A 17 5.40 -16.15 2.11
N GLU A 18 5.91 -17.22 2.71
CA GLU A 18 5.40 -17.67 4.00
C GLU A 18 5.61 -16.56 5.02
N GLU A 19 6.86 -16.15 5.15
CA GLU A 19 7.20 -15.07 6.07
C GLU A 19 6.95 -13.73 5.39
N TRP A 20 7.13 -13.71 4.07
CA TRP A 20 6.92 -12.49 3.30
C TRP A 20 5.44 -12.10 3.28
N LYS A 21 4.59 -13.11 3.23
CA LYS A 21 3.15 -12.87 3.22
C LYS A 21 2.71 -12.27 4.55
N LYS A 22 3.31 -12.74 5.65
CA LYS A 22 2.95 -12.23 6.96
C LYS A 22 3.17 -10.72 7.00
N LYS A 23 4.33 -10.28 6.56
CA LYS A 23 4.64 -8.85 6.52
C LYS A 23 3.69 -8.14 5.55
N TYR A 24 3.40 -8.81 4.44
CA TYR A 24 2.51 -8.25 3.43
C TYR A 24 1.15 -7.95 4.03
N GLU A 25 0.65 -8.87 4.87
CA GLU A 25 -0.64 -8.68 5.51
C GLU A 25 -0.70 -7.35 6.25
N LYS A 26 0.31 -7.10 7.08
CA LYS A 26 0.36 -5.85 7.84
C LYS A 26 0.53 -4.65 6.91
N GLU A 27 1.39 -4.80 5.90
CA GLU A 27 1.64 -3.73 4.95
C GLU A 27 0.34 -3.35 4.22
N LYS A 28 -0.42 -4.36 3.84
CA LYS A 28 -1.68 -4.12 3.14
C LYS A 28 -2.63 -3.31 4.02
N GLU A 29 -2.59 -3.58 5.32
CA GLU A 29 -3.44 -2.86 6.26
C GLU A 29 -3.24 -1.36 6.10
N LYS A 30 -2.01 -0.95 5.81
CA LYS A 30 -1.71 0.47 5.64
C LYS A 30 -2.43 1.02 4.40
N ASN A 31 -2.26 0.33 3.27
CA ASN A 31 -2.91 0.75 2.04
C ASN A 31 -4.43 0.67 2.17
N LYS A 32 -4.90 -0.38 2.82
CA LYS A 32 -6.33 -0.55 3.02
C LYS A 32 -6.86 0.59 3.88
N ALA A 33 -6.07 0.95 4.89
CA ALA A 33 -6.45 2.04 5.78
C ALA A 33 -6.52 3.36 5.03
N LEU A 34 -5.62 3.53 4.07
CA LEU A 34 -5.60 4.75 3.26
C LEU A 34 -6.87 4.89 2.47
N LYS A 35 -7.35 3.78 1.94
CA LYS A 35 -8.58 3.81 1.16
C LYS A 35 -9.69 4.46 1.98
N SER A 36 -9.83 4.02 3.23
CA SER A 36 -10.83 4.58 4.13
C SER A 36 -10.50 6.03 4.46
N VAL A 37 -9.21 6.31 4.67
CA VAL A 37 -8.77 7.67 5.01
C VAL A 37 -9.07 8.62 3.86
N ILE A 38 -9.00 8.11 2.63
CA ILE A 38 -9.24 8.96 1.48
C ILE A 38 -10.66 9.50 1.55
N GLN A 39 -11.61 8.63 1.86
CA GLN A 39 -13.01 9.02 1.95
C GLN A 39 -13.17 10.07 3.04
N HIS A 40 -12.42 9.92 4.13
CA HIS A 40 -12.51 10.87 5.24
C HIS A 40 -12.15 12.28 4.77
N LEU A 41 -10.96 12.42 4.18
CA LEU A 41 -10.52 13.73 3.71
C LEU A 41 -11.39 14.26 2.57
N GLU A 42 -11.78 13.37 1.65
CA GLU A 42 -12.61 13.77 0.53
C GLU A 42 -13.98 14.21 1.00
N VAL A 43 -14.49 13.55 2.03
CA VAL A 43 -15.80 13.91 2.58
C VAL A 43 -15.70 15.28 3.22
N GLU A 44 -14.48 15.64 3.62
CA GLU A 44 -14.25 16.93 4.25
C GLU A 44 -14.53 18.07 3.29
N LEU A 45 -14.05 17.94 2.06
CA LEU A 45 -14.25 18.99 1.07
C LEU A 45 -15.74 19.19 0.78
N ASN A 46 -16.49 18.10 0.77
CA ASN A 46 -17.92 18.20 0.45
C ASN A 46 -18.77 18.57 1.66
N ARG A 47 -18.19 18.52 2.86
CA ARG A 47 -18.96 18.81 4.06
C ARG A 47 -18.74 20.22 4.60
N TRP A 48 -17.48 20.60 4.76
CA TRP A 48 -17.15 21.90 5.36
C TRP A 48 -17.38 23.05 4.39
N ARG A 49 -17.53 22.74 3.12
CA ARG A 49 -17.78 23.79 2.13
C ARG A 49 -19.13 24.45 2.39
N ASN A 50 -20.13 23.64 2.74
CA ASN A 50 -21.47 24.16 3.03
C ASN A 50 -21.86 23.85 4.48
N GLY A 51 -21.27 22.80 5.04
CA GLY A 51 -21.57 22.42 6.41
C GLY A 51 -23.07 22.20 6.61
N GLU A 52 -23.65 21.35 5.78
CA GLU A 52 -25.08 21.05 5.86
C GLU A 52 -25.90 22.28 5.54
N ALA A 53 -25.34 23.17 4.73
CA ALA A 53 -26.04 24.39 4.35
C ALA A 53 -27.22 24.08 3.44
N VAL A 54 -28.29 24.84 3.58
CA VAL A 54 -29.48 24.63 2.76
C VAL A 54 -30.15 25.96 2.43
N GLY B 1 -18.50 -24.43 3.61
CA GLY B 1 -17.52 -25.55 3.63
C GLY B 1 -16.29 -25.15 4.46
N SER B 2 -15.86 -26.03 5.33
CA SER B 2 -14.70 -25.77 6.17
C SER B 2 -13.46 -25.53 5.31
N LYS B 3 -13.30 -26.35 4.28
CA LYS B 3 -12.15 -26.24 3.39
C LYS B 3 -12.62 -25.99 1.95
N THR B 4 -11.90 -25.12 1.24
CA THR B 4 -12.25 -24.80 -0.13
C THR B 4 -11.52 -25.73 -1.11
N ILE B 5 -10.29 -26.09 -0.76
CA ILE B 5 -9.49 -26.97 -1.60
C ILE B 5 -9.12 -28.24 -0.85
N LYS B 6 -9.40 -29.39 -1.46
CA LYS B 6 -9.09 -30.67 -0.84
C LYS B 6 -7.74 -31.18 -1.32
N ASN B 7 -7.57 -31.24 -2.64
CA ASN B 7 -6.31 -31.71 -3.21
C ASN B 7 -5.52 -30.55 -3.81
N THR B 8 -4.21 -30.59 -3.65
CA THR B 8 -3.35 -29.53 -4.18
C THR B 8 -3.10 -29.74 -5.67
N VAL B 9 -2.97 -28.65 -6.41
CA VAL B 9 -2.73 -28.72 -7.84
C VAL B 9 -1.48 -27.92 -8.21
N SER B 10 -0.62 -28.53 -9.02
CA SER B 10 0.61 -27.86 -9.44
C SER B 10 0.29 -26.59 -10.22
N VAL B 11 1.07 -25.54 -9.98
CA VAL B 11 0.86 -24.28 -10.67
C VAL B 11 2.20 -23.68 -11.11
N ASN B 12 2.13 -22.72 -12.04
CA ASN B 12 3.35 -22.09 -12.54
C ASN B 12 3.99 -21.25 -11.44
N LEU B 13 4.61 -21.91 -10.48
CA LEU B 13 5.27 -21.22 -9.38
C LEU B 13 4.32 -20.20 -8.75
N GLU B 14 4.01 -20.41 -7.48
CA GLU B 14 3.12 -19.49 -6.77
C GLU B 14 3.82 -18.17 -6.51
N LEU B 15 3.44 -17.15 -7.27
CA LEU B 15 4.04 -15.83 -7.11
C LEU B 15 4.21 -15.52 -5.63
N THR B 16 5.46 -15.40 -5.19
CA THR B 16 5.74 -15.12 -3.78
C THR B 16 5.75 -13.61 -3.52
N ALA B 17 5.62 -13.22 -2.25
CA ALA B 17 5.65 -11.81 -1.91
C ALA B 17 7.04 -11.23 -2.15
N GLU B 18 8.01 -12.10 -2.46
CA GLU B 18 9.36 -11.62 -2.71
C GLU B 18 9.33 -10.65 -3.88
N GLU B 19 8.82 -11.14 -5.01
CA GLU B 19 8.70 -10.32 -6.20
C GLU B 19 7.43 -9.48 -6.11
N TRP B 20 6.42 -10.04 -5.46
CA TRP B 20 5.13 -9.34 -5.28
C TRP B 20 5.30 -8.13 -4.39
N LYS B 21 6.14 -8.28 -3.37
CA LYS B 21 6.39 -7.17 -2.45
C LYS B 21 7.08 -6.03 -3.16
N LYS B 22 8.01 -6.36 -4.06
CA LYS B 22 8.72 -5.33 -4.80
C LYS B 22 7.73 -4.43 -5.54
N LYS B 23 6.81 -5.05 -6.26
CA LYS B 23 5.79 -4.29 -6.99
C LYS B 23 4.91 -3.53 -6.00
N TYR B 24 4.61 -4.17 -4.87
CA TYR B 24 3.78 -3.56 -3.84
C TYR B 24 4.41 -2.26 -3.35
N GLU B 25 5.73 -2.27 -3.17
CA GLU B 25 6.43 -1.08 -2.70
C GLU B 25 6.14 0.11 -3.61
N LYS B 26 6.29 -0.09 -4.91
CA LYS B 26 6.03 0.97 -5.88
C LYS B 26 4.55 1.35 -5.88
N GLU B 27 3.69 0.35 -5.82
CA GLU B 27 2.25 0.59 -5.82
C GLU B 27 1.85 1.44 -4.62
N LYS B 28 2.43 1.13 -3.46
CA LYS B 28 2.12 1.87 -2.24
C LYS B 28 2.51 3.33 -2.41
N GLU B 29 3.61 3.57 -3.12
CA GLU B 29 4.06 4.94 -3.36
C GLU B 29 2.94 5.76 -3.96
N LYS B 30 2.12 5.14 -4.81
CA LYS B 30 1.01 5.85 -5.44
C LYS B 30 -0.02 6.26 -4.39
N ASN B 31 -0.45 5.29 -3.57
CA ASN B 31 -1.42 5.58 -2.53
C ASN B 31 -0.85 6.56 -1.51
N LYS B 32 0.42 6.38 -1.17
CA LYS B 32 1.07 7.26 -0.22
C LYS B 32 1.11 8.68 -0.79
N ALA B 33 1.39 8.76 -2.09
CA ALA B 33 1.45 10.04 -2.77
C ALA B 33 0.09 10.72 -2.75
N LEU B 34 -0.97 9.92 -2.87
CA LEU B 34 -2.33 10.45 -2.86
C LEU B 34 -2.62 11.11 -1.53
N LYS B 35 -2.16 10.49 -0.45
CA LYS B 35 -2.41 11.05 0.86
C LYS B 35 -1.92 12.49 0.91
N SER B 36 -0.70 12.70 0.43
CA SER B 36 -0.13 14.05 0.39
C SER B 36 -0.91 14.93 -0.59
N VAL B 37 -1.29 14.36 -1.74
CA VAL B 37 -2.04 15.10 -2.75
C VAL B 37 -3.38 15.54 -2.21
N ILE B 38 -3.96 14.73 -1.34
CA ILE B 38 -5.26 15.07 -0.78
C ILE B 38 -5.15 16.38 -0.02
N GLN B 39 -4.12 16.51 0.79
CA GLN B 39 -3.91 17.72 1.57
C GLN B 39 -3.74 18.92 0.64
N HIS B 40 -3.08 18.70 -0.49
CA HIS B 40 -2.86 19.78 -1.45
C HIS B 40 -4.18 20.33 -1.96
N LEU B 41 -5.04 19.45 -2.47
CA LEU B 41 -6.33 19.88 -3.00
C LEU B 41 -7.24 20.42 -1.89
N GLU B 42 -7.22 19.76 -0.74
CA GLU B 42 -8.06 20.18 0.39
C GLU B 42 -7.62 21.55 0.91
N VAL B 43 -6.31 21.78 0.89
CA VAL B 43 -5.78 23.06 1.34
C VAL B 43 -6.22 24.15 0.37
N GLU B 44 -6.50 23.74 -0.86
CA GLU B 44 -6.92 24.68 -1.88
C GLU B 44 -8.27 25.30 -1.53
N LEU B 45 -9.20 24.47 -1.08
CA LEU B 45 -10.53 24.97 -0.74
C LEU B 45 -10.45 25.98 0.42
N ASN B 46 -9.56 25.74 1.37
CA ASN B 46 -9.45 26.61 2.52
C ASN B 46 -8.57 27.84 2.26
N ARG B 47 -7.85 27.84 1.15
CA ARG B 47 -6.94 28.95 0.86
C ARG B 47 -7.51 29.95 -0.15
N TRP B 48 -7.99 29.44 -1.27
CA TRP B 48 -8.47 30.29 -2.35
C TRP B 48 -9.84 30.90 -2.03
N ARG B 49 -10.52 30.35 -1.05
CA ARG B 49 -11.82 30.88 -0.66
C ARG B 49 -11.67 32.31 -0.11
N ASN B 50 -10.62 32.52 0.68
CA ASN B 50 -10.38 33.84 1.25
C ASN B 50 -9.04 34.39 0.78
N GLY B 51 -8.13 33.48 0.41
CA GLY B 51 -6.81 33.90 -0.06
C GLY B 51 -6.10 34.79 0.95
N GLU B 52 -6.00 34.31 2.19
CA GLU B 52 -5.34 35.06 3.26
C GLU B 52 -6.13 36.33 3.58
N ALA B 53 -7.45 36.29 3.33
CA ALA B 53 -8.30 37.43 3.60
C ALA B 53 -8.43 37.66 5.10
N VAL B 54 -8.51 38.94 5.49
CA VAL B 54 -8.63 39.29 6.90
C VAL B 54 -9.52 40.50 7.07
N GLY A 1 35.86 -28.18 8.76
CA GLY A 1 36.11 -29.28 9.73
C GLY A 1 35.03 -30.35 9.57
N SER A 2 35.05 -31.05 8.44
CA SER A 2 34.07 -32.09 8.19
C SER A 2 34.64 -33.13 7.22
N LYS A 3 34.03 -34.31 7.21
CA LYS A 3 34.47 -35.38 6.32
C LYS A 3 33.71 -35.35 5.01
N THR A 4 32.58 -36.05 4.96
CA THR A 4 31.76 -36.10 3.76
C THR A 4 31.14 -34.74 3.49
N ILE A 5 30.80 -34.02 4.56
CA ILE A 5 30.19 -32.70 4.41
C ILE A 5 31.22 -31.69 3.94
N LYS A 6 30.86 -30.92 2.91
CA LYS A 6 31.76 -29.91 2.37
C LYS A 6 31.56 -28.58 3.10
N ASN A 7 32.61 -27.75 3.09
CA ASN A 7 32.54 -26.46 3.76
C ASN A 7 31.50 -25.57 3.10
N THR A 8 30.75 -24.82 3.92
CA THR A 8 29.72 -23.94 3.41
C THR A 8 30.16 -22.48 3.50
N VAL A 9 29.44 -21.59 2.83
CA VAL A 9 29.77 -20.17 2.85
C VAL A 9 28.67 -19.38 3.55
N SER A 10 29.08 -18.49 4.46
CA SER A 10 28.11 -17.69 5.20
C SER A 10 27.18 -16.94 4.24
N VAL A 11 25.89 -17.05 4.49
CA VAL A 11 24.89 -16.37 3.66
C VAL A 11 23.75 -15.85 4.52
N ASN A 12 23.00 -14.88 3.98
CA ASN A 12 21.88 -14.30 4.72
C ASN A 12 20.96 -15.41 5.24
N LEU A 13 20.45 -15.23 6.45
CA LEU A 13 19.56 -16.22 7.04
C LEU A 13 18.60 -16.75 5.98
N GLU A 14 17.89 -17.81 6.32
CA GLU A 14 16.96 -18.42 5.39
C GLU A 14 15.53 -18.12 5.82
N LEU A 15 14.96 -17.06 5.25
CA LEU A 15 13.59 -16.68 5.57
C LEU A 15 12.65 -17.16 4.48
N THR A 16 11.63 -17.92 4.85
CA THR A 16 10.68 -18.43 3.87
C THR A 16 9.63 -17.38 3.57
N ALA A 17 9.32 -17.18 2.28
CA ALA A 17 8.33 -16.20 1.90
C ALA A 17 6.99 -16.52 2.55
N GLU A 18 6.81 -17.77 2.94
CA GLU A 18 5.56 -18.18 3.57
C GLU A 18 5.32 -17.33 4.81
N GLU A 19 6.31 -17.26 5.68
CA GLU A 19 6.19 -16.45 6.89
C GLU A 19 6.56 -14.99 6.58
N TRP A 20 7.52 -14.81 5.70
CA TRP A 20 7.97 -13.47 5.32
C TRP A 20 6.80 -12.69 4.73
N LYS A 21 6.04 -13.34 3.86
CA LYS A 21 4.89 -12.71 3.24
C LYS A 21 3.83 -12.37 4.29
N LYS A 22 3.64 -13.27 5.25
CA LYS A 22 2.64 -13.06 6.30
C LYS A 22 2.75 -11.65 6.87
N LYS A 23 3.96 -11.24 7.22
CA LYS A 23 4.14 -9.91 7.77
C LYS A 23 3.75 -8.85 6.75
N TYR A 24 4.13 -9.09 5.50
CA TYR A 24 3.82 -8.17 4.42
C TYR A 24 2.30 -8.08 4.21
N GLU A 25 1.61 -9.20 4.39
CA GLU A 25 0.17 -9.23 4.20
C GLU A 25 -0.51 -8.18 5.09
N LYS A 26 -0.14 -8.18 6.36
CA LYS A 26 -0.70 -7.21 7.30
C LYS A 26 -0.27 -5.80 6.91
N GLU A 27 0.96 -5.68 6.42
CA GLU A 27 1.48 -4.38 6.02
C GLU A 27 0.60 -3.75 4.95
N LYS A 28 0.17 -4.54 3.98
CA LYS A 28 -0.68 -4.04 2.92
C LYS A 28 -2.01 -3.56 3.48
N GLU A 29 -2.46 -4.23 4.54
CA GLU A 29 -3.73 -3.88 5.19
C GLU A 29 -3.71 -2.42 5.62
N LYS A 30 -2.60 -1.98 6.21
CA LYS A 30 -2.47 -0.60 6.66
C LYS A 30 -2.53 0.36 5.48
N ASN A 31 -1.88 -0.03 4.39
CA ASN A 31 -1.88 0.80 3.18
C ASN A 31 -3.30 0.96 2.67
N LYS A 32 -4.11 -0.08 2.82
CA LYS A 32 -5.49 -0.03 2.39
C LYS A 32 -6.23 1.04 3.19
N ALA A 33 -5.93 1.14 4.47
CA ALA A 33 -6.56 2.14 5.32
C ALA A 33 -6.33 3.52 4.73
N LEU A 34 -5.21 3.69 4.05
CA LEU A 34 -4.90 4.97 3.42
C LEU A 34 -5.97 5.26 2.37
N LYS A 35 -6.38 4.23 1.65
CA LYS A 35 -7.43 4.39 0.64
C LYS A 35 -8.64 5.06 1.29
N SER A 36 -8.95 4.63 2.51
CA SER A 36 -10.07 5.21 3.24
C SER A 36 -9.83 6.71 3.39
N VAL A 37 -8.56 7.11 3.34
CA VAL A 37 -8.20 8.53 3.46
C VAL A 37 -8.81 9.30 2.29
N ILE A 38 -8.87 8.66 1.13
CA ILE A 38 -9.45 9.32 -0.05
C ILE A 38 -10.89 9.69 0.27
N GLN A 39 -11.59 8.76 0.89
CA GLN A 39 -12.97 9.02 1.28
C GLN A 39 -13.02 9.90 2.52
N HIS A 40 -11.86 10.11 3.13
CA HIS A 40 -11.79 10.92 4.34
C HIS A 40 -11.59 12.39 4.00
N LEU A 41 -10.48 12.70 3.32
CA LEU A 41 -10.18 14.08 2.98
C LEU A 41 -11.27 14.63 2.05
N GLU A 42 -11.70 13.81 1.10
CA GLU A 42 -12.72 14.21 0.14
C GLU A 42 -14.08 14.37 0.81
N VAL A 43 -14.45 13.41 1.66
CA VAL A 43 -15.74 13.47 2.34
C VAL A 43 -15.80 14.69 3.24
N GLU A 44 -14.73 14.92 3.99
CA GLU A 44 -14.69 16.07 4.89
C GLU A 44 -14.93 17.36 4.11
N LEU A 45 -14.55 17.38 2.84
CA LEU A 45 -14.77 18.58 2.03
C LEU A 45 -16.27 18.86 1.89
N ASN A 46 -17.04 17.85 1.51
CA ASN A 46 -18.48 18.02 1.34
C ASN A 46 -19.17 18.29 2.68
N ARG A 47 -18.71 17.59 3.71
CA ARG A 47 -19.29 17.74 5.04
C ARG A 47 -19.15 19.17 5.54
N TRP A 48 -17.98 19.76 5.34
CA TRP A 48 -17.77 21.14 5.79
C TRP A 48 -18.16 22.14 4.70
N ARG A 49 -17.94 21.75 3.44
CA ARG A 49 -18.26 22.66 2.33
C ARG A 49 -19.55 23.42 2.60
N ASN A 50 -20.65 22.69 2.75
CA ASN A 50 -21.93 23.32 3.03
C ASN A 50 -21.96 23.88 4.44
N GLY A 51 -21.28 23.18 5.34
CA GLY A 51 -21.22 23.62 6.74
C GLY A 51 -22.58 24.10 7.22
N GLU A 52 -23.59 23.27 7.03
CA GLU A 52 -24.94 23.63 7.45
C GLU A 52 -25.26 23.04 8.82
N ALA A 53 -25.43 23.91 9.80
CA ALA A 53 -25.74 23.48 11.16
C ALA A 53 -27.16 22.90 11.23
N VAL A 54 -27.34 21.88 12.06
CA VAL A 54 -28.65 21.27 12.20
C VAL A 54 -28.84 20.75 13.62
N GLY B 1 2.50 -41.41 -9.68
CA GLY B 1 3.29 -42.18 -10.68
C GLY B 1 4.77 -41.86 -10.52
N SER B 2 5.35 -42.30 -9.42
CA SER B 2 6.77 -42.06 -9.16
C SER B 2 7.34 -43.14 -8.25
N LYS B 3 8.66 -43.28 -8.25
CA LYS B 3 9.32 -44.28 -7.43
C LYS B 3 9.72 -43.69 -6.08
N THR B 4 10.93 -43.12 -6.02
CA THR B 4 11.41 -42.52 -4.79
C THR B 4 10.61 -41.26 -4.44
N ILE B 5 10.19 -40.54 -5.47
CA ILE B 5 9.41 -39.32 -5.27
C ILE B 5 8.01 -39.66 -4.79
N LYS B 6 7.56 -38.99 -3.73
CA LYS B 6 6.23 -39.23 -3.19
C LYS B 6 5.22 -38.31 -3.87
N ASN B 7 3.95 -38.73 -3.87
CA ASN B 7 2.90 -37.94 -4.49
C ASN B 7 2.73 -36.61 -3.77
N THR B 8 2.49 -35.55 -4.53
CA THR B 8 2.32 -34.23 -3.94
C THR B 8 0.85 -33.81 -4.00
N VAL B 9 0.51 -32.75 -3.29
CA VAL B 9 -0.87 -32.26 -3.27
C VAL B 9 -0.94 -30.87 -3.90
N SER B 10 -1.92 -30.69 -4.79
CA SER B 10 -2.07 -29.41 -5.47
C SER B 10 -2.19 -28.27 -4.45
N VAL B 11 -1.40 -27.22 -4.66
CA VAL B 11 -1.41 -26.07 -3.77
C VAL B 11 -1.25 -24.78 -4.56
N ASN B 12 -1.65 -23.66 -3.96
CA ASN B 12 -1.53 -22.37 -4.65
C ASN B 12 -0.11 -22.17 -5.16
N LEU B 13 0.01 -21.59 -6.34
CA LEU B 13 1.31 -21.34 -6.93
C LEU B 13 2.29 -20.87 -5.86
N GLU B 14 3.57 -20.84 -6.21
CA GLU B 14 4.59 -20.43 -5.26
C GLU B 14 5.12 -19.05 -5.62
N LEU B 15 4.54 -18.02 -5.00
CA LEU B 15 4.96 -16.66 -5.25
C LEU B 15 5.87 -16.18 -4.14
N THR B 16 7.06 -15.72 -4.51
CA THR B 16 8.02 -15.25 -3.51
C THR B 16 7.71 -13.81 -3.13
N ALA B 17 7.72 -13.51 -1.83
CA ALA B 17 7.43 -12.16 -1.37
C ALA B 17 8.42 -11.18 -1.99
N GLU B 18 9.57 -11.69 -2.41
CA GLU B 18 10.59 -10.84 -3.01
C GLU B 18 10.00 -10.10 -4.20
N GLU B 19 9.39 -10.86 -5.11
CA GLU B 19 8.76 -10.25 -6.28
C GLU B 19 7.34 -9.79 -5.94
N TRP B 20 6.68 -10.55 -5.09
CA TRP B 20 5.32 -10.21 -4.69
C TRP B 20 5.30 -8.84 -4.02
N LYS B 21 6.26 -8.60 -3.15
CA LYS B 21 6.36 -7.32 -2.47
C LYS B 21 6.64 -6.20 -3.47
N LYS B 22 7.50 -6.48 -4.45
CA LYS B 22 7.85 -5.47 -5.45
C LYS B 22 6.61 -4.77 -5.98
N LYS B 23 5.61 -5.54 -6.36
CA LYS B 23 4.38 -4.95 -6.87
C LYS B 23 3.71 -4.10 -5.80
N TYR B 24 3.72 -4.61 -4.58
CA TYR B 24 3.12 -3.90 -3.45
C TYR B 24 3.87 -2.60 -3.17
N GLU B 25 5.19 -2.62 -3.37
CA GLU B 25 6.01 -1.43 -3.13
C GLU B 25 5.47 -0.25 -3.96
N LYS B 26 5.26 -0.49 -5.25
CA LYS B 26 4.74 0.55 -6.12
C LYS B 26 3.33 0.94 -5.71
N GLU B 27 2.56 -0.06 -5.26
CA GLU B 27 1.20 0.19 -4.83
C GLU B 27 1.16 1.22 -3.72
N LYS B 28 2.06 1.10 -2.75
CA LYS B 28 2.10 2.04 -1.64
C LYS B 28 2.43 3.44 -2.15
N GLU B 29 3.22 3.50 -3.21
CA GLU B 29 3.61 4.78 -3.79
C GLU B 29 2.37 5.60 -4.18
N LYS B 30 1.39 4.92 -4.79
CA LYS B 30 0.16 5.58 -5.21
C LYS B 30 -0.61 6.09 -3.99
N ASN B 31 -0.62 5.29 -2.92
CA ASN B 31 -1.31 5.67 -1.71
C ASN B 31 -0.67 6.93 -1.13
N LYS B 32 0.64 7.05 -1.30
CA LYS B 32 1.36 8.22 -0.81
C LYS B 32 0.84 9.46 -1.53
N ALA B 33 0.59 9.32 -2.83
CA ALA B 33 0.09 10.43 -3.62
C ALA B 33 -1.19 10.96 -2.99
N LEU B 34 -1.93 10.07 -2.34
CA LEU B 34 -3.17 10.49 -1.68
C LEU B 34 -2.84 11.48 -0.59
N LYS B 35 -1.74 11.23 0.11
CA LYS B 35 -1.30 12.14 1.16
C LYS B 35 -1.20 13.56 0.58
N SER B 36 -0.69 13.65 -0.64
CA SER B 36 -0.57 14.93 -1.30
C SER B 36 -1.95 15.56 -1.42
N VAL B 37 -2.98 14.71 -1.40
CA VAL B 37 -4.36 15.18 -1.48
C VAL B 37 -4.69 16.05 -0.26
N ILE B 38 -4.11 15.70 0.88
CA ILE B 38 -4.34 16.49 2.10
C ILE B 38 -3.87 17.90 1.85
N GLN B 39 -2.71 18.03 1.22
CA GLN B 39 -2.18 19.34 0.91
C GLN B 39 -2.90 19.92 -0.31
N HIS B 40 -3.72 19.09 -0.96
CA HIS B 40 -4.44 19.53 -2.15
C HIS B 40 -5.79 20.15 -1.77
N LEU B 41 -6.63 19.35 -1.13
CA LEU B 41 -7.95 19.82 -0.73
C LEU B 41 -7.82 20.99 0.25
N GLU B 42 -6.88 20.87 1.19
CA GLU B 42 -6.67 21.89 2.19
C GLU B 42 -6.07 23.15 1.58
N VAL B 43 -5.07 22.98 0.72
CA VAL B 43 -4.42 24.13 0.08
C VAL B 43 -5.43 24.88 -0.77
N GLU B 44 -6.21 24.15 -1.55
CA GLU B 44 -7.20 24.78 -2.41
C GLU B 44 -8.14 25.64 -1.58
N LEU B 45 -8.36 25.26 -0.32
CA LEU B 45 -9.24 26.07 0.53
C LEU B 45 -8.66 27.47 0.73
N ASN B 46 -7.39 27.54 1.11
CA ASN B 46 -6.75 28.84 1.33
C ASN B 46 -6.62 29.63 0.04
N ARG B 47 -6.28 28.93 -1.03
CA ARG B 47 -6.09 29.56 -2.33
C ARG B 47 -7.38 30.24 -2.80
N TRP B 48 -8.52 29.58 -2.61
CA TRP B 48 -9.79 30.16 -3.02
C TRP B 48 -10.41 30.97 -1.89
N ARG B 49 -10.20 30.52 -0.65
CA ARG B 49 -10.77 31.21 0.50
C ARG B 49 -10.71 32.72 0.30
N ASN B 50 -9.50 33.25 0.17
CA ASN B 50 -9.35 34.69 -0.03
C ASN B 50 -9.80 35.09 -1.43
N GLY B 51 -9.60 34.19 -2.38
CA GLY B 51 -10.00 34.44 -3.77
C GLY B 51 -9.68 35.87 -4.17
N GLU B 52 -8.42 36.26 -3.97
CA GLU B 52 -7.99 37.61 -4.32
C GLU B 52 -7.35 37.62 -5.70
N ALA B 53 -8.00 38.29 -6.65
CA ALA B 53 -7.47 38.38 -8.01
C ALA B 53 -6.22 39.26 -8.04
N VAL B 54 -5.27 38.91 -8.90
CA VAL B 54 -4.03 39.68 -9.01
C VAL B 54 -3.50 39.62 -10.44
N GLY A 1 45.69 -7.08 0.54
CA GLY A 1 44.89 -7.37 -0.68
C GLY A 1 44.02 -8.60 -0.43
N SER A 2 44.54 -9.55 0.33
CA SER A 2 43.80 -10.78 0.64
C SER A 2 42.71 -11.01 -0.39
N LYS A 3 42.98 -11.87 -1.36
CA LYS A 3 42.01 -12.17 -2.40
C LYS A 3 41.55 -13.63 -2.30
N THR A 4 40.24 -13.83 -2.25
CA THR A 4 39.68 -15.18 -2.14
C THR A 4 40.69 -16.12 -1.50
N ILE A 5 40.77 -16.08 -0.17
CA ILE A 5 41.70 -16.94 0.55
C ILE A 5 40.94 -17.97 1.39
N LYS A 6 41.33 -19.23 1.24
CA LYS A 6 40.68 -20.31 1.98
C LYS A 6 39.16 -20.18 1.93
N ASN A 7 38.62 -19.35 2.83
CA ASN A 7 37.18 -19.14 2.88
C ASN A 7 36.75 -18.04 1.92
N THR A 8 36.00 -18.42 0.88
CA THR A 8 35.52 -17.46 -0.09
C THR A 8 34.10 -17.01 0.25
N VAL A 9 33.64 -15.96 -0.41
CA VAL A 9 32.30 -15.44 -0.16
C VAL A 9 31.26 -16.24 -0.93
N SER A 10 30.54 -17.10 -0.21
CA SER A 10 29.51 -17.93 -0.83
C SER A 10 28.13 -17.52 -0.35
N VAL A 11 27.11 -17.86 -1.12
CA VAL A 11 25.74 -17.51 -0.76
C VAL A 11 25.22 -18.46 0.32
N ASN A 12 24.63 -17.88 1.37
CA ASN A 12 24.09 -18.68 2.46
C ASN A 12 22.97 -17.93 3.17
N LEU A 13 22.37 -16.97 2.47
CA LEU A 13 21.29 -16.19 3.05
C LEU A 13 20.01 -16.33 2.22
N GLU A 14 18.94 -16.72 2.88
CA GLU A 14 17.65 -16.87 2.21
C GLU A 14 16.51 -16.63 3.19
N LEU A 15 15.54 -15.82 2.77
CA LEU A 15 14.41 -15.54 3.62
C LEU A 15 13.22 -16.40 3.21
N THR A 16 12.72 -17.21 4.14
CA THR A 16 11.58 -18.07 3.84
C THR A 16 10.35 -17.22 3.56
N ALA A 17 9.56 -17.63 2.57
CA ALA A 17 8.38 -16.87 2.20
C ALA A 17 7.33 -16.80 3.30
N GLU A 18 7.07 -17.91 3.99
CA GLU A 18 6.06 -17.89 5.04
C GLU A 18 6.17 -16.59 5.84
N GLU A 19 7.41 -16.17 6.13
CA GLU A 19 7.64 -14.94 6.86
C GLU A 19 7.48 -13.74 5.94
N TRP A 20 7.98 -13.89 4.72
CA TRP A 20 7.90 -12.81 3.74
C TRP A 20 6.45 -12.40 3.50
N LYS A 21 5.59 -13.40 3.31
CA LYS A 21 4.17 -13.13 3.08
C LYS A 21 3.54 -12.53 4.33
N LYS A 22 4.06 -12.92 5.49
CA LYS A 22 3.54 -12.42 6.76
C LYS A 22 3.70 -10.91 6.86
N LYS A 23 4.88 -10.41 6.54
CA LYS A 23 5.14 -8.97 6.61
C LYS A 23 4.26 -8.22 5.61
N TYR A 24 4.15 -8.77 4.41
CA TYR A 24 3.35 -8.16 3.36
C TYR A 24 1.87 -8.12 3.78
N GLU A 25 1.42 -9.16 4.46
CA GLU A 25 0.03 -9.24 4.91
C GLU A 25 -0.36 -7.98 5.69
N LYS A 26 0.43 -7.65 6.71
CA LYS A 26 0.16 -6.48 7.53
C LYS A 26 0.30 -5.19 6.71
N GLU A 27 1.26 -5.18 5.80
CA GLU A 27 1.52 -4.02 4.97
C GLU A 27 0.26 -3.64 4.16
N LYS A 28 -0.40 -4.63 3.60
CA LYS A 28 -1.61 -4.38 2.82
C LYS A 28 -2.69 -3.75 3.68
N GLU A 29 -2.79 -4.20 4.91
CA GLU A 29 -3.81 -3.66 5.82
C GLU A 29 -3.60 -2.16 6.04
N LYS A 30 -2.34 -1.75 6.14
CA LYS A 30 -2.02 -0.34 6.35
C LYS A 30 -2.49 0.50 5.16
N ASN A 31 -2.17 0.05 3.94
CA ASN A 31 -2.57 0.77 2.74
C ASN A 31 -4.08 0.78 2.58
N LYS A 32 -4.73 -0.31 2.96
CA LYS A 32 -6.18 -0.40 2.83
C LYS A 32 -6.83 0.72 3.64
N ALA A 33 -6.34 0.92 4.86
CA ALA A 33 -6.89 1.97 5.71
C ALA A 33 -6.60 3.36 5.13
N LEU A 34 -5.44 3.51 4.51
CA LEU A 34 -5.06 4.79 3.91
C LEU A 34 -6.01 5.17 2.78
N LYS A 35 -6.40 4.20 1.97
CA LYS A 35 -7.31 4.48 0.86
C LYS A 35 -8.61 5.05 1.40
N SER A 36 -9.12 4.45 2.47
CA SER A 36 -10.36 4.91 3.08
C SER A 36 -10.22 6.37 3.52
N VAL A 37 -9.00 6.74 3.93
CA VAL A 37 -8.75 8.09 4.39
C VAL A 37 -8.95 9.09 3.26
N ILE A 38 -8.46 8.75 2.07
CA ILE A 38 -8.61 9.64 0.93
C ILE A 38 -10.08 9.93 0.69
N GLN A 39 -10.87 8.86 0.65
CA GLN A 39 -12.31 9.00 0.43
C GLN A 39 -12.93 9.80 1.57
N HIS A 40 -12.45 9.55 2.78
CA HIS A 40 -12.96 10.24 3.96
C HIS A 40 -12.80 11.74 3.81
N LEU A 41 -11.60 12.17 3.43
CA LEU A 41 -11.32 13.59 3.27
C LEU A 41 -12.17 14.22 2.16
N GLU A 42 -12.32 13.51 1.05
CA GLU A 42 -13.10 14.05 -0.06
C GLU A 42 -14.53 14.36 0.39
N VAL A 43 -15.08 13.51 1.25
CA VAL A 43 -16.43 13.72 1.73
C VAL A 43 -16.52 15.05 2.50
N GLU A 44 -15.54 15.26 3.39
CA GLU A 44 -15.50 16.48 4.17
C GLU A 44 -15.21 17.68 3.28
N LEU A 45 -14.62 17.43 2.12
CA LEU A 45 -14.32 18.51 1.18
C LEU A 45 -15.61 19.17 0.69
N ASN A 46 -16.61 18.36 0.40
CA ASN A 46 -17.88 18.88 -0.07
C ASN A 46 -18.52 19.73 1.02
N ARG A 47 -18.46 19.23 2.25
CA ARG A 47 -19.02 19.93 3.40
C ARG A 47 -18.04 21.00 3.88
N TRP A 48 -16.84 20.94 3.33
CA TRP A 48 -15.78 21.88 3.66
C TRP A 48 -16.29 23.32 3.58
N ARG A 49 -17.43 23.49 2.93
CA ARG A 49 -18.02 24.81 2.76
C ARG A 49 -18.29 25.45 4.12
N ASN A 50 -18.47 24.62 5.14
CA ASN A 50 -18.73 25.12 6.48
C ASN A 50 -17.55 25.95 6.97
N GLY A 51 -16.37 25.67 6.44
CA GLY A 51 -15.17 26.41 6.83
C GLY A 51 -14.30 25.58 7.79
N GLU A 52 -13.96 24.37 7.36
CA GLU A 52 -13.14 23.49 8.18
C GLU A 52 -11.69 23.96 8.20
N ALA A 53 -11.34 24.84 7.25
CA ALA A 53 -9.98 25.36 7.16
C ALA A 53 -9.66 26.24 8.36
N VAL A 54 -8.41 26.18 8.82
CA VAL A 54 -8.00 26.98 9.97
C VAL A 54 -8.76 28.30 10.01
N GLY B 1 -20.67 -38.05 -10.12
CA GLY B 1 -20.25 -37.73 -8.72
C GLY B 1 -18.74 -37.68 -8.63
N SER B 2 -18.07 -38.55 -9.40
CA SER B 2 -16.61 -38.59 -9.40
C SER B 2 -16.06 -37.97 -8.12
N LYS B 3 -15.71 -38.82 -7.16
CA LYS B 3 -15.16 -38.34 -5.89
C LYS B 3 -13.71 -38.78 -5.74
N THR B 4 -12.84 -37.81 -5.46
CA THR B 4 -11.42 -38.10 -5.29
C THR B 4 -11.03 -39.36 -6.06
N ILE B 5 -10.83 -39.23 -7.36
CA ILE B 5 -10.46 -40.36 -8.19
C ILE B 5 -9.03 -40.21 -8.73
N LYS B 6 -8.23 -41.26 -8.54
CA LYS B 6 -6.85 -41.24 -9.00
C LYS B 6 -6.17 -39.93 -8.61
N ASN B 7 -6.36 -38.90 -9.43
CA ASN B 7 -5.75 -37.60 -9.15
C ASN B 7 -6.64 -36.77 -8.23
N THR B 8 -6.15 -36.51 -7.02
CA THR B 8 -6.89 -35.72 -6.06
C THR B 8 -6.43 -34.26 -6.10
N VAL B 9 -7.20 -33.38 -5.46
CA VAL B 9 -6.85 -31.97 -5.45
C VAL B 9 -5.80 -31.68 -4.38
N SER B 10 -4.57 -31.48 -4.82
CA SER B 10 -3.48 -31.20 -3.89
C SER B 10 -2.98 -29.77 -4.07
N VAL B 11 -2.32 -29.24 -3.04
CA VAL B 11 -1.79 -27.88 -3.10
C VAL B 11 -0.52 -27.83 -3.93
N ASN B 12 -0.45 -26.89 -4.86
CA ASN B 12 0.71 -26.74 -5.72
C ASN B 12 0.85 -25.31 -6.21
N LEU B 13 0.24 -24.38 -5.49
CA LEU B 13 0.29 -22.97 -5.87
C LEU B 13 0.92 -22.14 -4.76
N GLU B 14 1.94 -21.38 -5.10
CA GLU B 14 2.61 -20.52 -4.14
C GLU B 14 3.22 -19.32 -4.83
N LEU B 15 2.99 -18.13 -4.28
CA LEU B 15 3.54 -16.93 -4.88
C LEU B 15 4.79 -16.50 -4.11
N THR B 16 5.92 -16.42 -4.81
CA THR B 16 7.16 -16.03 -4.16
C THR B 16 7.06 -14.59 -3.68
N ALA B 17 7.61 -14.30 -2.51
CA ALA B 17 7.53 -12.97 -1.94
C ALA B 17 8.26 -11.92 -2.77
N GLU B 18 9.45 -12.25 -3.25
CA GLU B 18 10.20 -11.26 -4.04
C GLU B 18 9.25 -10.51 -4.96
N GLU B 19 8.32 -11.24 -5.57
CA GLU B 19 7.34 -10.64 -6.47
C GLU B 19 6.24 -9.96 -5.66
N TRP B 20 5.84 -10.62 -4.58
CA TRP B 20 4.78 -10.08 -3.73
C TRP B 20 5.17 -8.70 -3.19
N LYS B 21 6.40 -8.58 -2.71
CA LYS B 21 6.89 -7.32 -2.18
C LYS B 21 6.99 -6.29 -3.30
N LYS B 22 7.28 -6.77 -4.50
CA LYS B 22 7.43 -5.89 -5.65
C LYS B 22 6.13 -5.15 -5.94
N LYS B 23 5.02 -5.87 -5.96
CA LYS B 23 3.73 -5.27 -6.24
C LYS B 23 3.36 -4.27 -5.13
N TYR B 24 3.60 -4.66 -3.89
CA TYR B 24 3.32 -3.81 -2.75
C TYR B 24 4.14 -2.52 -2.81
N GLU B 25 5.40 -2.65 -3.26
CA GLU B 25 6.29 -1.49 -3.36
C GLU B 25 5.64 -0.36 -4.15
N LYS B 26 5.17 -0.68 -5.35
CA LYS B 26 4.52 0.33 -6.21
C LYS B 26 3.22 0.82 -5.57
N GLU B 27 2.50 -0.09 -4.92
CA GLU B 27 1.24 0.25 -4.29
C GLU B 27 1.41 1.37 -3.25
N LYS B 28 2.46 1.27 -2.45
CA LYS B 28 2.72 2.29 -1.44
C LYS B 28 2.97 3.64 -2.07
N GLU B 29 3.66 3.65 -3.20
CA GLU B 29 3.95 4.89 -3.90
C GLU B 29 2.65 5.60 -4.30
N LYS B 30 1.67 4.83 -4.74
CA LYS B 30 0.39 5.40 -5.16
C LYS B 30 -0.31 6.08 -3.99
N ASN B 31 -0.37 5.40 -2.84
CA ASN B 31 -1.00 5.96 -1.66
C ASN B 31 -0.24 7.17 -1.14
N LYS B 32 1.08 7.14 -1.25
CA LYS B 32 1.89 8.25 -0.78
C LYS B 32 1.49 9.53 -1.52
N ALA B 33 1.33 9.42 -2.83
CA ALA B 33 0.94 10.57 -3.64
C ALA B 33 -0.47 11.04 -3.27
N LEU B 34 -1.34 10.09 -2.96
CA LEU B 34 -2.72 10.42 -2.61
C LEU B 34 -2.77 11.25 -1.33
N LYS B 35 -1.94 10.91 -0.36
CA LYS B 35 -1.93 11.65 0.90
C LYS B 35 -1.59 13.11 0.64
N SER B 36 -0.60 13.33 -0.22
CA SER B 36 -0.20 14.68 -0.57
C SER B 36 -1.37 15.44 -1.18
N VAL B 37 -2.22 14.73 -1.89
CA VAL B 37 -3.37 15.35 -2.53
C VAL B 37 -4.33 15.92 -1.49
N ILE B 38 -4.56 15.17 -0.42
CA ILE B 38 -5.47 15.63 0.63
C ILE B 38 -4.96 16.95 1.18
N GLN B 39 -3.68 17.00 1.51
CA GLN B 39 -3.08 18.19 2.04
C GLN B 39 -3.15 19.32 1.01
N HIS B 40 -2.94 18.96 -0.26
CA HIS B 40 -2.99 19.93 -1.34
C HIS B 40 -4.34 20.62 -1.39
N LEU B 41 -5.41 19.84 -1.34
CA LEU B 41 -6.75 20.38 -1.40
C LEU B 41 -7.05 21.28 -0.20
N GLU B 42 -6.64 20.84 0.99
CA GLU B 42 -6.90 21.63 2.20
C GLU B 42 -6.30 23.03 2.07
N VAL B 43 -5.12 23.11 1.45
CA VAL B 43 -4.48 24.41 1.28
C VAL B 43 -5.34 25.32 0.42
N GLU B 44 -5.85 24.78 -0.68
CA GLU B 44 -6.71 25.55 -1.58
C GLU B 44 -8.03 25.87 -0.90
N LEU B 45 -8.40 25.07 0.10
CA LEU B 45 -9.64 25.32 0.84
C LEU B 45 -9.61 26.66 1.55
N ASN B 46 -8.47 26.98 2.13
CA ASN B 46 -8.33 28.25 2.85
C ASN B 46 -8.45 29.40 1.86
N ARG B 47 -7.80 29.23 0.70
CA ARG B 47 -7.83 30.24 -0.34
C ARG B 47 -9.13 30.12 -1.15
N TRP B 48 -9.84 29.03 -0.89
CA TRP B 48 -11.10 28.75 -1.57
C TRP B 48 -12.02 29.96 -1.50
N ARG B 49 -11.69 30.89 -0.62
CA ARG B 49 -12.50 32.10 -0.45
C ARG B 49 -12.59 32.86 -1.77
N ASN B 50 -11.60 32.69 -2.63
CA ASN B 50 -11.57 33.36 -3.92
C ASN B 50 -12.79 32.95 -4.75
N GLY B 51 -13.29 31.75 -4.49
CA GLY B 51 -14.45 31.25 -5.22
C GLY B 51 -14.03 30.21 -6.26
N GLU B 52 -13.31 29.18 -5.82
CA GLU B 52 -12.85 28.13 -6.72
C GLU B 52 -14.00 27.22 -7.12
N ALA B 53 -15.10 27.30 -6.38
CA ALA B 53 -16.27 26.48 -6.66
C ALA B 53 -16.91 26.88 -7.99
N VAL B 54 -17.42 25.90 -8.72
CA VAL B 54 -18.05 26.17 -10.01
C VAL B 54 -18.71 27.54 -10.00
N GLY A 1 11.21 -24.84 10.46
CA GLY A 1 11.96 -23.55 10.35
C GLY A 1 13.05 -23.52 11.43
N SER A 2 14.01 -22.62 11.25
CA SER A 2 15.10 -22.49 12.20
C SER A 2 14.57 -22.12 13.59
N LYS A 3 13.63 -21.18 13.62
CA LYS A 3 13.04 -20.73 14.88
C LYS A 3 14.07 -19.97 15.70
N THR A 4 15.30 -19.94 15.22
CA THR A 4 16.37 -19.24 15.93
C THR A 4 16.65 -19.90 17.27
N ILE A 5 17.03 -21.18 17.23
CA ILE A 5 17.32 -21.92 18.45
C ILE A 5 18.75 -22.46 18.41
N LYS A 6 19.50 -22.22 19.49
CA LYS A 6 20.88 -22.70 19.57
C LYS A 6 21.49 -22.79 18.17
N ASN A 7 21.33 -23.94 17.54
CA ASN A 7 21.87 -24.14 16.20
C ASN A 7 20.89 -23.66 15.14
N THR A 8 21.19 -22.51 14.55
CA THR A 8 20.32 -21.94 13.51
C THR A 8 21.02 -21.97 12.16
N VAL A 9 20.24 -21.88 11.10
CA VAL A 9 20.79 -21.91 9.74
C VAL A 9 20.36 -20.67 8.96
N SER A 10 21.34 -19.98 8.37
CA SER A 10 21.06 -18.78 7.59
C SER A 10 21.33 -19.03 6.11
N VAL A 11 20.27 -18.95 5.30
CA VAL A 11 20.42 -19.17 3.86
C VAL A 11 19.72 -18.05 3.09
N ASN A 12 20.51 -17.31 2.31
CA ASN A 12 19.96 -16.21 1.52
C ASN A 12 19.16 -16.73 0.35
N LEU A 13 19.75 -17.66 -0.40
CA LEU A 13 19.08 -18.23 -1.57
C LEU A 13 17.94 -17.33 -2.03
N GLU A 14 16.76 -17.54 -1.45
CA GLU A 14 15.59 -16.74 -1.80
C GLU A 14 14.71 -16.52 -0.58
N LEU A 15 14.05 -15.36 -0.53
CA LEU A 15 13.17 -15.06 0.59
C LEU A 15 11.88 -15.85 0.45
N THR A 16 11.51 -16.57 1.52
CA THR A 16 10.28 -17.36 1.49
C THR A 16 9.05 -16.47 1.55
N ALA A 17 8.05 -16.77 0.72
CA ALA A 17 6.82 -15.98 0.71
C ALA A 17 6.04 -16.17 2.01
N GLU A 18 6.40 -17.19 2.78
CA GLU A 18 5.72 -17.46 4.04
C GLU A 18 5.95 -16.30 5.01
N GLU A 19 7.22 -16.02 5.27
CA GLU A 19 7.57 -14.92 6.16
C GLU A 19 7.19 -13.61 5.50
N TRP A 20 7.34 -13.56 4.18
CA TRP A 20 7.00 -12.36 3.42
C TRP A 20 5.52 -12.05 3.56
N LYS A 21 4.69 -13.09 3.61
CA LYS A 21 3.25 -12.90 3.75
C LYS A 21 2.91 -12.17 5.05
N LYS A 22 3.61 -12.54 6.13
CA LYS A 22 3.36 -11.91 7.42
C LYS A 22 3.60 -10.40 7.30
N LYS A 23 4.74 -10.04 6.73
CA LYS A 23 5.07 -8.63 6.55
C LYS A 23 4.06 -7.97 5.62
N TYR A 24 3.70 -8.68 4.55
CA TYR A 24 2.74 -8.17 3.58
C TYR A 24 1.39 -7.88 4.24
N GLU A 25 0.99 -8.76 5.14
CA GLU A 25 -0.29 -8.58 5.83
C GLU A 25 -0.35 -7.21 6.51
N LYS A 26 0.70 -6.86 7.24
CA LYS A 26 0.76 -5.58 7.93
C LYS A 26 0.79 -4.40 6.95
N GLU A 27 1.61 -4.51 5.90
CA GLU A 27 1.73 -3.43 4.93
C GLU A 27 0.37 -3.15 4.27
N LYS A 28 -0.34 -4.21 3.92
CA LYS A 28 -1.65 -4.05 3.28
C LYS A 28 -2.57 -3.22 4.17
N GLU A 29 -2.54 -3.51 5.46
CA GLU A 29 -3.37 -2.78 6.41
C GLU A 29 -3.20 -1.28 6.21
N LYS A 30 -1.97 -0.86 5.90
CA LYS A 30 -1.71 0.56 5.69
C LYS A 30 -2.46 1.09 4.47
N ASN A 31 -2.33 0.41 3.34
CA ASN A 31 -3.04 0.83 2.12
C ASN A 31 -4.54 0.72 2.31
N LYS A 32 -4.98 -0.36 2.95
CA LYS A 32 -6.40 -0.55 3.19
C LYS A 32 -6.91 0.53 4.14
N ALA A 33 -6.14 0.80 5.18
CA ALA A 33 -6.51 1.80 6.16
C ALA A 33 -6.49 3.20 5.56
N LEU A 34 -5.50 3.48 4.71
CA LEU A 34 -5.40 4.78 4.07
C LEU A 34 -6.59 5.04 3.16
N LYS A 35 -7.00 4.03 2.41
CA LYS A 35 -8.11 4.18 1.51
C LYS A 35 -9.35 4.59 2.29
N SER A 36 -9.51 4.04 3.48
CA SER A 36 -10.66 4.36 4.32
C SER A 36 -10.63 5.85 4.69
N VAL A 37 -9.47 6.32 5.12
CA VAL A 37 -9.32 7.71 5.51
C VAL A 37 -9.28 8.63 4.30
N ILE A 38 -8.90 8.08 3.16
CA ILE A 38 -8.84 8.87 1.94
C ILE A 38 -10.22 9.38 1.57
N GLN A 39 -11.20 8.51 1.66
CA GLN A 39 -12.57 8.86 1.34
C GLN A 39 -13.09 9.88 2.36
N HIS A 40 -12.61 9.76 3.59
CA HIS A 40 -13.05 10.67 4.66
C HIS A 40 -12.85 12.12 4.27
N LEU A 41 -11.61 12.45 3.88
CA LEU A 41 -11.28 13.83 3.51
C LEU A 41 -12.03 14.27 2.25
N GLU A 42 -12.17 13.36 1.29
CA GLU A 42 -12.85 13.69 0.04
C GLU A 42 -14.29 14.09 0.31
N VAL A 43 -14.92 13.41 1.26
CA VAL A 43 -16.28 13.73 1.62
C VAL A 43 -16.33 15.15 2.17
N GLU A 44 -15.35 15.48 3.00
CA GLU A 44 -15.27 16.81 3.60
C GLU A 44 -15.38 17.90 2.55
N LEU A 45 -14.62 17.76 1.47
CA LEU A 45 -14.60 18.78 0.42
C LEU A 45 -15.97 19.02 -0.18
N ASN A 46 -16.74 17.96 -0.33
CA ASN A 46 -18.05 18.09 -0.94
C ASN A 46 -19.15 18.35 0.10
N ARG A 47 -18.86 18.04 1.36
CA ARG A 47 -19.86 18.20 2.41
C ARG A 47 -19.71 19.48 3.24
N TRP A 48 -18.48 19.91 3.46
CA TRP A 48 -18.24 21.09 4.30
C TRP A 48 -18.32 22.39 3.51
N ARG A 49 -18.21 22.32 2.19
CA ARG A 49 -18.24 23.54 1.38
C ARG A 49 -19.23 24.55 1.94
N ASN A 50 -20.46 24.13 2.18
CA ASN A 50 -21.47 25.03 2.71
C ASN A 50 -21.55 24.95 4.23
N GLY A 51 -21.27 23.75 4.75
CA GLY A 51 -21.30 23.56 6.20
C GLY A 51 -22.74 23.52 6.73
N GLU A 52 -23.54 22.59 6.20
CA GLU A 52 -24.92 22.46 6.63
C GLU A 52 -25.74 23.67 6.20
N ALA A 53 -27.06 23.54 6.28
CA ALA A 53 -27.95 24.64 5.90
C ALA A 53 -27.88 25.77 6.93
N VAL A 54 -28.01 27.00 6.46
CA VAL A 54 -27.96 28.16 7.36
C VAL A 54 -29.37 28.69 7.63
N GLY B 1 16.56 -18.40 -7.73
CA GLY B 1 15.47 -18.05 -8.69
C GLY B 1 15.91 -18.39 -10.11
N SER B 2 14.94 -18.46 -11.02
CA SER B 2 15.24 -18.77 -12.42
C SER B 2 16.16 -17.70 -13.01
N LYS B 3 15.87 -16.44 -12.73
CA LYS B 3 16.68 -15.34 -13.24
C LYS B 3 16.51 -15.21 -14.75
N THR B 4 15.79 -16.16 -15.34
CA THR B 4 15.57 -16.13 -16.78
C THR B 4 16.88 -16.33 -17.54
N ILE B 5 17.53 -17.46 -17.29
CA ILE B 5 18.79 -17.76 -17.96
C ILE B 5 18.70 -19.07 -18.73
N LYS B 6 19.12 -19.05 -19.99
CA LYS B 6 19.07 -20.24 -20.83
C LYS B 6 17.94 -21.16 -20.38
N ASN B 7 18.24 -22.06 -19.45
CA ASN B 7 17.24 -22.99 -18.95
C ASN B 7 16.45 -22.36 -17.80
N THR B 8 15.22 -21.96 -18.09
CA THR B 8 14.36 -21.35 -17.08
C THR B 8 13.19 -22.28 -16.75
N VAL B 9 12.59 -22.05 -15.58
CA VAL B 9 11.46 -22.88 -15.15
C VAL B 9 10.24 -22.01 -14.85
N SER B 10 9.10 -22.37 -15.43
CA SER B 10 7.87 -21.62 -15.23
C SER B 10 6.87 -22.45 -14.43
N VAL B 11 6.53 -21.98 -13.23
CA VAL B 11 5.58 -22.69 -12.39
C VAL B 11 4.52 -21.74 -11.86
N ASN B 12 3.27 -21.99 -12.23
CA ASN B 12 2.17 -21.15 -11.78
C ASN B 12 1.87 -21.37 -10.31
N LEU B 13 1.71 -22.64 -9.92
CA LEU B 13 1.43 -22.97 -8.54
C LEU B 13 0.86 -21.76 -7.80
N GLU B 14 1.75 -20.96 -7.23
CA GLU B 14 1.33 -19.76 -6.50
C GLU B 14 2.33 -18.64 -6.70
N LEU B 15 1.84 -17.39 -6.71
CA LEU B 15 2.72 -16.25 -6.88
C LEU B 15 3.49 -15.99 -5.59
N THR B 16 4.81 -15.89 -5.70
CA THR B 16 5.63 -15.65 -4.52
C THR B 16 5.47 -14.21 -4.03
N ALA B 17 5.35 -14.04 -2.71
CA ALA B 17 5.20 -12.70 -2.14
C ALA B 17 6.49 -11.89 -2.31
N GLU B 18 7.59 -12.58 -2.63
CA GLU B 18 8.87 -11.90 -2.81
C GLU B 18 8.79 -10.94 -3.99
N GLU B 19 8.43 -11.48 -5.15
CA GLU B 19 8.29 -10.69 -6.35
C GLU B 19 7.10 -9.75 -6.19
N TRP B 20 6.07 -10.24 -5.52
CA TRP B 20 4.87 -9.46 -5.27
C TRP B 20 5.20 -8.23 -4.44
N LYS B 21 6.12 -8.38 -3.49
CA LYS B 21 6.51 -7.27 -2.63
C LYS B 21 7.11 -6.13 -3.45
N LYS B 22 7.92 -6.47 -4.45
CA LYS B 22 8.53 -5.46 -5.29
C LYS B 22 7.45 -4.62 -5.97
N LYS B 23 6.48 -5.31 -6.56
CA LYS B 23 5.38 -4.61 -7.21
C LYS B 23 4.58 -3.80 -6.20
N TYR B 24 4.34 -4.41 -5.03
CA TYR B 24 3.59 -3.75 -3.96
C TYR B 24 4.29 -2.47 -3.52
N GLU B 25 5.61 -2.50 -3.45
CA GLU B 25 6.36 -1.33 -3.03
C GLU B 25 6.02 -0.12 -3.92
N LYS B 26 6.03 -0.34 -5.22
CA LYS B 26 5.71 0.74 -6.17
C LYS B 26 4.25 1.20 -6.05
N GLU B 27 3.33 0.25 -5.96
CA GLU B 27 1.91 0.59 -5.86
C GLU B 27 1.64 1.44 -4.62
N LYS B 28 2.26 1.07 -3.50
CA LYS B 28 2.06 1.82 -2.27
C LYS B 28 2.46 3.28 -2.46
N GLU B 29 3.58 3.49 -3.15
CA GLU B 29 4.05 4.84 -3.41
C GLU B 29 2.92 5.68 -3.98
N LYS B 30 2.08 5.07 -4.82
CA LYS B 30 0.96 5.80 -5.42
C LYS B 30 -0.04 6.26 -4.35
N ASN B 31 -0.47 5.33 -3.50
CA ASN B 31 -1.42 5.68 -2.44
C ASN B 31 -0.78 6.65 -1.45
N LYS B 32 0.48 6.40 -1.12
CA LYS B 32 1.18 7.27 -0.19
C LYS B 32 1.35 8.66 -0.80
N ALA B 33 1.71 8.68 -2.09
CA ALA B 33 1.92 9.93 -2.80
C ALA B 33 0.59 10.68 -2.97
N LEU B 34 -0.47 9.94 -3.26
CA LEU B 34 -1.79 10.57 -3.45
C LEU B 34 -2.27 11.21 -2.16
N LYS B 35 -2.07 10.53 -1.05
CA LYS B 35 -2.50 11.07 0.23
C LYS B 35 -1.83 12.42 0.48
N SER B 36 -0.57 12.54 0.08
CA SER B 36 0.16 13.78 0.26
C SER B 36 -0.50 14.89 -0.55
N VAL B 37 -0.81 14.61 -1.80
CA VAL B 37 -1.44 15.59 -2.67
C VAL B 37 -2.91 15.80 -2.32
N ILE B 38 -3.51 14.80 -1.68
CA ILE B 38 -4.90 14.90 -1.29
C ILE B 38 -5.10 16.02 -0.30
N GLN B 39 -4.19 16.09 0.66
CA GLN B 39 -4.27 17.12 1.69
C GLN B 39 -4.00 18.49 1.06
N HIS B 40 -3.17 18.51 0.02
CA HIS B 40 -2.83 19.76 -0.65
C HIS B 40 -4.08 20.49 -1.11
N LEU B 41 -4.92 19.80 -1.87
CA LEU B 41 -6.15 20.39 -2.41
C LEU B 41 -7.13 20.76 -1.28
N GLU B 42 -7.22 19.92 -0.27
CA GLU B 42 -8.14 20.17 0.84
C GLU B 42 -7.77 21.48 1.54
N VAL B 43 -6.48 21.72 1.66
CA VAL B 43 -6.01 22.96 2.28
C VAL B 43 -6.48 24.14 1.45
N GLU B 44 -6.38 23.99 0.13
CA GLU B 44 -6.79 25.05 -0.78
C GLU B 44 -8.21 25.52 -0.48
N LEU B 45 -9.13 24.58 -0.32
CA LEU B 45 -10.53 24.92 -0.09
C LEU B 45 -10.71 25.78 1.15
N ASN B 46 -9.95 25.51 2.18
CA ASN B 46 -10.10 26.25 3.42
C ASN B 46 -9.18 27.48 3.46
N ARG B 47 -8.16 27.50 2.62
CA ARG B 47 -7.21 28.60 2.63
C ARG B 47 -7.45 29.65 1.53
N TRP B 48 -7.90 29.21 0.38
CA TRP B 48 -8.10 30.15 -0.73
C TRP B 48 -9.47 30.83 -0.70
N ARG B 49 -10.41 30.26 0.03
CA ARG B 49 -11.75 30.86 0.09
C ARG B 49 -11.69 32.39 0.05
N ASN B 50 -10.89 32.97 0.95
CA ASN B 50 -10.79 34.42 0.99
C ASN B 50 -9.61 34.91 0.16
N GLY B 51 -8.56 34.10 0.10
CA GLY B 51 -7.38 34.45 -0.67
C GLY B 51 -6.56 35.53 0.04
N GLU B 52 -6.13 35.25 1.26
CA GLU B 52 -5.34 36.21 2.03
C GLU B 52 -6.17 37.43 2.40
N ALA B 53 -5.66 38.22 3.34
CA ALA B 53 -6.36 39.43 3.77
C ALA B 53 -6.33 40.49 2.67
N VAL B 54 -7.41 41.26 2.58
CA VAL B 54 -7.49 42.31 1.57
C VAL B 54 -7.22 43.68 2.19
N GLY A 1 39.43 -8.83 19.81
CA GLY A 1 38.71 -7.85 20.68
C GLY A 1 39.51 -6.55 20.75
N SER A 2 40.75 -6.65 21.23
CA SER A 2 41.61 -5.48 21.35
C SER A 2 41.99 -4.96 19.96
N LYS A 3 41.83 -5.80 18.95
CA LYS A 3 42.16 -5.41 17.59
C LYS A 3 41.19 -4.35 17.08
N THR A 4 41.74 -3.31 16.46
CA THR A 4 40.91 -2.22 15.94
C THR A 4 40.05 -2.72 14.77
N ILE A 5 40.59 -3.66 14.02
CA ILE A 5 39.87 -4.21 12.87
C ILE A 5 39.00 -5.40 13.29
N LYS A 6 37.72 -5.34 12.94
CA LYS A 6 36.80 -6.41 13.30
C LYS A 6 36.41 -7.20 12.05
N ASN A 7 36.15 -8.49 12.23
CA ASN A 7 35.77 -9.35 11.12
C ASN A 7 34.25 -9.35 10.94
N THR A 8 33.77 -8.66 9.92
CA THR A 8 32.34 -8.59 9.65
C THR A 8 32.00 -9.33 8.36
N VAL A 9 31.01 -10.20 8.43
CA VAL A 9 30.59 -10.98 7.26
C VAL A 9 29.13 -10.71 6.94
N SER A 10 28.86 -10.43 5.66
CA SER A 10 27.50 -10.15 5.22
C SER A 10 26.91 -11.36 4.48
N VAL A 11 26.01 -12.07 5.15
CA VAL A 11 25.39 -13.23 4.57
C VAL A 11 23.87 -13.11 4.62
N ASN A 12 23.21 -13.39 3.49
CA ASN A 12 21.76 -13.29 3.43
C ASN A 12 21.16 -14.60 2.94
N LEU A 13 19.99 -14.95 3.46
CA LEU A 13 19.33 -16.19 3.07
C LEU A 13 18.02 -15.90 2.35
N GLU A 14 17.63 -16.80 1.45
CA GLU A 14 16.40 -16.62 0.70
C GLU A 14 15.21 -16.59 1.65
N LEU A 15 14.72 -15.40 1.92
CA LEU A 15 13.58 -15.22 2.82
C LEU A 15 12.40 -16.03 2.30
N THR A 16 11.76 -16.77 3.21
CA THR A 16 10.62 -17.59 2.83
C THR A 16 9.40 -16.71 2.61
N ALA A 17 8.69 -16.91 1.50
CA ALA A 17 7.51 -16.12 1.21
C ALA A 17 6.46 -16.27 2.31
N GLU A 18 6.51 -17.39 3.02
CA GLU A 18 5.56 -17.63 4.10
C GLU A 18 5.64 -16.49 5.10
N GLU A 19 6.78 -16.40 5.78
CA GLU A 19 7.01 -15.34 6.76
C GLU A 19 7.12 -13.99 6.07
N TRP A 20 7.67 -14.01 4.87
CA TRP A 20 7.84 -12.77 4.10
C TRP A 20 6.48 -12.14 3.82
N LYS A 21 5.51 -12.99 3.47
CA LYS A 21 4.16 -12.53 3.19
C LYS A 21 3.53 -11.91 4.43
N LYS A 22 3.93 -12.42 5.59
CA LYS A 22 3.39 -11.91 6.85
C LYS A 22 3.71 -10.43 7.00
N LYS A 23 4.95 -10.07 6.69
CA LYS A 23 5.36 -8.66 6.79
C LYS A 23 4.55 -7.80 5.83
N TYR A 24 4.41 -8.27 4.59
CA TYR A 24 3.66 -7.56 3.58
C TYR A 24 2.17 -7.48 3.97
N GLU A 25 1.69 -8.51 4.67
CA GLU A 25 0.29 -8.55 5.10
C GLU A 25 -0.05 -7.33 5.94
N LYS A 26 0.84 -6.99 6.86
CA LYS A 26 0.61 -5.83 7.73
C LYS A 26 0.56 -4.56 6.89
N GLU A 27 1.41 -4.50 5.87
CA GLU A 27 1.45 -3.35 4.98
C GLU A 27 0.08 -3.14 4.33
N LYS A 28 -0.59 -4.24 4.00
CA LYS A 28 -1.90 -4.16 3.37
C LYS A 28 -2.88 -3.42 4.27
N GLU A 29 -2.80 -3.67 5.57
CA GLU A 29 -3.69 -3.00 6.49
C GLU A 29 -3.53 -1.49 6.38
N LYS A 30 -2.29 -1.04 6.19
CA LYS A 30 -2.02 0.39 6.07
C LYS A 30 -2.60 0.95 4.77
N ASN A 31 -2.26 0.34 3.64
CA ASN A 31 -2.76 0.80 2.35
C ASN A 31 -4.27 0.67 2.26
N LYS A 32 -4.80 -0.44 2.76
CA LYS A 32 -6.24 -0.64 2.74
C LYS A 32 -6.93 0.44 3.54
N ALA A 33 -6.37 0.76 4.70
CA ALA A 33 -6.93 1.81 5.56
C ALA A 33 -6.79 3.18 4.90
N LEU A 34 -5.66 3.40 4.22
CA LEU A 34 -5.44 4.69 3.54
C LEU A 34 -6.46 4.91 2.45
N LYS A 35 -6.78 3.85 1.70
CA LYS A 35 -7.75 3.98 0.63
C LYS A 35 -9.05 4.55 1.20
N SER A 36 -9.44 4.06 2.37
CA SER A 36 -10.65 4.53 3.04
C SER A 36 -10.46 5.97 3.55
N VAL A 37 -9.23 6.28 3.97
CA VAL A 37 -8.93 7.60 4.49
C VAL A 37 -9.15 8.69 3.45
N ILE A 38 -8.74 8.42 2.21
CA ILE A 38 -8.90 9.39 1.15
C ILE A 38 -10.37 9.69 0.96
N GLN A 39 -11.18 8.64 0.95
CA GLN A 39 -12.61 8.79 0.77
C GLN A 39 -13.17 9.73 1.83
N HIS A 40 -12.67 9.58 3.06
CA HIS A 40 -13.12 10.42 4.17
C HIS A 40 -12.72 11.88 3.94
N LEU A 41 -11.50 12.09 3.46
CA LEU A 41 -11.01 13.43 3.21
C LEU A 41 -11.87 14.15 2.18
N GLU A 42 -12.28 13.43 1.14
CA GLU A 42 -13.11 14.01 0.09
C GLU A 42 -14.45 14.46 0.66
N VAL A 43 -14.97 13.70 1.62
CA VAL A 43 -16.24 14.04 2.25
C VAL A 43 -16.14 15.39 2.96
N GLU A 44 -15.05 15.59 3.67
CA GLU A 44 -14.82 16.84 4.38
C GLU A 44 -14.79 18.01 3.40
N LEU A 45 -14.26 17.76 2.22
CA LEU A 45 -14.17 18.80 1.19
C LEU A 45 -15.56 19.28 0.78
N ASN A 46 -16.46 18.34 0.58
CA ASN A 46 -17.82 18.67 0.18
C ASN A 46 -18.52 19.44 1.29
N ARG A 47 -18.19 19.08 2.53
CA ARG A 47 -18.77 19.72 3.70
C ARG A 47 -18.39 21.20 3.74
N TRP A 48 -17.15 21.50 3.39
CA TRP A 48 -16.70 22.88 3.38
C TRP A 48 -17.42 23.70 2.31
N ARG A 49 -17.71 23.05 1.19
CA ARG A 49 -18.38 23.73 0.07
C ARG A 49 -19.77 24.22 0.47
N ASN A 50 -20.54 23.37 1.16
CA ASN A 50 -21.88 23.76 1.59
C ASN A 50 -21.91 24.02 3.09
N GLY A 51 -21.13 23.24 3.83
CA GLY A 51 -21.05 23.36 5.28
C GLY A 51 -22.44 23.28 5.95
N GLU A 52 -23.49 23.28 5.14
CA GLU A 52 -24.85 23.19 5.66
C GLU A 52 -25.50 21.88 5.21
N ALA A 53 -26.56 21.47 5.91
CA ALA A 53 -27.26 20.24 5.57
C ALA A 53 -27.96 20.38 4.22
N VAL A 54 -28.00 19.29 3.47
CA VAL A 54 -28.65 19.30 2.15
C VAL A 54 -28.05 20.39 1.27
N GLY B 1 -5.43 -27.98 -33.77
CA GLY B 1 -5.43 -26.64 -34.41
C GLY B 1 -6.75 -26.43 -35.16
N SER B 2 -7.02 -27.32 -36.11
CA SER B 2 -8.26 -27.23 -36.89
C SER B 2 -9.47 -27.50 -36.01
N LYS B 3 -9.23 -28.14 -34.86
CA LYS B 3 -10.31 -28.48 -33.95
C LYS B 3 -10.90 -27.21 -33.32
N THR B 4 -12.22 -27.13 -33.30
CA THR B 4 -12.89 -25.96 -32.73
C THR B 4 -12.67 -25.89 -31.23
N ILE B 5 -12.55 -27.05 -30.59
CA ILE B 5 -12.34 -27.11 -29.15
C ILE B 5 -10.85 -27.08 -28.83
N LYS B 6 -10.46 -26.16 -27.95
CA LYS B 6 -9.06 -26.03 -27.58
C LYS B 6 -8.86 -26.51 -26.14
N ASN B 7 -7.68 -27.06 -25.87
CA ASN B 7 -7.37 -27.56 -24.53
C ASN B 7 -6.74 -26.45 -23.68
N THR B 8 -7.52 -25.91 -22.76
CA THR B 8 -7.03 -24.85 -21.88
C THR B 8 -6.91 -25.35 -20.45
N VAL B 9 -5.75 -25.10 -19.83
CA VAL B 9 -5.53 -25.54 -18.46
C VAL B 9 -5.20 -24.34 -17.58
N SER B 10 -5.87 -24.28 -16.43
CA SER B 10 -5.65 -23.18 -15.49
C SER B 10 -4.81 -23.64 -14.31
N VAL B 11 -3.55 -23.23 -14.30
CA VAL B 11 -2.65 -23.61 -13.22
C VAL B 11 -2.01 -22.37 -12.59
N ASN B 12 -2.02 -22.30 -11.27
CA ASN B 12 -1.45 -21.17 -10.57
C ASN B 12 -0.40 -21.64 -9.55
N LEU B 13 0.65 -20.84 -9.37
CA LEU B 13 1.71 -21.18 -8.45
C LEU B 13 1.76 -20.19 -7.29
N GLU B 14 2.20 -20.65 -6.13
CA GLU B 14 2.29 -19.78 -4.98
C GLU B 14 3.27 -18.64 -5.24
N LEU B 15 2.72 -17.47 -5.53
CA LEU B 15 3.53 -16.30 -5.81
C LEU B 15 4.46 -16.02 -4.64
N THR B 16 5.73 -15.78 -4.94
CA THR B 16 6.71 -15.50 -3.90
C THR B 16 6.51 -14.09 -3.36
N ALA B 17 6.48 -13.94 -2.04
CA ALA B 17 6.29 -12.63 -1.44
C ALA B 17 7.41 -11.68 -1.86
N GLU B 18 8.56 -12.24 -2.21
CA GLU B 18 9.68 -11.41 -2.64
C GLU B 18 9.25 -10.54 -3.82
N GLU B 19 8.97 -11.18 -4.94
CA GLU B 19 8.52 -10.48 -6.14
C GLU B 19 7.13 -9.90 -5.92
N TRP B 20 6.32 -10.61 -5.15
CA TRP B 20 4.95 -10.17 -4.86
C TRP B 20 4.99 -8.82 -4.16
N LYS B 21 5.92 -8.68 -3.21
CA LYS B 21 6.07 -7.45 -2.46
C LYS B 21 6.47 -6.31 -3.39
N LYS B 22 7.21 -6.64 -4.43
CA LYS B 22 7.66 -5.63 -5.38
C LYS B 22 6.46 -4.93 -6.02
N LYS B 23 5.46 -5.72 -6.41
CA LYS B 23 4.26 -5.15 -7.02
C LYS B 23 3.54 -4.23 -6.04
N TYR B 24 3.39 -4.71 -4.81
CA TYR B 24 2.74 -3.93 -3.77
C TYR B 24 3.55 -2.67 -3.44
N GLU B 25 4.88 -2.78 -3.57
CA GLU B 25 5.75 -1.65 -3.27
C GLU B 25 5.39 -0.44 -4.14
N LYS B 26 5.14 -0.69 -5.42
CA LYS B 26 4.78 0.39 -6.33
C LYS B 26 3.46 1.02 -5.90
N GLU B 27 2.54 0.17 -5.43
CA GLU B 27 1.25 0.63 -4.97
C GLU B 27 1.42 1.65 -3.84
N LYS B 28 2.41 1.41 -2.98
CA LYS B 28 2.67 2.29 -1.86
C LYS B 28 2.99 3.70 -2.35
N GLU B 29 3.73 3.79 -3.44
CA GLU B 29 4.08 5.10 -3.99
C GLU B 29 2.82 5.87 -4.33
N LYS B 30 1.81 5.16 -4.85
CA LYS B 30 0.55 5.79 -5.21
C LYS B 30 -0.22 6.27 -3.97
N ASN B 31 -0.43 5.37 -3.02
CA ASN B 31 -1.15 5.74 -1.79
C ASN B 31 -0.38 6.79 -0.99
N LYS B 32 0.93 6.62 -0.91
CA LYS B 32 1.75 7.58 -0.17
C LYS B 32 1.63 8.96 -0.81
N ALA B 33 1.65 8.99 -2.14
CA ALA B 33 1.53 10.26 -2.86
C ALA B 33 0.12 10.83 -2.69
N LEU B 34 -0.89 9.96 -2.69
CA LEU B 34 -2.27 10.42 -2.53
C LEU B 34 -2.47 11.07 -1.17
N LYS B 35 -1.87 10.50 -0.14
CA LYS B 35 -2.01 11.05 1.20
C LYS B 35 -1.57 12.52 1.17
N SER B 36 -0.48 12.78 0.47
CA SER B 36 0.03 14.15 0.34
C SER B 36 -0.89 14.99 -0.53
N VAL B 37 -1.50 14.36 -1.53
CA VAL B 37 -2.40 15.06 -2.45
C VAL B 37 -3.59 15.65 -1.71
N ILE B 38 -4.16 14.88 -0.78
CA ILE B 38 -5.32 15.35 -0.03
C ILE B 38 -4.96 16.61 0.73
N GLN B 39 -3.79 16.57 1.37
CA GLN B 39 -3.31 17.71 2.14
C GLN B 39 -3.27 18.95 1.26
N HIS B 40 -2.81 18.78 0.03
CA HIS B 40 -2.73 19.88 -0.92
C HIS B 40 -4.11 20.42 -1.26
N LEU B 41 -5.06 19.51 -1.45
CA LEU B 41 -6.42 19.90 -1.81
C LEU B 41 -7.04 20.75 -0.70
N GLU B 42 -6.78 20.38 0.55
CA GLU B 42 -7.32 21.12 1.69
C GLU B 42 -6.78 22.54 1.72
N VAL B 43 -5.52 22.69 1.31
CA VAL B 43 -4.88 24.01 1.27
C VAL B 43 -5.62 24.92 0.30
N GLU B 44 -5.95 24.38 -0.86
CA GLU B 44 -6.66 25.15 -1.87
C GLU B 44 -8.02 25.61 -1.34
N LEU B 45 -8.63 24.77 -0.50
CA LEU B 45 -9.93 25.10 0.07
C LEU B 45 -9.84 26.34 0.95
N ASN B 46 -8.79 26.41 1.76
CA ASN B 46 -8.60 27.54 2.65
C ASN B 46 -8.34 28.80 1.83
N ARG B 47 -7.65 28.62 0.71
CA ARG B 47 -7.31 29.73 -0.17
C ARG B 47 -8.59 30.35 -0.74
N TRP B 48 -9.56 29.52 -1.08
CA TRP B 48 -10.82 30.02 -1.63
C TRP B 48 -11.60 30.80 -0.57
N ARG B 49 -11.48 30.37 0.68
CA ARG B 49 -12.20 31.03 1.77
C ARG B 49 -11.74 32.48 1.95
N ASN B 50 -10.42 32.70 1.92
CA ASN B 50 -9.89 34.05 2.07
C ASN B 50 -9.38 34.59 0.75
N GLY B 51 -8.80 33.70 -0.06
CA GLY B 51 -8.26 34.06 -1.36
C GLY B 51 -7.25 35.20 -1.28
N GLU B 52 -7.12 35.81 -0.10
CA GLU B 52 -6.19 36.91 0.10
C GLU B 52 -5.11 36.49 1.10
N ALA B 53 -3.98 37.21 1.09
CA ALA B 53 -2.89 36.91 2.00
C ALA B 53 -3.29 37.21 3.44
N VAL B 54 -2.80 36.40 4.37
CA VAL B 54 -3.12 36.59 5.78
C VAL B 54 -4.63 36.58 6.01
N GLY A 1 24.54 7.93 -0.53
CA GLY A 1 24.38 8.41 -1.94
C GLY A 1 22.89 8.45 -2.29
N SER A 2 22.49 7.58 -3.21
CA SER A 2 21.09 7.52 -3.63
C SER A 2 20.19 7.21 -2.45
N LYS A 3 20.61 6.26 -1.62
CA LYS A 3 19.83 5.87 -0.45
C LYS A 3 18.37 5.67 -0.83
N THR A 4 18.13 5.35 -2.09
CA THR A 4 16.77 5.13 -2.57
C THR A 4 16.62 3.72 -3.15
N ILE A 5 17.75 3.05 -3.37
CA ILE A 5 17.73 1.70 -3.92
C ILE A 5 18.33 0.71 -2.92
N LYS A 6 17.61 -0.37 -2.68
CA LYS A 6 18.07 -1.39 -1.74
C LYS A 6 19.28 -2.13 -2.31
N ASN A 7 20.30 -2.31 -1.47
CA ASN A 7 21.51 -3.00 -1.89
C ASN A 7 21.33 -4.51 -1.80
N THR A 8 21.88 -5.23 -2.76
CA THR A 8 21.77 -6.70 -2.77
C THR A 8 23.13 -7.33 -2.49
N VAL A 9 23.14 -8.29 -1.58
CA VAL A 9 24.38 -8.97 -1.22
C VAL A 9 24.26 -10.48 -1.45
N SER A 10 25.24 -11.05 -2.11
CA SER A 10 25.23 -12.49 -2.40
C SER A 10 25.35 -13.29 -1.10
N VAL A 11 24.24 -13.86 -0.66
CA VAL A 11 24.22 -14.65 0.56
C VAL A 11 23.40 -15.92 0.35
N ASN A 12 23.62 -16.90 1.22
CA ASN A 12 22.90 -18.17 1.13
C ASN A 12 21.67 -18.16 2.02
N LEU A 13 20.87 -19.22 1.93
CA LEU A 13 19.65 -19.31 2.73
C LEU A 13 18.73 -18.14 2.45
N GLU A 14 17.86 -18.31 1.46
CA GLU A 14 16.91 -17.26 1.10
C GLU A 14 15.89 -17.05 2.21
N LEU A 15 15.35 -15.84 2.31
CA LEU A 15 14.36 -15.55 3.34
C LEU A 15 13.05 -16.26 3.00
N THR A 16 12.41 -16.81 4.04
CA THR A 16 11.16 -17.53 3.84
C THR A 16 10.00 -16.54 3.76
N ALA A 17 8.86 -17.01 3.28
CA ALA A 17 7.69 -16.16 3.17
C ALA A 17 7.26 -15.68 4.55
N GLU A 18 7.70 -16.38 5.59
CA GLU A 18 7.34 -15.98 6.94
C GLU A 18 7.75 -14.53 7.15
N GLU A 19 8.76 -14.10 6.43
CA GLU A 19 9.24 -12.72 6.53
C GLU A 19 8.59 -11.85 5.47
N TRP A 20 8.76 -12.23 4.20
CA TRP A 20 8.19 -11.45 3.11
C TRP A 20 6.67 -11.43 3.21
N LYS A 21 6.09 -12.54 3.63
CA LYS A 21 4.64 -12.64 3.78
C LYS A 21 4.15 -11.67 4.85
N LYS A 22 4.89 -11.58 5.96
CA LYS A 22 4.51 -10.67 7.03
C LYS A 22 4.47 -9.24 6.52
N LYS A 23 5.47 -8.89 5.73
CA LYS A 23 5.54 -7.54 5.16
C LYS A 23 4.31 -7.31 4.28
N TYR A 24 3.94 -8.34 3.52
CA TYR A 24 2.77 -8.25 2.65
C TYR A 24 1.53 -7.96 3.49
N GLU A 25 1.60 -8.29 4.78
CA GLU A 25 0.49 -8.07 5.70
C GLU A 25 0.45 -6.62 6.18
N LYS A 26 1.56 -6.15 6.75
CA LYS A 26 1.64 -4.79 7.29
C LYS A 26 1.42 -3.75 6.19
N GLU A 27 2.06 -3.96 5.04
CA GLU A 27 1.93 -3.01 3.94
C GLU A 27 0.50 -2.94 3.45
N LYS A 28 -0.14 -4.11 3.32
CA LYS A 28 -1.52 -4.16 2.87
C LYS A 28 -2.47 -3.62 3.94
N GLU A 29 -1.94 -3.41 5.13
CA GLU A 29 -2.77 -2.91 6.23
C GLU A 29 -3.05 -1.42 6.10
N LYS A 30 -2.05 -0.60 6.33
CA LYS A 30 -2.23 0.85 6.29
C LYS A 30 -2.66 1.32 4.90
N ASN A 31 -2.02 0.81 3.86
CA ASN A 31 -2.37 1.22 2.50
C ASN A 31 -3.80 0.84 2.14
N LYS A 32 -4.22 -0.35 2.56
CA LYS A 32 -5.58 -0.77 2.24
C LYS A 32 -6.59 0.15 2.93
N ALA A 33 -6.39 0.36 4.23
CA ALA A 33 -7.27 1.22 5.00
C ALA A 33 -7.11 2.69 4.57
N LEU A 34 -5.88 3.08 4.30
CA LEU A 34 -5.60 4.46 3.89
C LEU A 34 -6.25 4.78 2.57
N LYS A 35 -6.25 3.82 1.65
CA LYS A 35 -6.87 4.04 0.36
C LYS A 35 -8.31 4.49 0.54
N SER A 36 -9.06 3.74 1.35
CA SER A 36 -10.45 4.08 1.63
C SER A 36 -10.52 5.40 2.42
N VAL A 37 -9.59 5.55 3.36
CA VAL A 37 -9.54 6.74 4.20
C VAL A 37 -9.33 8.01 3.38
N ILE A 38 -8.44 7.95 2.40
CA ILE A 38 -8.16 9.13 1.59
C ILE A 38 -9.41 9.59 0.88
N GLN A 39 -10.16 8.64 0.33
CA GLN A 39 -11.38 8.98 -0.39
C GLN A 39 -12.36 9.68 0.54
N HIS A 40 -12.35 9.28 1.81
CA HIS A 40 -13.25 9.88 2.80
C HIS A 40 -13.02 11.37 2.90
N LEU A 41 -11.76 11.78 3.03
CA LEU A 41 -11.45 13.19 3.14
C LEU A 41 -11.86 13.91 1.85
N GLU A 42 -11.62 13.28 0.70
CA GLU A 42 -11.97 13.86 -0.59
C GLU A 42 -13.46 14.13 -0.65
N VAL A 43 -14.23 13.30 0.04
CA VAL A 43 -15.68 13.49 0.09
C VAL A 43 -15.96 14.81 0.78
N GLU A 44 -15.22 15.02 1.87
CA GLU A 44 -15.36 16.25 2.62
C GLU A 44 -14.95 17.45 1.77
N LEU A 45 -14.02 17.24 0.84
CA LEU A 45 -13.52 18.31 -0.03
C LEU A 45 -14.66 18.87 -0.86
N ASN A 46 -15.51 17.98 -1.32
CA ASN A 46 -16.64 18.36 -2.15
C ASN A 46 -17.65 19.23 -1.41
N ARG A 47 -17.97 18.85 -0.18
CA ARG A 47 -18.93 19.61 0.60
C ARG A 47 -18.25 20.82 1.22
N TRP A 48 -16.98 20.66 1.55
CA TRP A 48 -16.20 21.73 2.15
C TRP A 48 -16.65 23.09 1.61
N ARG A 49 -17.16 23.05 0.38
CA ARG A 49 -17.62 24.26 -0.30
C ARG A 49 -18.71 24.98 0.50
N ASN A 50 -19.16 24.34 1.57
CA ASN A 50 -20.19 24.94 2.42
C ASN A 50 -19.65 26.20 3.09
N GLY A 51 -18.36 26.22 3.40
CA GLY A 51 -17.76 27.39 4.04
C GLY A 51 -17.98 27.37 5.55
N GLU A 52 -18.68 26.34 6.03
CA GLU A 52 -18.95 26.22 7.46
C GLU A 52 -19.06 27.61 8.10
N ALA A 53 -19.59 28.57 7.35
CA ALA A 53 -19.75 29.93 7.85
C ALA A 53 -20.80 29.97 8.95
N VAL A 54 -20.58 30.83 9.94
CA VAL A 54 -21.53 30.97 11.05
C VAL A 54 -22.86 31.52 10.54
N GLY B 1 -22.03 -12.65 -3.67
CA GLY B 1 -22.57 -12.39 -2.30
C GLY B 1 -21.86 -11.18 -1.69
N SER B 2 -21.07 -11.44 -0.65
CA SER B 2 -20.34 -10.37 0.02
C SER B 2 -19.39 -9.69 -0.96
N LYS B 3 -18.71 -10.48 -1.77
CA LYS B 3 -17.76 -9.94 -2.75
C LYS B 3 -16.87 -8.89 -2.10
N THR B 4 -16.67 -9.02 -0.80
CA THR B 4 -15.83 -8.08 -0.07
C THR B 4 -14.69 -8.81 0.65
N ILE B 5 -14.79 -10.14 0.71
CA ILE B 5 -13.77 -10.94 1.35
C ILE B 5 -13.11 -11.89 0.35
N LYS B 6 -11.78 -11.88 0.32
CA LYS B 6 -11.05 -12.73 -0.61
C LYS B 6 -11.20 -14.20 -0.21
N ASN B 7 -11.46 -15.05 -1.20
CA ASN B 7 -11.63 -16.48 -0.94
C ASN B 7 -10.28 -17.17 -0.89
N THR B 8 -10.13 -18.13 0.01
CA THR B 8 -8.88 -18.86 0.15
C THR B 8 -9.06 -20.30 -0.33
N VAL B 9 -8.12 -20.77 -1.14
CA VAL B 9 -8.18 -22.13 -1.66
C VAL B 9 -6.91 -22.90 -1.29
N SER B 10 -7.09 -24.11 -0.77
CA SER B 10 -5.95 -24.93 -0.40
C SER B 10 -5.14 -25.35 -1.62
N VAL B 11 -4.00 -24.70 -1.81
CA VAL B 11 -3.13 -25.02 -2.93
C VAL B 11 -1.68 -25.10 -2.49
N ASN B 12 -0.84 -25.73 -3.31
CA ASN B 12 0.57 -25.87 -2.98
C ASN B 12 1.38 -24.75 -3.64
N LEU B 13 2.67 -24.71 -3.32
CA LEU B 13 3.55 -23.69 -3.89
C LEU B 13 3.04 -22.29 -3.54
N GLU B 14 3.49 -21.78 -2.40
CA GLU B 14 3.09 -20.45 -1.95
C GLU B 14 3.66 -19.39 -2.88
N LEU B 15 2.97 -18.25 -2.97
CA LEU B 15 3.45 -17.17 -3.82
C LEU B 15 4.68 -16.53 -3.21
N THR B 16 5.66 -16.21 -4.06
CA THR B 16 6.89 -15.61 -3.58
C THR B 16 6.70 -14.11 -3.38
N ALA B 17 7.64 -13.49 -2.67
CA ALA B 17 7.56 -12.07 -2.42
C ALA B 17 7.63 -11.30 -3.73
N GLU B 18 8.12 -11.95 -4.77
CA GLU B 18 8.21 -11.30 -6.07
C GLU B 18 6.84 -10.78 -6.46
N GLU B 19 5.81 -11.44 -5.97
CA GLU B 19 4.44 -11.05 -6.25
C GLU B 19 3.90 -10.13 -5.16
N TRP B 20 3.91 -10.62 -3.93
CA TRP B 20 3.40 -9.82 -2.81
C TRP B 20 4.23 -8.56 -2.64
N LYS B 21 5.54 -8.66 -2.86
CA LYS B 21 6.43 -7.52 -2.74
C LYS B 21 6.08 -6.46 -3.78
N LYS B 22 5.78 -6.90 -5.01
CA LYS B 22 5.42 -5.96 -6.06
C LYS B 22 4.18 -5.18 -5.66
N LYS B 23 3.21 -5.87 -5.09
CA LYS B 23 1.98 -5.23 -4.66
C LYS B 23 2.31 -4.18 -3.59
N TYR B 24 3.23 -4.53 -2.69
CA TYR B 24 3.66 -3.63 -1.64
C TYR B 24 4.23 -2.36 -2.27
N GLU B 25 4.68 -2.47 -3.51
CA GLU B 25 5.25 -1.34 -4.23
C GLU B 25 4.17 -0.43 -4.82
N LYS B 26 3.27 -1.02 -5.60
CA LYS B 26 2.20 -0.26 -6.25
C LYS B 26 1.28 0.38 -5.21
N GLU B 27 0.91 -0.37 -4.19
CA GLU B 27 0.02 0.15 -3.15
C GLU B 27 0.67 1.31 -2.42
N LYS B 28 1.95 1.17 -2.09
CA LYS B 28 2.68 2.22 -1.39
C LYS B 28 2.93 3.41 -2.32
N GLU B 29 2.67 3.22 -3.60
CA GLU B 29 2.89 4.30 -4.56
C GLU B 29 1.80 5.36 -4.50
N LYS B 30 0.61 5.02 -4.97
CA LYS B 30 -0.49 5.98 -5.00
C LYS B 30 -0.86 6.47 -3.61
N ASN B 31 -0.97 5.54 -2.67
CA ASN B 31 -1.34 5.90 -1.30
C ASN B 31 -0.30 6.82 -0.66
N LYS B 32 0.97 6.55 -0.90
CA LYS B 32 2.01 7.39 -0.32
C LYS B 32 1.92 8.80 -0.88
N ALA B 33 1.85 8.90 -2.21
CA ALA B 33 1.75 10.19 -2.87
C ALA B 33 0.39 10.84 -2.60
N LEU B 34 -0.65 10.03 -2.59
CA LEU B 34 -2.01 10.53 -2.33
C LEU B 34 -2.13 11.11 -0.94
N LYS B 35 -1.49 10.47 0.03
CA LYS B 35 -1.56 10.97 1.39
C LYS B 35 -1.11 12.41 1.43
N SER B 36 0.05 12.69 0.84
CA SER B 36 0.57 14.05 0.78
C SER B 36 -0.32 14.93 -0.08
N VAL B 37 -0.82 14.36 -1.18
CA VAL B 37 -1.68 15.09 -2.10
C VAL B 37 -2.97 15.54 -1.45
N ILE B 38 -3.57 14.67 -0.64
CA ILE B 38 -4.83 15.02 0.02
C ILE B 38 -4.63 16.24 0.91
N GLN B 39 -3.54 16.24 1.65
CA GLN B 39 -3.27 17.36 2.55
C GLN B 39 -3.15 18.66 1.76
N HIS B 40 -2.63 18.56 0.54
CA HIS B 40 -2.46 19.74 -0.31
C HIS B 40 -3.80 20.41 -0.57
N LEU B 41 -4.80 19.62 -0.95
CA LEU B 41 -6.11 20.17 -1.22
C LEU B 41 -6.70 20.78 0.06
N GLU B 42 -6.50 20.10 1.20
CA GLU B 42 -6.99 20.59 2.48
C GLU B 42 -6.41 21.96 2.78
N VAL B 43 -5.19 22.19 2.31
CA VAL B 43 -4.55 23.49 2.51
C VAL B 43 -5.37 24.53 1.77
N GLU B 44 -5.77 24.16 0.56
CA GLU B 44 -6.58 25.05 -0.25
C GLU B 44 -7.93 25.30 0.42
N LEU B 45 -8.41 24.32 1.17
CA LEU B 45 -9.70 24.43 1.86
C LEU B 45 -9.69 25.58 2.84
N ASN B 46 -8.57 25.73 3.51
CA ASN B 46 -8.40 26.78 4.50
C ASN B 46 -8.44 28.18 3.88
N ARG B 47 -7.74 28.36 2.76
CA ARG B 47 -7.72 29.67 2.12
C ARG B 47 -8.98 29.85 1.28
N TRP B 48 -9.48 28.76 0.75
CA TRP B 48 -10.70 28.77 -0.07
C TRP B 48 -11.65 29.85 0.44
N ARG B 49 -11.56 30.12 1.74
CA ARG B 49 -12.40 31.12 2.40
C ARG B 49 -12.26 32.49 1.76
N ASN B 50 -11.32 32.61 0.83
CA ASN B 50 -11.11 33.88 0.14
C ASN B 50 -12.32 34.24 -0.71
N GLY B 51 -12.99 33.22 -1.25
CA GLY B 51 -14.18 33.46 -2.07
C GLY B 51 -13.79 33.78 -3.51
N GLU B 52 -12.50 33.83 -3.78
CA GLU B 52 -12.01 34.13 -5.13
C GLU B 52 -12.98 35.06 -5.84
N ALA B 53 -13.60 35.96 -5.08
CA ALA B 53 -14.56 36.91 -5.65
C ALA B 53 -13.84 37.92 -6.54
N VAL B 54 -14.50 38.33 -7.62
CA VAL B 54 -13.91 39.29 -8.55
C VAL B 54 -13.71 40.64 -7.86
N GLY A 1 24.74 5.89 -13.90
CA GLY A 1 25.51 7.16 -13.99
C GLY A 1 26.15 7.46 -12.63
N SER A 2 25.34 7.87 -11.68
CA SER A 2 25.83 8.18 -10.34
C SER A 2 24.73 8.03 -9.30
N LYS A 3 25.12 7.93 -8.04
CA LYS A 3 24.16 7.77 -6.95
C LYS A 3 22.97 6.94 -7.42
N THR A 4 23.25 5.93 -8.23
CA THR A 4 22.18 5.06 -8.74
C THR A 4 21.11 4.85 -7.68
N ILE A 5 21.43 4.01 -6.69
CA ILE A 5 20.48 3.73 -5.61
C ILE A 5 21.09 4.07 -4.26
N LYS A 6 20.39 4.88 -3.48
CA LYS A 6 20.87 5.27 -2.17
C LYS A 6 19.93 4.76 -1.07
N ASN A 7 19.01 3.89 -1.45
CA ASN A 7 18.06 3.34 -0.50
C ASN A 7 18.69 2.18 0.28
N THR A 8 17.87 1.47 1.04
CA THR A 8 18.36 0.34 1.83
C THR A 8 19.01 -0.71 0.93
N VAL A 9 20.19 -1.17 1.33
CA VAL A 9 20.90 -2.17 0.55
C VAL A 9 20.25 -3.55 0.72
N SER A 10 20.08 -4.25 -0.39
CA SER A 10 19.48 -5.58 -0.34
C SER A 10 20.29 -6.51 0.54
N VAL A 11 19.60 -7.46 1.18
CA VAL A 11 20.27 -8.41 2.08
C VAL A 11 20.41 -9.77 1.40
N ASN A 12 21.55 -10.41 1.61
CA ASN A 12 21.80 -11.72 1.01
C ASN A 12 21.32 -12.83 1.93
N LEU A 13 20.67 -12.45 3.03
CA LEU A 13 20.15 -13.42 3.98
C LEU A 13 18.93 -14.15 3.40
N GLU A 14 18.81 -15.43 3.70
CA GLU A 14 17.69 -16.22 3.21
C GLU A 14 16.55 -16.22 4.22
N LEU A 15 15.52 -15.43 3.91
CA LEU A 15 14.35 -15.35 4.80
C LEU A 15 13.18 -16.12 4.21
N THR A 16 12.45 -16.83 5.06
CA THR A 16 11.31 -17.61 4.61
C THR A 16 10.22 -16.70 4.05
N ALA A 17 9.64 -17.07 2.91
CA ALA A 17 8.60 -16.27 2.30
C ALA A 17 7.36 -16.25 3.18
N GLU A 18 7.04 -17.38 3.80
CA GLU A 18 5.88 -17.46 4.66
C GLU A 18 5.94 -16.37 5.73
N GLU A 19 7.06 -16.34 6.44
CA GLU A 19 7.25 -15.34 7.49
C GLU A 19 7.42 -13.96 6.88
N TRP A 20 8.25 -13.87 5.86
CA TRP A 20 8.51 -12.58 5.20
C TRP A 20 7.20 -11.97 4.72
N LYS A 21 6.33 -12.80 4.15
CA LYS A 21 5.04 -12.33 3.66
C LYS A 21 4.19 -11.79 4.81
N LYS A 22 4.37 -12.37 5.99
CA LYS A 22 3.59 -11.92 7.15
C LYS A 22 3.80 -10.43 7.38
N LYS A 23 5.05 -9.99 7.25
CA LYS A 23 5.37 -8.58 7.44
C LYS A 23 4.61 -7.72 6.44
N TYR A 24 4.66 -8.12 5.18
CA TYR A 24 3.96 -7.39 4.13
C TYR A 24 2.45 -7.49 4.31
N GLU A 25 1.99 -8.66 4.73
CA GLU A 25 0.56 -8.88 4.94
C GLU A 25 -0.07 -7.70 5.68
N LYS A 26 0.41 -7.44 6.90
CA LYS A 26 -0.13 -6.36 7.69
C LYS A 26 0.12 -5.01 7.01
N GLU A 27 1.26 -4.89 6.33
CA GLU A 27 1.60 -3.66 5.64
C GLU A 27 0.54 -3.31 4.60
N LYS A 28 0.14 -4.32 3.82
CA LYS A 28 -0.86 -4.12 2.78
C LYS A 28 -2.18 -3.68 3.38
N GLU A 29 -2.52 -4.27 4.53
CA GLU A 29 -3.77 -3.93 5.20
C GLU A 29 -3.76 -2.49 5.66
N LYS A 30 -2.64 -2.06 6.22
CA LYS A 30 -2.51 -0.68 6.70
C LYS A 30 -2.67 0.29 5.53
N ASN A 31 -2.04 -0.03 4.41
CA ASN A 31 -2.11 0.84 3.24
C ASN A 31 -3.55 0.94 2.74
N LYS A 32 -4.28 -0.17 2.83
CA LYS A 32 -5.66 -0.17 2.37
C LYS A 32 -6.46 0.82 3.20
N ALA A 33 -6.20 0.85 4.49
CA ALA A 33 -6.87 1.77 5.39
C ALA A 33 -6.71 3.19 4.87
N LEU A 34 -5.52 3.48 4.37
CA LEU A 34 -5.24 4.81 3.82
C LEU A 34 -6.07 5.02 2.57
N LYS A 35 -6.28 3.95 1.81
CA LYS A 35 -7.06 4.05 0.59
C LYS A 35 -8.41 4.66 0.91
N SER A 36 -9.04 4.15 1.98
CA SER A 36 -10.34 4.65 2.40
C SER A 36 -10.21 6.14 2.71
N VAL A 37 -9.05 6.53 3.22
CA VAL A 37 -8.80 7.94 3.55
C VAL A 37 -8.73 8.76 2.28
N ILE A 38 -8.38 8.12 1.18
CA ILE A 38 -8.30 8.83 -0.09
C ILE A 38 -9.66 9.36 -0.47
N GLN A 39 -10.66 8.50 -0.32
CA GLN A 39 -12.03 8.89 -0.62
C GLN A 39 -12.60 9.77 0.49
N HIS A 40 -11.87 9.83 1.60
CA HIS A 40 -12.30 10.63 2.73
C HIS A 40 -12.15 12.13 2.46
N LEU A 41 -10.91 12.59 2.36
CA LEU A 41 -10.65 14.01 2.12
C LEU A 41 -11.19 14.46 0.77
N GLU A 42 -11.02 13.61 -0.24
CA GLU A 42 -11.48 13.94 -1.60
C GLU A 42 -12.99 14.06 -1.65
N VAL A 43 -13.69 13.07 -1.07
CA VAL A 43 -15.15 13.09 -1.07
C VAL A 43 -15.65 14.14 -0.08
N GLU A 44 -14.83 14.43 0.91
CA GLU A 44 -15.18 15.41 1.94
C GLU A 44 -15.30 16.81 1.34
N LEU A 45 -14.35 17.17 0.48
CA LEU A 45 -14.37 18.51 -0.14
C LEU A 45 -15.58 18.66 -1.07
N ASN A 46 -15.87 17.61 -1.83
CA ASN A 46 -17.00 17.65 -2.75
C ASN A 46 -18.27 18.13 -2.05
N ARG A 47 -18.73 17.33 -1.09
CA ARG A 47 -19.94 17.69 -0.34
C ARG A 47 -19.71 18.97 0.46
N TRP A 48 -18.50 19.09 1.01
CA TRP A 48 -18.13 20.25 1.80
C TRP A 48 -18.41 21.53 1.00
N ARG A 49 -18.18 21.46 -0.31
CA ARG A 49 -18.41 22.61 -1.17
C ARG A 49 -19.87 23.05 -1.12
N ASN A 50 -20.78 22.08 -1.15
CA ASN A 50 -22.21 22.36 -1.09
C ASN A 50 -22.67 22.53 0.35
N GLY A 51 -21.93 21.94 1.28
CA GLY A 51 -22.27 22.03 2.70
C GLY A 51 -23.63 21.40 2.97
N GLU A 52 -24.00 20.42 2.15
CA GLU A 52 -25.27 19.73 2.30
C GLU A 52 -25.31 18.96 3.62
N ALA A 53 -24.21 18.28 3.93
CA ALA A 53 -24.13 17.51 5.17
C ALA A 53 -23.28 18.25 6.21
N VAL A 54 -23.63 18.05 7.48
CA VAL A 54 -22.90 18.71 8.56
C VAL A 54 -22.65 17.73 9.70
N GLY B 1 -20.00 -14.30 14.68
CA GLY B 1 -21.48 -14.25 14.77
C GLY B 1 -22.08 -14.60 13.41
N SER B 2 -21.97 -13.67 12.47
CA SER B 2 -22.51 -13.90 11.13
C SER B 2 -21.78 -13.03 10.11
N LYS B 3 -21.91 -13.38 8.83
CA LYS B 3 -21.26 -12.63 7.77
C LYS B 3 -19.90 -12.09 8.24
N THR B 4 -19.20 -12.90 9.05
CA THR B 4 -17.90 -12.49 9.57
C THR B 4 -17.14 -11.69 8.53
N ILE B 5 -16.61 -12.38 7.53
CA ILE B 5 -15.86 -11.72 6.46
C ILE B 5 -16.48 -12.02 5.10
N LYS B 6 -16.76 -10.96 4.35
CA LYS B 6 -17.35 -11.12 3.02
C LYS B 6 -16.41 -10.60 1.94
N ASN B 7 -15.18 -10.31 2.32
CA ASN B 7 -14.19 -9.79 1.38
C ASN B 7 -13.57 -10.93 0.60
N THR B 8 -12.53 -10.61 -0.17
CA THR B 8 -11.85 -11.62 -0.98
C THR B 8 -11.32 -12.75 -0.10
N VAL B 9 -11.57 -13.98 -0.52
CA VAL B 9 -11.13 -15.15 0.23
C VAL B 9 -9.62 -15.35 0.05
N SER B 10 -8.93 -15.62 1.15
CA SER B 10 -7.49 -15.83 1.11
C SER B 10 -7.15 -17.00 0.20
N VAL B 11 -5.99 -16.92 -0.44
CA VAL B 11 -5.55 -17.98 -1.36
C VAL B 11 -4.49 -18.85 -0.69
N ASN B 12 -4.57 -20.16 -0.94
CA ASN B 12 -3.62 -21.09 -0.36
C ASN B 12 -2.41 -21.27 -1.28
N LEU B 13 -2.38 -20.50 -2.36
CA LEU B 13 -1.28 -20.57 -3.32
C LEU B 13 -0.01 -19.96 -2.72
N GLU B 14 1.14 -20.55 -3.04
CA GLU B 14 2.41 -20.05 -2.52
C GLU B 14 3.03 -19.06 -3.51
N LEU B 15 2.93 -17.78 -3.18
CA LEU B 15 3.49 -16.74 -4.04
C LEU B 15 4.78 -16.19 -3.44
N THR B 16 5.77 -15.94 -4.29
CA THR B 16 7.06 -15.42 -3.81
C THR B 16 6.89 -14.03 -3.23
N ALA B 17 7.51 -13.78 -2.08
CA ALA B 17 7.40 -12.47 -1.44
C ALA B 17 8.07 -11.40 -2.30
N GLU B 18 9.18 -11.74 -2.92
CA GLU B 18 9.89 -10.78 -3.76
C GLU B 18 8.94 -10.24 -4.82
N GLU B 19 8.30 -11.13 -5.55
CA GLU B 19 7.37 -10.73 -6.60
C GLU B 19 6.11 -10.12 -5.97
N TRP B 20 5.58 -10.80 -4.96
CA TRP B 20 4.36 -10.32 -4.30
C TRP B 20 4.56 -8.90 -3.78
N LYS B 21 5.74 -8.64 -3.21
CA LYS B 21 6.04 -7.32 -2.69
C LYS B 21 6.05 -6.28 -3.81
N LYS B 22 6.44 -6.71 -5.01
CA LYS B 22 6.49 -5.81 -6.14
C LYS B 22 5.13 -5.16 -6.36
N LYS B 23 4.07 -5.97 -6.24
CA LYS B 23 2.72 -5.46 -6.43
C LYS B 23 2.40 -4.38 -5.40
N TYR B 24 2.72 -4.67 -4.14
CA TYR B 24 2.49 -3.71 -3.07
C TYR B 24 3.39 -2.49 -3.24
N GLU B 25 4.63 -2.73 -3.66
CA GLU B 25 5.58 -1.65 -3.84
C GLU B 25 4.95 -0.47 -4.55
N LYS B 26 4.47 -0.70 -5.77
CA LYS B 26 3.84 0.36 -6.55
C LYS B 26 2.59 0.87 -5.86
N GLU B 27 1.87 -0.03 -5.20
CA GLU B 27 0.64 0.34 -4.50
C GLU B 27 0.93 1.38 -3.42
N LYS B 28 1.99 1.16 -2.67
CA LYS B 28 2.37 2.08 -1.60
C LYS B 28 2.72 3.45 -2.18
N GLU B 29 3.40 3.43 -3.31
CA GLU B 29 3.81 4.69 -3.96
C GLU B 29 2.58 5.48 -4.40
N LYS B 30 1.62 4.78 -4.97
CA LYS B 30 0.40 5.43 -5.43
C LYS B 30 -0.34 6.06 -4.27
N ASN B 31 -0.41 5.34 -3.15
CA ASN B 31 -1.12 5.84 -1.98
C ASN B 31 -0.41 7.09 -1.45
N LYS B 32 0.92 7.10 -1.53
CA LYS B 32 1.67 8.25 -1.05
C LYS B 32 1.27 9.49 -1.84
N ALA B 33 1.11 9.30 -3.15
CA ALA B 33 0.71 10.39 -4.02
C ALA B 33 -0.56 11.02 -3.48
N LEU B 34 -1.46 10.17 -3.01
CA LEU B 34 -2.72 10.65 -2.45
C LEU B 34 -2.46 11.43 -1.17
N LYS B 35 -1.44 11.00 -0.44
CA LYS B 35 -1.11 11.69 0.80
C LYS B 35 -0.87 13.16 0.52
N SER B 36 -0.11 13.43 -0.53
CA SER B 36 0.17 14.80 -0.92
C SER B 36 -1.14 15.52 -1.23
N VAL B 37 -2.10 14.76 -1.75
CA VAL B 37 -3.40 15.33 -2.07
C VAL B 37 -4.14 15.69 -0.79
N ILE B 38 -3.80 15.02 0.30
CA ILE B 38 -4.44 15.30 1.57
C ILE B 38 -4.14 16.73 1.98
N GLN B 39 -2.88 17.11 1.83
CA GLN B 39 -2.45 18.46 2.17
C GLN B 39 -2.88 19.43 1.08
N HIS B 40 -3.33 18.89 -0.04
CA HIS B 40 -3.77 19.71 -1.16
C HIS B 40 -5.10 20.40 -0.87
N LEU B 41 -6.17 19.60 -0.79
CA LEU B 41 -7.50 20.16 -0.54
C LEU B 41 -7.58 20.82 0.83
N GLU B 42 -6.97 20.19 1.83
CA GLU B 42 -6.99 20.72 3.19
C GLU B 42 -6.26 22.06 3.28
N VAL B 43 -5.06 22.12 2.70
CA VAL B 43 -4.28 23.35 2.72
C VAL B 43 -4.89 24.37 1.76
N GLU B 44 -5.58 23.86 0.75
CA GLU B 44 -6.20 24.72 -0.24
C GLU B 44 -7.31 25.57 0.36
N LEU B 45 -8.14 24.95 1.21
CA LEU B 45 -9.24 25.67 1.84
C LEU B 45 -8.72 26.74 2.79
N ASN B 46 -7.67 26.40 3.55
CA ASN B 46 -7.09 27.34 4.50
C ASN B 46 -6.80 28.68 3.82
N ARG B 47 -5.88 28.67 2.87
CA ARG B 47 -5.53 29.89 2.15
C ARG B 47 -6.73 30.40 1.35
N TRP B 48 -7.48 29.48 0.78
CA TRP B 48 -8.66 29.83 0.00
C TRP B 48 -9.57 30.73 0.81
N ARG B 49 -9.65 30.48 2.12
CA ARG B 49 -10.49 31.27 3.00
C ARG B 49 -10.06 32.74 2.97
N ASN B 50 -8.75 32.97 3.01
CA ASN B 50 -8.21 34.32 3.00
C ASN B 50 -8.09 34.83 1.56
N GLY B 51 -8.01 33.91 0.61
CA GLY B 51 -7.88 34.28 -0.80
C GLY B 51 -6.61 35.08 -1.05
N GLU B 52 -5.60 34.83 -0.23
CA GLU B 52 -4.33 35.54 -0.37
C GLU B 52 -3.66 35.17 -1.70
N ALA B 53 -3.68 33.89 -2.03
CA ALA B 53 -3.09 33.43 -3.28
C ALA B 53 -4.15 33.15 -4.33
N VAL B 54 -3.81 33.36 -5.60
CA VAL B 54 -4.75 33.13 -6.68
C VAL B 54 -4.06 32.40 -7.84
N GLY A 1 36.69 -44.94 11.50
CA GLY A 1 37.90 -45.26 12.32
C GLY A 1 37.51 -45.34 13.79
N SER A 2 37.37 -44.19 14.42
CA SER A 2 37.00 -44.14 15.83
C SER A 2 35.83 -43.17 16.05
N LYS A 3 35.05 -43.42 17.10
CA LYS A 3 33.91 -42.56 17.41
C LYS A 3 34.36 -41.14 17.75
N THR A 4 33.70 -40.16 17.15
CA THR A 4 34.04 -38.76 17.40
C THR A 4 32.77 -37.94 17.60
N ILE A 5 32.94 -36.63 17.80
CA ILE A 5 31.80 -35.74 18.01
C ILE A 5 31.01 -35.57 16.71
N LYS A 6 29.69 -35.72 16.81
CA LYS A 6 28.84 -35.59 15.64
C LYS A 6 28.76 -34.14 15.18
N ASN A 7 28.55 -33.93 13.88
CA ASN A 7 28.46 -32.58 13.34
C ASN A 7 27.23 -31.85 13.88
N THR A 8 27.32 -30.52 13.93
CA THR A 8 26.21 -29.72 14.42
C THR A 8 24.96 -29.95 13.59
N VAL A 9 23.82 -29.49 14.09
CA VAL A 9 22.55 -29.67 13.38
C VAL A 9 21.98 -28.32 12.97
N SER A 10 21.59 -28.21 11.70
CA SER A 10 21.02 -26.97 11.18
C SER A 10 19.53 -27.15 10.89
N VAL A 11 18.77 -26.09 11.12
CA VAL A 11 17.33 -26.13 10.89
C VAL A 11 16.92 -25.04 9.90
N ASN A 12 16.14 -25.42 8.89
CA ASN A 12 15.67 -24.48 7.88
C ASN A 12 16.80 -23.58 7.41
N LEU A 13 17.08 -22.53 8.19
CA LEU A 13 18.14 -21.59 7.83
C LEU A 13 17.60 -20.46 6.96
N GLU A 14 17.48 -20.74 5.66
CA GLU A 14 16.97 -19.74 4.72
C GLU A 14 15.57 -19.28 5.15
N LEU A 15 15.28 -18.00 4.98
CA LEU A 15 13.97 -17.48 5.35
C LEU A 15 12.92 -18.06 4.42
N THR A 16 11.80 -18.49 5.01
CA THR A 16 10.73 -19.09 4.22
C THR A 16 9.77 -18.01 3.73
N ALA A 17 9.33 -18.12 2.48
CA ALA A 17 8.40 -17.14 1.93
C ALA A 17 7.13 -17.12 2.77
N GLU A 18 6.83 -18.22 3.44
CA GLU A 18 5.64 -18.29 4.27
C GLU A 18 5.58 -17.07 5.17
N GLU A 19 6.72 -16.74 5.77
CA GLU A 19 6.81 -15.57 6.62
C GLU A 19 6.69 -14.32 5.77
N TRP A 20 7.25 -14.39 4.57
CA TRP A 20 7.18 -13.27 3.64
C TRP A 20 5.73 -12.93 3.33
N LYS A 21 4.90 -13.96 3.24
CA LYS A 21 3.48 -13.77 2.95
C LYS A 21 2.82 -12.94 4.04
N LYS A 22 3.21 -13.23 5.28
CA LYS A 22 2.65 -12.52 6.42
C LYS A 22 3.01 -11.04 6.36
N LYS A 23 4.25 -10.74 5.95
CA LYS A 23 4.70 -9.37 5.85
C LYS A 23 3.85 -8.61 4.84
N TYR A 24 3.56 -9.26 3.72
CA TYR A 24 2.75 -8.65 2.68
C TYR A 24 1.35 -8.30 3.21
N GLU A 25 0.79 -9.20 4.01
CA GLU A 25 -0.53 -8.96 4.56
C GLU A 25 -0.51 -7.84 5.61
N LYS A 26 0.48 -7.87 6.50
CA LYS A 26 0.59 -6.84 7.55
C LYS A 26 0.80 -5.45 6.96
N GLU A 27 1.74 -5.35 6.01
CA GLU A 27 2.03 -4.06 5.38
C GLU A 27 0.77 -3.55 4.69
N LYS A 28 -0.04 -4.48 4.23
CA LYS A 28 -1.29 -4.11 3.57
C LYS A 28 -2.18 -3.35 4.55
N GLU A 29 -2.18 -3.77 5.81
CA GLU A 29 -3.00 -3.11 6.82
C GLU A 29 -2.70 -1.62 6.83
N LYS A 30 -1.42 -1.28 6.74
CA LYS A 30 -1.02 0.12 6.74
C LYS A 30 -1.67 0.88 5.58
N ASN A 31 -1.70 0.26 4.40
CA ASN A 31 -2.31 0.89 3.24
C ASN A 31 -3.82 0.95 3.41
N LYS A 32 -4.37 0.02 4.19
CA LYS A 32 -5.81 -0.01 4.42
C LYS A 32 -6.26 1.29 5.07
N ALA A 33 -5.49 1.77 6.03
CA ALA A 33 -5.81 3.03 6.70
C ALA A 33 -5.77 4.18 5.71
N LEU A 34 -4.83 4.11 4.78
CA LEU A 34 -4.71 5.16 3.75
C LEU A 34 -5.95 5.18 2.87
N LYS A 35 -6.46 4.00 2.56
CA LYS A 35 -7.65 3.90 1.73
C LYS A 35 -8.82 4.66 2.35
N SER A 36 -9.04 4.44 3.64
CA SER A 36 -10.11 5.13 4.34
C SER A 36 -9.82 6.63 4.40
N VAL A 37 -8.54 6.96 4.36
CA VAL A 37 -8.11 8.35 4.40
C VAL A 37 -8.57 9.08 3.14
N ILE A 38 -8.44 8.42 2.01
CA ILE A 38 -8.84 8.99 0.73
C ILE A 38 -10.33 9.32 0.74
N GLN A 39 -11.11 8.36 1.22
CA GLN A 39 -12.55 8.52 1.28
C GLN A 39 -12.92 9.79 2.02
N HIS A 40 -12.18 10.10 3.08
CA HIS A 40 -12.45 11.30 3.86
C HIS A 40 -12.32 12.55 2.98
N LEU A 41 -11.20 12.66 2.29
CA LEU A 41 -10.96 13.82 1.42
C LEU A 41 -11.96 13.89 0.27
N GLU A 42 -12.22 12.74 -0.37
CA GLU A 42 -13.14 12.72 -1.50
C GLU A 42 -14.54 13.15 -1.06
N VAL A 43 -14.96 12.67 0.11
CA VAL A 43 -16.28 13.01 0.63
C VAL A 43 -16.38 14.51 0.95
N GLU A 44 -15.34 15.05 1.59
CA GLU A 44 -15.34 16.45 1.95
C GLU A 44 -15.45 17.33 0.70
N LEU A 45 -14.76 16.92 -0.37
CA LEU A 45 -14.79 17.67 -1.63
C LEU A 45 -16.21 17.69 -2.20
N ASN A 46 -16.88 16.55 -2.15
CA ASN A 46 -18.25 16.44 -2.67
C ASN A 46 -19.12 17.62 -2.20
N ARG A 47 -19.20 17.81 -0.87
CA ARG A 47 -20.00 18.93 -0.33
C ARG A 47 -19.37 20.27 -0.73
N TRP A 48 -18.05 20.34 -0.67
CA TRP A 48 -17.33 21.57 -1.02
C TRP A 48 -18.08 22.38 -2.08
N ARG A 49 -18.57 21.72 -3.12
CA ARG A 49 -19.27 22.43 -4.18
C ARG A 49 -20.32 23.43 -3.67
N ASN A 50 -20.60 23.45 -2.36
CA ASN A 50 -21.63 24.37 -1.87
C ASN A 50 -21.12 25.34 -0.78
N GLY A 51 -20.20 24.90 0.07
CA GLY A 51 -19.71 25.79 1.11
C GLY A 51 -20.86 26.59 1.72
N GLU A 52 -21.96 25.90 2.03
CA GLU A 52 -23.14 26.55 2.61
C GLU A 52 -22.81 27.19 3.96
N ALA A 53 -21.99 26.51 4.75
CA ALA A 53 -21.61 27.04 6.07
C ALA A 53 -20.74 28.28 5.91
N VAL A 54 -20.91 29.24 6.81
CA VAL A 54 -20.14 30.46 6.76
C VAL A 54 -18.71 30.22 7.23
N GLY B 1 17.87 -50.04 -15.74
CA GLY B 1 17.82 -51.01 -16.87
C GLY B 1 18.64 -50.47 -18.04
N SER B 2 18.05 -49.55 -18.79
CA SER B 2 18.73 -48.96 -19.94
C SER B 2 18.66 -47.44 -19.89
N LYS B 3 19.65 -46.78 -20.48
CA LYS B 3 19.68 -45.31 -20.50
C LYS B 3 18.48 -44.76 -21.27
N THR B 4 17.83 -43.76 -20.67
CA THR B 4 16.66 -43.14 -21.30
C THR B 4 16.72 -41.62 -21.16
N ILE B 5 15.70 -40.93 -21.68
CA ILE B 5 15.67 -39.48 -21.60
C ILE B 5 15.45 -39.01 -20.16
N LYS B 6 16.26 -38.06 -19.72
CA LYS B 6 16.15 -37.53 -18.36
C LYS B 6 14.88 -36.69 -18.22
N ASN B 7 14.34 -36.66 -17.01
CA ASN B 7 13.13 -35.89 -16.75
C ASN B 7 13.38 -34.40 -16.92
N THR B 8 12.33 -33.65 -17.25
CA THR B 8 12.45 -32.21 -17.44
C THR B 8 12.95 -31.55 -16.17
N VAL B 9 13.35 -30.28 -16.29
CA VAL B 9 13.85 -29.55 -15.13
C VAL B 9 12.94 -28.37 -14.81
N SER B 10 12.57 -28.25 -13.54
CA SER B 10 11.70 -27.17 -13.09
C SER B 10 12.48 -26.17 -12.24
N VAL B 11 12.12 -24.90 -12.37
CA VAL B 11 12.79 -23.85 -11.61
C VAL B 11 11.77 -23.06 -10.77
N ASN B 12 12.08 -22.88 -9.49
CA ASN B 12 11.20 -22.15 -8.59
C ASN B 12 9.76 -22.58 -8.76
N LEU B 13 9.10 -22.02 -9.78
CA LEU B 13 7.70 -22.35 -10.05
C LEU B 13 6.77 -21.42 -9.28
N GLU B 14 6.54 -21.74 -8.00
CA GLU B 14 5.67 -20.92 -7.16
C GLU B 14 6.18 -19.48 -7.11
N LEU B 15 5.26 -18.53 -7.10
CA LEU B 15 5.67 -17.13 -7.04
C LEU B 15 6.30 -16.83 -5.70
N THR B 16 7.41 -16.12 -5.72
CA THR B 16 8.12 -15.79 -4.47
C THR B 16 7.58 -14.49 -3.88
N ALA B 17 7.41 -14.46 -2.57
CA ALA B 17 6.92 -13.26 -1.91
C ALA B 17 7.85 -12.09 -2.19
N GLU B 18 9.12 -12.40 -2.48
CA GLU B 18 10.09 -11.34 -2.76
C GLU B 18 9.50 -10.39 -3.79
N GLU B 19 8.91 -10.97 -4.83
CA GLU B 19 8.28 -10.17 -5.87
C GLU B 19 7.04 -9.50 -5.30
N TRP B 20 6.36 -10.20 -4.40
CA TRP B 20 5.16 -9.66 -3.77
C TRP B 20 5.52 -8.38 -3.01
N LYS B 21 6.70 -8.38 -2.41
CA LYS B 21 7.16 -7.22 -1.65
C LYS B 21 7.26 -6.00 -2.55
N LYS B 22 7.77 -6.22 -3.76
CA LYS B 22 7.93 -5.15 -4.72
C LYS B 22 6.57 -4.55 -5.09
N LYS B 23 5.57 -5.42 -5.25
CA LYS B 23 4.24 -4.96 -5.60
C LYS B 23 3.69 -4.04 -4.52
N TYR B 24 3.92 -4.42 -3.27
CA TYR B 24 3.46 -3.63 -2.15
C TYR B 24 4.08 -2.24 -2.17
N GLU B 25 5.37 -2.18 -2.50
CA GLU B 25 6.07 -0.89 -2.55
C GLU B 25 5.58 -0.05 -3.72
N LYS B 26 5.44 -0.66 -4.90
CA LYS B 26 4.99 0.08 -6.09
C LYS B 26 3.58 0.62 -5.91
N GLU B 27 2.66 -0.22 -5.44
CA GLU B 27 1.28 0.20 -5.22
C GLU B 27 1.25 1.35 -4.23
N LYS B 28 2.21 1.34 -3.31
CA LYS B 28 2.31 2.39 -2.33
C LYS B 28 2.54 3.74 -3.02
N GLU B 29 3.34 3.72 -4.09
CA GLU B 29 3.62 4.96 -4.81
C GLU B 29 2.32 5.62 -5.24
N LYS B 30 1.37 4.81 -5.70
CA LYS B 30 0.08 5.33 -6.14
C LYS B 30 -0.61 6.07 -4.99
N ASN B 31 -0.56 5.49 -3.79
CA ASN B 31 -1.19 6.12 -2.63
C ASN B 31 -0.41 7.37 -2.21
N LYS B 32 0.88 7.39 -2.55
CA LYS B 32 1.72 8.53 -2.20
C LYS B 32 1.19 9.79 -2.87
N ALA B 33 0.78 9.65 -4.13
CA ALA B 33 0.24 10.79 -4.86
C ALA B 33 -1.06 11.27 -4.21
N LEU B 34 -1.84 10.31 -3.71
CA LEU B 34 -3.10 10.65 -3.04
C LEU B 34 -2.82 11.45 -1.77
N LYS B 35 -1.77 11.09 -1.06
CA LYS B 35 -1.41 11.79 0.17
C LYS B 35 -1.18 13.27 -0.12
N SER B 36 -0.41 13.55 -1.15
CA SER B 36 -0.13 14.94 -1.53
C SER B 36 -1.41 15.61 -1.98
N VAL B 37 -2.33 14.81 -2.50
CA VAL B 37 -3.62 15.32 -2.97
C VAL B 37 -4.42 15.88 -1.81
N ILE B 38 -4.40 15.15 -0.70
CA ILE B 38 -5.14 15.57 0.49
C ILE B 38 -4.64 16.92 0.98
N GLN B 39 -3.33 17.04 1.04
CA GLN B 39 -2.69 18.27 1.50
C GLN B 39 -3.22 19.47 0.72
N HIS B 40 -3.42 19.28 -0.58
CA HIS B 40 -3.92 20.36 -1.43
C HIS B 40 -5.29 20.84 -0.93
N LEU B 41 -6.21 19.90 -0.75
CA LEU B 41 -7.56 20.24 -0.28
C LEU B 41 -7.54 20.84 1.12
N GLU B 42 -6.77 20.22 2.03
CA GLU B 42 -6.71 20.71 3.39
C GLU B 42 -6.18 22.13 3.44
N VAL B 43 -5.15 22.41 2.64
CA VAL B 43 -4.55 23.73 2.60
C VAL B 43 -5.53 24.77 2.04
N GLU B 44 -6.23 24.41 0.97
CA GLU B 44 -7.20 25.32 0.36
C GLU B 44 -8.29 25.68 1.36
N LEU B 45 -8.73 24.70 2.15
CA LEU B 45 -9.77 24.93 3.16
C LEU B 45 -9.29 25.94 4.21
N ASN B 46 -8.05 25.79 4.64
CA ASN B 46 -7.47 26.69 5.64
C ASN B 46 -7.77 28.15 5.31
N ARG B 47 -7.38 28.59 4.12
CA ARG B 47 -7.64 29.99 3.70
C ARG B 47 -9.15 30.22 3.55
N TRP B 48 -9.84 29.25 2.99
CA TRP B 48 -11.29 29.36 2.79
C TRP B 48 -11.94 30.23 3.87
N ARG B 49 -11.58 30.00 5.12
CA ARG B 49 -12.18 30.78 6.21
C ARG B 49 -12.23 32.29 5.94
N ASN B 50 -11.61 32.76 4.87
CA ASN B 50 -11.62 34.22 4.62
C ASN B 50 -12.21 34.61 3.26
N GLY B 51 -12.02 33.80 2.23
CA GLY B 51 -12.55 34.15 0.91
C GLY B 51 -12.36 35.65 0.65
N GLU B 52 -11.15 36.14 0.91
CA GLU B 52 -10.84 37.56 0.71
C GLU B 52 -11.00 37.95 -0.76
N ALA B 53 -10.57 37.06 -1.65
CA ALA B 53 -10.68 37.32 -3.09
C ALA B 53 -12.14 37.37 -3.51
N VAL B 54 -12.45 38.25 -4.47
CA VAL B 54 -13.82 38.38 -4.96
C VAL B 54 -14.17 37.21 -5.86
N GLY A 1 28.64 -47.34 3.01
CA GLY A 1 29.05 -46.17 2.19
C GLY A 1 30.52 -45.83 2.46
N SER A 2 30.75 -44.63 2.97
CA SER A 2 32.11 -44.19 3.27
C SER A 2 32.09 -43.11 4.36
N LYS A 3 33.24 -42.87 4.96
CA LYS A 3 33.35 -41.86 6.01
C LYS A 3 33.03 -40.48 5.46
N THR A 4 33.58 -40.18 4.28
CA THR A 4 33.35 -38.88 3.66
C THR A 4 32.04 -38.90 2.86
N ILE A 5 31.55 -37.71 2.51
CA ILE A 5 30.31 -37.60 1.76
C ILE A 5 30.55 -36.88 0.43
N LYS A 6 30.12 -37.51 -0.66
CA LYS A 6 30.30 -36.92 -1.98
C LYS A 6 28.94 -36.63 -2.62
N ASN A 7 27.88 -36.79 -1.85
CA ASN A 7 26.53 -36.55 -2.34
C ASN A 7 26.04 -35.18 -1.91
N THR A 8 25.30 -34.51 -2.81
CA THR A 8 24.77 -33.19 -2.50
C THR A 8 23.71 -33.28 -1.41
N VAL A 9 23.74 -32.33 -0.49
CA VAL A 9 22.77 -32.31 0.60
C VAL A 9 21.96 -31.01 0.60
N SER A 10 20.65 -31.15 0.71
CA SER A 10 19.77 -29.99 0.72
C SER A 10 20.02 -29.15 1.97
N VAL A 11 19.82 -27.84 1.85
CA VAL A 11 20.03 -26.94 2.98
C VAL A 11 18.85 -26.00 3.14
N ASN A 12 18.72 -25.41 4.34
CA ASN A 12 17.63 -24.48 4.60
C ASN A 12 18.15 -23.05 4.63
N LEU A 13 18.91 -22.68 3.60
CA LEU A 13 19.45 -21.33 3.53
C LEU A 13 18.53 -20.41 2.73
N GLU A 14 17.49 -20.99 2.16
CA GLU A 14 16.52 -20.22 1.39
C GLU A 14 15.68 -19.34 2.31
N LEU A 15 15.61 -18.05 2.00
CA LEU A 15 14.82 -17.15 2.83
C LEU A 15 13.39 -17.64 2.82
N THR A 16 12.86 -17.93 4.00
CA THR A 16 11.50 -18.44 4.08
C THR A 16 10.49 -17.38 3.65
N ALA A 17 9.57 -17.79 2.79
CA ALA A 17 8.55 -16.88 2.31
C ALA A 17 7.50 -16.66 3.38
N GLU A 18 7.56 -17.47 4.46
CA GLU A 18 6.60 -17.31 5.54
C GLU A 18 6.72 -15.91 6.08
N GLU A 19 7.96 -15.46 6.26
CA GLU A 19 8.21 -14.10 6.72
C GLU A 19 7.81 -13.13 5.62
N TRP A 20 8.01 -13.57 4.38
CA TRP A 20 7.65 -12.74 3.23
C TRP A 20 6.15 -12.46 3.24
N LYS A 21 5.36 -13.47 3.60
CA LYS A 21 3.91 -13.32 3.65
C LYS A 21 3.50 -12.32 4.72
N LYS A 22 4.14 -12.39 5.88
CA LYS A 22 3.81 -11.49 6.98
C LYS A 22 4.08 -10.03 6.59
N LYS A 23 5.21 -9.80 5.93
CA LYS A 23 5.58 -8.44 5.52
C LYS A 23 4.56 -7.86 4.57
N TYR A 24 4.09 -8.66 3.62
CA TYR A 24 3.12 -8.21 2.63
C TYR A 24 1.77 -7.90 3.30
N GLU A 25 1.57 -8.45 4.49
CA GLU A 25 0.32 -8.24 5.22
C GLU A 25 0.24 -6.87 5.88
N LYS A 26 1.27 -6.52 6.64
CA LYS A 26 1.28 -5.25 7.36
C LYS A 26 1.19 -4.05 6.43
N GLU A 27 1.94 -4.08 5.35
CA GLU A 27 1.95 -2.97 4.41
C GLU A 27 0.56 -2.68 3.86
N LYS A 28 -0.15 -3.72 3.46
CA LYS A 28 -1.49 -3.55 2.91
C LYS A 28 -2.42 -2.94 3.95
N GLU A 29 -2.19 -3.28 5.22
CA GLU A 29 -3.02 -2.76 6.29
C GLU A 29 -3.07 -1.22 6.25
N LYS A 30 -1.91 -0.60 6.06
CA LYS A 30 -1.86 0.86 6.00
C LYS A 30 -2.58 1.38 4.75
N ASN A 31 -2.31 0.74 3.62
CA ASN A 31 -2.94 1.14 2.37
C ASN A 31 -4.45 0.92 2.42
N LYS A 32 -4.86 -0.14 3.11
CA LYS A 32 -6.27 -0.44 3.23
C LYS A 32 -7.00 0.73 3.88
N ALA A 33 -6.43 1.23 4.98
CA ALA A 33 -7.02 2.36 5.69
C ALA A 33 -7.01 3.60 4.79
N LEU A 34 -5.94 3.73 4.01
CA LEU A 34 -5.82 4.87 3.08
C LEU A 34 -6.89 4.80 2.02
N LYS A 35 -7.22 3.59 1.59
CA LYS A 35 -8.24 3.42 0.57
C LYS A 35 -9.52 4.13 0.99
N SER A 36 -9.91 3.92 2.24
CA SER A 36 -11.11 4.56 2.76
C SER A 36 -10.98 6.08 2.67
N VAL A 37 -9.76 6.58 2.92
CA VAL A 37 -9.50 8.01 2.86
C VAL A 37 -9.59 8.51 1.42
N ILE A 38 -9.38 7.61 0.48
CA ILE A 38 -9.43 7.96 -0.93
C ILE A 38 -10.82 8.45 -1.31
N GLN A 39 -11.83 7.72 -0.85
CA GLN A 39 -13.21 8.06 -1.17
C GLN A 39 -13.61 9.41 -0.57
N HIS A 40 -13.16 9.68 0.65
CA HIS A 40 -13.50 10.93 1.31
C HIS A 40 -12.87 12.13 0.61
N LEU A 41 -11.60 12.03 0.31
CA LEU A 41 -10.90 13.12 -0.35
C LEU A 41 -11.47 13.38 -1.75
N GLU A 42 -11.78 12.30 -2.46
CA GLU A 42 -12.31 12.42 -3.82
C GLU A 42 -13.81 12.67 -3.84
N VAL A 43 -14.54 11.94 -3.01
CA VAL A 43 -16.00 12.09 -2.95
C VAL A 43 -16.40 13.49 -2.54
N GLU A 44 -15.77 14.00 -1.49
CA GLU A 44 -16.07 15.33 -1.00
C GLU A 44 -15.66 16.38 -2.02
N LEU A 45 -14.56 16.11 -2.73
CA LEU A 45 -14.08 17.03 -3.74
C LEU A 45 -15.09 17.19 -4.86
N ASN A 46 -15.70 16.10 -5.27
CA ASN A 46 -16.70 16.15 -6.34
C ASN A 46 -17.82 17.10 -5.96
N ARG A 47 -18.13 17.14 -4.66
CA ARG A 47 -19.20 18.00 -4.16
C ARG A 47 -18.88 19.47 -4.38
N TRP A 48 -17.65 19.87 -4.09
CA TRP A 48 -17.25 21.27 -4.20
C TRP A 48 -16.59 21.59 -5.55
N ARG A 49 -15.96 20.62 -6.18
CA ARG A 49 -15.30 20.88 -7.45
C ARG A 49 -16.09 21.93 -8.25
N ASN A 50 -17.39 21.74 -8.34
CA ASN A 50 -18.24 22.69 -9.07
C ASN A 50 -18.33 24.03 -8.35
N GLY A 51 -18.29 23.99 -7.01
CA GLY A 51 -18.35 25.20 -6.22
C GLY A 51 -19.77 25.76 -6.17
N GLU A 52 -20.76 24.86 -6.11
CA GLU A 52 -22.16 25.27 -6.06
C GLU A 52 -22.41 26.19 -4.86
N ALA A 53 -23.20 27.24 -5.07
CA ALA A 53 -23.50 28.18 -4.00
C ALA A 53 -24.43 27.54 -2.97
N VAL A 54 -24.25 27.91 -1.70
CA VAL A 54 -25.08 27.37 -0.63
C VAL A 54 -26.47 27.01 -1.16
N GLY B 1 19.78 -47.90 -2.99
CA GLY B 1 18.32 -47.64 -2.86
C GLY B 1 17.56 -48.46 -3.89
N SER B 2 16.86 -47.79 -4.79
CA SER B 2 16.10 -48.47 -5.83
C SER B 2 15.90 -47.56 -7.04
N LYS B 3 15.53 -48.15 -8.17
CA LYS B 3 15.31 -47.38 -9.39
C LYS B 3 14.17 -46.39 -9.21
N THR B 4 13.09 -46.85 -8.59
CA THR B 4 11.94 -45.99 -8.36
C THR B 4 12.12 -45.18 -7.08
N ILE B 5 11.30 -44.15 -6.91
CA ILE B 5 11.38 -43.30 -5.73
C ILE B 5 10.05 -43.30 -4.98
N LYS B 6 10.11 -43.59 -3.69
CA LYS B 6 8.91 -43.63 -2.87
C LYS B 6 8.97 -42.56 -1.77
N ASN B 7 9.98 -41.70 -1.86
CA ASN B 7 10.16 -40.65 -0.87
C ASN B 7 9.63 -39.32 -1.41
N THR B 8 9.01 -38.54 -0.53
CA THR B 8 8.46 -37.25 -0.92
C THR B 8 9.58 -36.27 -1.28
N VAL B 9 9.38 -35.52 -2.35
CA VAL B 9 10.39 -34.56 -2.80
C VAL B 9 9.82 -33.13 -2.79
N SER B 10 10.58 -32.21 -2.22
CA SER B 10 10.14 -30.82 -2.16
C SER B 10 10.10 -30.22 -3.57
N VAL B 11 9.19 -29.27 -3.77
CA VAL B 11 9.04 -28.63 -5.07
C VAL B 11 8.98 -27.12 -4.93
N ASN B 12 9.26 -26.42 -6.02
CA ASN B 12 9.22 -24.96 -6.01
C ASN B 12 7.98 -24.44 -6.72
N LEU B 13 6.83 -24.99 -6.35
CA LEU B 13 5.57 -24.58 -6.97
C LEU B 13 4.91 -23.46 -6.16
N GLU B 14 5.51 -23.16 -5.01
CA GLU B 14 4.97 -22.11 -4.15
C GLU B 14 5.21 -20.75 -4.77
N LEU B 15 4.15 -19.95 -4.88
CA LEU B 15 4.31 -18.62 -5.46
C LEU B 15 5.30 -17.85 -4.62
N THR B 16 6.38 -17.39 -5.24
CA THR B 16 7.39 -16.67 -4.50
C THR B 16 6.87 -15.35 -3.97
N ALA B 17 7.12 -15.09 -2.71
CA ALA B 17 6.67 -13.84 -2.10
C ALA B 17 7.56 -12.70 -2.55
N GLU B 18 8.68 -13.01 -3.21
CA GLU B 18 9.58 -11.99 -3.69
C GLU B 18 8.80 -11.08 -4.62
N GLU B 19 8.02 -11.70 -5.50
CA GLU B 19 7.19 -10.94 -6.41
C GLU B 19 6.09 -10.26 -5.62
N TRP B 20 5.64 -10.93 -4.57
CA TRP B 20 4.60 -10.38 -3.70
C TRP B 20 5.10 -9.08 -3.07
N LYS B 21 6.36 -9.04 -2.68
CA LYS B 21 6.94 -7.85 -2.07
C LYS B 21 6.98 -6.69 -3.06
N LYS B 22 7.35 -6.98 -4.31
CA LYS B 22 7.43 -5.94 -5.33
C LYS B 22 6.06 -5.31 -5.58
N LYS B 23 5.04 -6.15 -5.65
CA LYS B 23 3.69 -5.67 -5.90
C LYS B 23 3.21 -4.72 -4.81
N TYR B 24 3.50 -5.08 -3.55
CA TYR B 24 3.10 -4.26 -2.42
C TYR B 24 3.83 -2.92 -2.41
N GLU B 25 4.96 -2.87 -3.13
CA GLU B 25 5.76 -1.64 -3.19
C GLU B 25 5.15 -0.58 -4.11
N LYS B 26 4.85 -0.99 -5.34
CA LYS B 26 4.31 -0.04 -6.33
C LYS B 26 3.00 0.58 -5.89
N GLU B 27 2.10 -0.23 -5.35
CA GLU B 27 0.80 0.27 -4.93
C GLU B 27 0.95 1.39 -3.89
N LYS B 28 1.80 1.18 -2.90
CA LYS B 28 1.98 2.19 -1.87
C LYS B 28 2.52 3.48 -2.46
N GLU B 29 3.34 3.36 -3.51
CA GLU B 29 3.91 4.54 -4.15
C GLU B 29 2.80 5.52 -4.56
N LYS B 30 1.73 5.00 -5.16
CA LYS B 30 0.63 5.86 -5.58
C LYS B 30 -0.07 6.47 -4.37
N ASN B 31 -0.34 5.64 -3.37
CA ASN B 31 -1.00 6.11 -2.16
C ASN B 31 -0.13 7.10 -1.41
N LYS B 32 1.18 6.90 -1.45
CA LYS B 32 2.09 7.81 -0.78
C LYS B 32 1.94 9.22 -1.33
N ALA B 33 1.90 9.32 -2.65
CA ALA B 33 1.73 10.62 -3.31
C ALA B 33 0.37 11.20 -2.95
N LEU B 34 -0.63 10.32 -2.86
CA LEU B 34 -1.99 10.74 -2.51
C LEU B 34 -2.03 11.30 -1.09
N LYS B 35 -1.24 10.70 -0.22
CA LYS B 35 -1.20 11.15 1.17
C LYS B 35 -0.90 12.63 1.21
N SER B 36 0.10 13.06 0.44
CA SER B 36 0.45 14.47 0.39
C SER B 36 -0.74 15.30 -0.07
N VAL B 37 -1.51 14.75 -1.01
CA VAL B 37 -2.69 15.44 -1.52
C VAL B 37 -3.77 15.53 -0.44
N ILE B 38 -3.72 14.61 0.51
CA ILE B 38 -4.70 14.59 1.58
C ILE B 38 -4.62 15.87 2.41
N GLN B 39 -3.40 16.25 2.74
CA GLN B 39 -3.19 17.45 3.56
C GLN B 39 -3.66 18.70 2.84
N HIS B 40 -3.40 18.79 1.54
CA HIS B 40 -3.79 19.97 0.78
C HIS B 40 -5.31 20.11 0.69
N LEU B 41 -5.98 19.01 0.36
CA LEU B 41 -7.43 19.04 0.23
C LEU B 41 -8.09 19.34 1.57
N GLU B 42 -7.56 18.76 2.64
CA GLU B 42 -8.13 18.94 3.97
C GLU B 42 -7.64 20.23 4.63
N VAL B 43 -6.34 20.49 4.52
CA VAL B 43 -5.76 21.69 5.14
C VAL B 43 -6.36 22.96 4.55
N GLU B 44 -6.45 23.02 3.23
CA GLU B 44 -7.01 24.18 2.57
C GLU B 44 -8.50 24.32 2.89
N LEU B 45 -9.17 23.18 3.03
CA LEU B 45 -10.59 23.18 3.34
C LEU B 45 -10.83 23.83 4.70
N ASN B 46 -9.99 23.51 5.66
CA ASN B 46 -10.15 24.07 7.00
C ASN B 46 -10.12 25.58 6.94
N ARG B 47 -9.32 26.11 6.02
CA ARG B 47 -9.19 27.55 5.86
C ARG B 47 -10.51 28.20 5.42
N TRP B 48 -11.19 27.57 4.48
CA TRP B 48 -12.44 28.13 3.95
C TRP B 48 -13.68 27.56 4.63
N ARG B 49 -13.60 26.35 5.15
CA ARG B 49 -14.77 25.75 5.80
C ARG B 49 -15.58 26.84 6.52
N ASN B 50 -14.90 27.69 7.28
CA ASN B 50 -15.58 28.77 7.99
C ASN B 50 -16.11 29.83 7.03
N GLY B 51 -15.40 30.04 5.92
CA GLY B 51 -15.82 31.02 4.92
C GLY B 51 -15.54 32.44 5.41
N GLU B 52 -14.43 32.63 6.10
CA GLU B 52 -14.07 33.95 6.60
C GLU B 52 -13.98 34.95 5.45
N ALA B 53 -14.48 36.17 5.69
CA ALA B 53 -14.45 37.21 4.66
C ALA B 53 -13.02 37.71 4.45
N VAL B 54 -12.69 38.07 3.22
CA VAL B 54 -11.37 38.57 2.90
C VAL B 54 -10.76 39.29 4.11
N GLY A 1 29.55 -4.70 15.48
CA GLY A 1 29.05 -5.42 14.28
C GLY A 1 27.78 -4.75 13.77
N SER A 2 26.70 -4.86 14.53
CA SER A 2 25.44 -4.25 14.14
C SER A 2 25.59 -2.74 14.00
N LYS A 3 26.30 -2.13 14.95
CA LYS A 3 26.51 -0.69 14.92
C LYS A 3 27.31 -0.29 13.68
N THR A 4 28.32 -1.08 13.35
CA THR A 4 29.15 -0.79 12.18
C THR A 4 28.31 -0.82 10.91
N ILE A 5 27.49 -1.86 10.78
CA ILE A 5 26.64 -1.98 9.59
C ILE A 5 25.17 -1.83 9.97
N LYS A 6 24.56 -0.73 9.53
CA LYS A 6 23.16 -0.47 9.83
C LYS A 6 22.26 -1.51 9.16
N ASN A 7 22.56 -1.80 7.90
CA ASN A 7 21.78 -2.78 7.15
C ASN A 7 22.63 -3.99 6.80
N THR A 8 22.12 -5.18 7.11
CA THR A 8 22.84 -6.41 6.81
C THR A 8 22.61 -6.84 5.36
N VAL A 9 23.40 -7.80 4.90
CA VAL A 9 23.28 -8.29 3.53
C VAL A 9 22.69 -9.69 3.52
N SER A 10 21.67 -9.89 2.68
CA SER A 10 21.01 -11.19 2.58
C SER A 10 21.99 -12.25 2.07
N VAL A 11 21.96 -13.42 2.70
CA VAL A 11 22.85 -14.50 2.29
C VAL A 11 22.10 -15.83 2.25
N ASN A 12 22.66 -16.79 1.52
CA ASN A 12 22.02 -18.10 1.41
C ASN A 12 20.89 -18.06 0.38
N LEU A 13 19.96 -19.00 0.51
CA LEU A 13 18.84 -19.06 -0.42
C LEU A 13 17.81 -17.99 -0.06
N GLU A 14 17.19 -17.42 -1.08
CA GLU A 14 16.18 -16.39 -0.86
C GLU A 14 15.50 -16.60 0.50
N LEU A 15 15.11 -15.51 1.12
CA LEU A 15 14.46 -15.55 2.44
C LEU A 15 13.10 -16.24 2.36
N THR A 16 12.69 -16.91 3.46
CA THR A 16 11.40 -17.60 3.47
C THR A 16 10.29 -16.57 3.22
N ALA A 17 9.33 -16.91 2.35
CA ALA A 17 8.26 -15.99 2.04
C ALA A 17 7.25 -15.85 3.18
N GLU A 18 7.33 -16.72 4.18
CA GLU A 18 6.40 -16.61 5.30
C GLU A 18 6.62 -15.25 5.95
N GLU A 19 7.89 -14.86 6.03
CA GLU A 19 8.27 -13.58 6.60
C GLU A 19 7.78 -12.44 5.73
N TRP A 20 7.98 -12.57 4.42
CA TRP A 20 7.51 -11.56 3.49
C TRP A 20 5.98 -11.50 3.50
N LYS A 21 5.37 -12.68 3.67
CA LYS A 21 3.91 -12.79 3.71
C LYS A 21 3.31 -12.07 4.92
N LYS A 22 3.92 -12.25 6.09
CA LYS A 22 3.39 -11.61 7.30
C LYS A 22 3.45 -10.10 7.17
N LYS A 23 4.60 -9.59 6.74
CA LYS A 23 4.75 -8.15 6.55
C LYS A 23 3.79 -7.69 5.46
N TYR A 24 3.65 -8.51 4.43
CA TYR A 24 2.75 -8.21 3.33
C TYR A 24 1.33 -8.02 3.86
N GLU A 25 0.96 -8.84 4.85
CA GLU A 25 -0.36 -8.74 5.44
C GLU A 25 -0.53 -7.41 6.16
N LYS A 26 0.52 -6.99 6.86
CA LYS A 26 0.49 -5.73 7.60
C LYS A 26 0.48 -4.52 6.67
N GLU A 27 1.31 -4.58 5.63
CA GLU A 27 1.41 -3.47 4.69
C GLU A 27 0.13 -3.27 3.87
N LYS A 28 -0.31 -4.33 3.20
CA LYS A 28 -1.52 -4.24 2.38
C LYS A 28 -2.71 -3.81 3.21
N GLU A 29 -2.77 -4.28 4.44
CA GLU A 29 -3.88 -3.94 5.33
C GLU A 29 -3.92 -2.44 5.62
N LYS A 30 -2.77 -1.87 6.01
CA LYS A 30 -2.71 -0.45 6.33
C LYS A 30 -2.99 0.41 5.09
N ASN A 31 -2.40 0.01 3.97
CA ASN A 31 -2.60 0.75 2.72
C ASN A 31 -4.06 0.75 2.28
N LYS A 32 -4.72 -0.39 2.42
CA LYS A 32 -6.11 -0.48 2.04
C LYS A 32 -6.94 0.50 2.86
N ALA A 33 -6.60 0.63 4.13
CA ALA A 33 -7.29 1.55 5.02
C ALA A 33 -7.10 2.99 4.56
N LEU A 34 -5.92 3.28 4.03
CA LEU A 34 -5.62 4.63 3.55
C LEU A 34 -6.52 5.01 2.38
N LYS A 35 -6.79 4.06 1.50
CA LYS A 35 -7.65 4.33 0.36
C LYS A 35 -9.01 4.83 0.86
N SER A 36 -9.57 4.12 1.85
CA SER A 36 -10.85 4.52 2.41
C SER A 36 -10.70 5.86 3.12
N VAL A 37 -9.49 6.14 3.58
CA VAL A 37 -9.20 7.39 4.27
C VAL A 37 -9.36 8.58 3.33
N ILE A 38 -8.89 8.44 2.11
CA ILE A 38 -9.00 9.52 1.14
C ILE A 38 -10.47 9.86 0.95
N GLN A 39 -11.27 8.83 0.75
CA GLN A 39 -12.70 9.01 0.57
C GLN A 39 -13.28 9.77 1.75
N HIS A 40 -12.82 9.41 2.95
CA HIS A 40 -13.29 10.08 4.16
C HIS A 40 -12.98 11.57 4.12
N LEU A 41 -11.75 11.90 3.80
CA LEU A 41 -11.36 13.31 3.75
C LEU A 41 -12.21 14.06 2.74
N GLU A 42 -12.14 13.66 1.46
CA GLU A 42 -12.90 14.33 0.40
C GLU A 42 -14.26 14.79 0.94
N VAL A 43 -14.88 13.98 1.77
CA VAL A 43 -16.17 14.36 2.34
C VAL A 43 -16.02 15.64 3.14
N GLU A 44 -14.98 15.67 3.96
CA GLU A 44 -14.70 16.84 4.78
C GLU A 44 -14.14 17.98 3.92
N LEU A 45 -13.80 17.68 2.67
CA LEU A 45 -13.26 18.72 1.78
C LEU A 45 -14.29 19.80 1.55
N ASN A 46 -15.51 19.39 1.23
CA ASN A 46 -16.58 20.35 1.00
C ASN A 46 -16.96 21.02 2.31
N ARG A 47 -16.91 20.25 3.40
CA ARG A 47 -17.24 20.78 4.70
C ARG A 47 -16.40 22.03 4.97
N TRP A 48 -15.12 21.91 4.72
CA TRP A 48 -14.19 23.01 4.92
C TRP A 48 -14.82 24.34 4.55
N ARG A 49 -15.70 24.31 3.54
CA ARG A 49 -16.34 25.53 3.07
C ARG A 49 -17.05 26.25 4.22
N ASN A 50 -17.83 25.52 5.00
CA ASN A 50 -18.53 26.13 6.13
C ASN A 50 -17.68 26.06 7.39
N GLY A 51 -16.90 24.99 7.52
CA GLY A 51 -16.04 24.83 8.69
C GLY A 51 -16.86 24.53 9.94
N GLU A 52 -18.19 24.57 9.80
CA GLU A 52 -19.06 24.29 10.94
C GLU A 52 -20.35 23.62 10.47
N ALA A 53 -21.04 24.25 9.52
CA ALA A 53 -22.29 23.70 9.00
C ALA A 53 -22.04 22.98 7.67
N VAL A 54 -22.88 22.00 7.36
CA VAL A 54 -22.75 21.26 6.12
C VAL A 54 -23.19 22.09 4.93
N GLY B 1 -10.19 -22.09 -21.10
CA GLY B 1 -9.57 -22.25 -19.75
C GLY B 1 -9.59 -20.92 -19.02
N SER B 2 -8.78 -19.98 -19.50
CA SER B 2 -8.71 -18.67 -18.88
C SER B 2 -10.07 -17.97 -18.92
N LYS B 3 -10.74 -18.08 -20.06
CA LYS B 3 -12.06 -17.47 -20.21
C LYS B 3 -13.06 -18.08 -19.25
N THR B 4 -13.00 -19.40 -19.09
CA THR B 4 -13.90 -20.10 -18.20
C THR B 4 -13.71 -19.62 -16.76
N ILE B 5 -12.46 -19.53 -16.33
CA ILE B 5 -12.15 -19.08 -14.98
C ILE B 5 -11.45 -17.73 -15.01
N LYS B 6 -12.13 -16.69 -14.54
CA LYS B 6 -11.56 -15.35 -14.53
C LYS B 6 -10.38 -15.28 -13.56
N ASN B 7 -10.55 -15.87 -12.38
CA ASN B 7 -9.49 -15.88 -11.38
C ASN B 7 -8.99 -17.31 -11.13
N THR B 8 -7.68 -17.49 -11.20
CA THR B 8 -7.10 -18.80 -10.97
C THR B 8 -6.92 -19.06 -9.48
N VAL B 9 -6.63 -20.32 -9.13
CA VAL B 9 -6.44 -20.68 -7.73
C VAL B 9 -4.98 -20.97 -7.44
N SER B 10 -4.46 -20.37 -6.37
CA SER B 10 -3.06 -20.56 -6.00
C SER B 10 -2.80 -22.02 -5.63
N VAL B 11 -1.68 -22.55 -6.12
CA VAL B 11 -1.33 -23.94 -5.84
C VAL B 11 0.16 -24.05 -5.50
N ASN B 12 0.51 -25.15 -4.83
CA ASN B 12 1.90 -25.38 -4.45
C ASN B 12 2.24 -24.58 -3.20
N LEU B 13 3.53 -24.30 -3.00
CA LEU B 13 3.98 -23.54 -1.84
C LEU B 13 3.70 -22.07 -2.04
N GLU B 14 3.32 -21.40 -0.96
CA GLU B 14 3.03 -19.97 -1.02
C GLU B 14 3.85 -19.32 -2.16
N LEU B 15 3.27 -18.30 -2.78
CA LEU B 15 3.92 -17.60 -3.89
C LEU B 15 5.19 -16.87 -3.43
N THR B 16 6.17 -16.75 -4.32
CA THR B 16 7.42 -16.06 -3.97
C THR B 16 7.10 -14.62 -3.55
N ALA B 17 7.69 -14.15 -2.46
CA ALA B 17 7.42 -12.80 -1.99
C ALA B 17 8.06 -11.73 -2.86
N GLU B 18 8.96 -12.12 -3.77
CA GLU B 18 9.57 -11.13 -4.64
C GLU B 18 8.47 -10.46 -5.45
N GLU B 19 7.50 -11.29 -5.88
CA GLU B 19 6.36 -10.81 -6.64
C GLU B 19 5.49 -9.91 -5.77
N TRP B 20 5.22 -10.35 -4.55
CA TRP B 20 4.42 -9.53 -3.63
C TRP B 20 5.18 -8.25 -3.28
N LYS B 21 6.51 -8.36 -3.20
CA LYS B 21 7.36 -7.22 -2.88
C LYS B 21 7.33 -6.15 -3.97
N LYS B 22 7.41 -6.58 -5.23
CA LYS B 22 7.41 -5.62 -6.34
C LYS B 22 6.09 -4.85 -6.36
N LYS B 23 4.99 -5.58 -6.27
CA LYS B 23 3.67 -4.94 -6.26
C LYS B 23 3.56 -4.06 -5.02
N TYR B 24 4.09 -4.55 -3.91
CA TYR B 24 4.09 -3.81 -2.66
C TYR B 24 4.78 -2.47 -2.85
N GLU B 25 5.85 -2.47 -3.65
CA GLU B 25 6.57 -1.23 -3.90
C GLU B 25 5.71 -0.25 -4.70
N LYS B 26 4.96 -0.77 -5.66
CA LYS B 26 4.09 0.05 -6.49
C LYS B 26 2.90 0.59 -5.69
N GLU B 27 2.30 -0.28 -4.89
CA GLU B 27 1.13 0.11 -4.09
C GLU B 27 1.46 1.14 -3.03
N LYS B 28 2.43 0.83 -2.17
CA LYS B 28 2.80 1.74 -1.10
C LYS B 28 3.24 3.09 -1.66
N GLU B 29 3.92 3.06 -2.80
CA GLU B 29 4.39 4.29 -3.43
C GLU B 29 3.24 5.19 -3.84
N LYS B 30 2.25 4.62 -4.53
CA LYS B 30 1.11 5.40 -5.00
C LYS B 30 0.28 5.90 -3.81
N ASN B 31 0.07 5.05 -2.83
CA ASN B 31 -0.71 5.42 -1.64
C ASN B 31 -0.03 6.55 -0.87
N LYS B 32 1.29 6.50 -0.75
CA LYS B 32 2.00 7.55 -0.03
C LYS B 32 1.79 8.88 -0.73
N ALA B 33 1.77 8.85 -2.05
CA ALA B 33 1.56 10.07 -2.83
C ALA B 33 0.16 10.63 -2.56
N LEU B 34 -0.81 9.74 -2.36
CA LEU B 34 -2.18 10.17 -2.09
C LEU B 34 -2.27 10.95 -0.79
N LYS B 35 -1.52 10.52 0.21
CA LYS B 35 -1.54 11.21 1.49
C LYS B 35 -1.14 12.67 1.29
N SER B 36 -0.07 12.88 0.54
CA SER B 36 0.39 14.24 0.26
C SER B 36 -0.66 14.96 -0.60
N VAL B 37 -1.42 14.18 -1.34
CA VAL B 37 -2.46 14.73 -2.20
C VAL B 37 -3.56 15.39 -1.37
N ILE B 38 -3.95 14.73 -0.28
CA ILE B 38 -4.99 15.28 0.58
C ILE B 38 -4.55 16.65 1.07
N GLN B 39 -3.32 16.72 1.55
CA GLN B 39 -2.76 17.96 2.06
C GLN B 39 -2.84 19.03 0.98
N HIS B 40 -2.54 18.63 -0.25
CA HIS B 40 -2.60 19.56 -1.38
C HIS B 40 -3.99 20.12 -1.56
N LEU B 41 -4.99 19.25 -1.56
CA LEU B 41 -6.36 19.68 -1.74
C LEU B 41 -6.76 20.66 -0.64
N GLU B 42 -6.73 20.18 0.62
CA GLU B 42 -7.10 21.03 1.77
C GLU B 42 -6.68 22.47 1.53
N VAL B 43 -5.50 22.67 0.95
CA VAL B 43 -5.03 24.02 0.66
C VAL B 43 -6.01 24.71 -0.27
N GLU B 44 -6.41 24.00 -1.31
CA GLU B 44 -7.35 24.54 -2.28
C GLU B 44 -8.76 24.58 -1.69
N LEU B 45 -8.95 23.95 -0.53
CA LEU B 45 -10.28 23.94 0.11
C LEU B 45 -10.69 25.36 0.48
N ASN B 46 -9.78 26.09 1.11
CA ASN B 46 -10.07 27.45 1.50
C ASN B 46 -10.16 28.33 0.25
N ARG B 47 -9.31 28.02 -0.73
CA ARG B 47 -9.31 28.77 -1.97
C ARG B 47 -10.72 28.82 -2.54
N TRP B 48 -11.35 27.65 -2.60
CA TRP B 48 -12.70 27.54 -3.12
C TRP B 48 -13.56 28.73 -2.72
N ARG B 49 -13.29 29.28 -1.54
CA ARG B 49 -14.07 30.42 -1.05
C ARG B 49 -14.06 31.56 -2.05
N ASN B 50 -12.88 31.92 -2.55
CA ASN B 50 -12.78 33.00 -3.53
C ASN B 50 -12.90 32.45 -4.96
N GLY B 51 -12.40 31.24 -5.17
CA GLY B 51 -12.47 30.62 -6.49
C GLY B 51 -11.53 31.31 -7.47
N GLU B 52 -10.91 32.40 -7.03
CA GLU B 52 -9.99 33.14 -7.89
C GLU B 52 -8.86 33.75 -7.07
N ALA B 53 -9.22 34.52 -6.05
CA ALA B 53 -8.23 35.17 -5.20
C ALA B 53 -8.04 34.38 -3.90
N VAL B 54 -6.85 34.49 -3.31
CA VAL B 54 -6.56 33.77 -2.07
C VAL B 54 -7.27 34.43 -0.90
N GLY A 1 26.69 -25.66 26.45
CA GLY A 1 27.53 -26.77 25.93
C GLY A 1 26.69 -27.67 25.03
N SER A 2 26.15 -27.11 23.96
CA SER A 2 25.32 -27.87 23.04
C SER A 2 26.16 -28.91 22.30
N LYS A 3 25.55 -30.06 22.03
CA LYS A 3 26.26 -31.14 21.33
C LYS A 3 26.63 -30.70 19.92
N THR A 4 25.70 -30.01 19.25
CA THR A 4 25.95 -29.54 17.89
C THR A 4 26.77 -28.27 17.92
N ILE A 5 27.27 -27.87 16.75
CA ILE A 5 28.09 -26.67 16.64
C ILE A 5 27.20 -25.42 16.68
N LYS A 6 27.63 -24.42 17.43
CA LYS A 6 26.86 -23.19 17.55
C LYS A 6 26.44 -22.67 16.18
N ASN A 7 25.21 -22.18 16.10
CA ASN A 7 24.70 -21.66 14.83
C ASN A 7 24.95 -20.17 14.71
N THR A 8 24.81 -19.65 13.50
CA THR A 8 25.03 -18.23 13.25
C THR A 8 23.71 -17.55 12.90
N VAL A 9 23.43 -16.43 13.57
CA VAL A 9 22.20 -15.69 13.31
C VAL A 9 22.38 -14.76 12.11
N SER A 10 21.59 -15.01 11.07
CA SER A 10 21.66 -14.18 9.87
C SER A 10 20.82 -12.93 10.03
N VAL A 11 21.21 -11.86 9.32
CA VAL A 11 20.48 -10.61 9.39
C VAL A 11 19.77 -10.34 8.08
N ASN A 12 18.51 -10.77 7.98
CA ASN A 12 17.74 -10.56 6.77
C ASN A 12 18.48 -11.10 5.55
N LEU A 13 19.56 -11.82 5.81
CA LEU A 13 20.36 -12.38 4.72
C LEU A 13 19.54 -13.39 3.92
N GLU A 14 18.81 -14.25 4.62
CA GLU A 14 17.97 -15.24 3.95
C GLU A 14 16.80 -15.63 4.85
N LEU A 15 15.68 -14.92 4.69
CA LEU A 15 14.49 -15.20 5.47
C LEU A 15 13.43 -15.90 4.62
N THR A 16 12.71 -16.85 5.21
CA THR A 16 11.68 -17.57 4.47
C THR A 16 10.57 -16.61 4.03
N ALA A 17 10.13 -16.73 2.79
CA ALA A 17 9.08 -15.86 2.28
C ALA A 17 7.77 -16.07 3.05
N GLU A 18 7.59 -17.27 3.58
CA GLU A 18 6.38 -17.56 4.33
C GLU A 18 6.23 -16.58 5.49
N GLU A 19 7.25 -16.52 6.33
CA GLU A 19 7.24 -15.61 7.46
C GLU A 19 7.43 -14.17 6.97
N TRP A 20 8.08 -14.03 5.83
CA TRP A 20 8.33 -12.72 5.24
C TRP A 20 7.02 -12.10 4.77
N LYS A 21 6.17 -12.91 4.18
CA LYS A 21 4.90 -12.42 3.67
C LYS A 21 3.99 -11.98 4.82
N LYS A 22 3.78 -12.86 5.80
CA LYS A 22 2.91 -12.54 6.92
C LYS A 22 3.11 -11.10 7.36
N LYS A 23 4.37 -10.69 7.48
CA LYS A 23 4.69 -9.32 7.89
C LYS A 23 4.18 -8.33 6.84
N TYR A 24 4.40 -8.65 5.58
CA TYR A 24 3.97 -7.80 4.49
C TYR A 24 2.44 -7.76 4.39
N GLU A 25 1.81 -8.89 4.68
CA GLU A 25 0.36 -8.98 4.61
C GLU A 25 -0.28 -7.91 5.49
N LYS A 26 0.20 -7.81 6.72
CA LYS A 26 -0.32 -6.81 7.65
C LYS A 26 -0.01 -5.40 7.14
N GLU A 27 1.17 -5.24 6.57
CA GLU A 27 1.58 -3.95 6.04
C GLU A 27 0.61 -3.48 4.95
N LYS A 28 0.25 -4.38 4.05
CA LYS A 28 -0.66 -4.04 2.96
C LYS A 28 -2.01 -3.60 3.51
N GLU A 29 -2.47 -4.28 4.57
CA GLU A 29 -3.74 -3.94 5.19
C GLU A 29 -3.75 -2.48 5.62
N LYS A 30 -2.65 -2.03 6.21
CA LYS A 30 -2.55 -0.65 6.66
C LYS A 30 -2.64 0.31 5.47
N ASN A 31 -1.97 -0.06 4.38
CA ASN A 31 -1.97 0.77 3.18
C ASN A 31 -3.40 0.86 2.64
N LYS A 32 -4.16 -0.22 2.82
CA LYS A 32 -5.55 -0.24 2.36
C LYS A 32 -6.30 0.92 2.99
N ALA A 33 -6.06 1.13 4.29
CA ALA A 33 -6.70 2.22 5.01
C ALA A 33 -6.39 3.54 4.31
N LEU A 34 -5.24 3.59 3.64
CA LEU A 34 -4.85 4.81 2.93
C LEU A 34 -5.84 5.08 1.81
N LYS A 35 -6.32 4.02 1.17
CA LYS A 35 -7.29 4.18 0.11
C LYS A 35 -8.52 4.89 0.68
N SER A 36 -8.92 4.48 1.87
CA SER A 36 -10.06 5.08 2.54
C SER A 36 -9.79 6.56 2.76
N VAL A 37 -8.51 6.93 2.74
CA VAL A 37 -8.11 8.32 2.92
C VAL A 37 -8.67 9.17 1.79
N ILE A 38 -8.58 8.65 0.57
CA ILE A 38 -9.09 9.39 -0.58
C ILE A 38 -10.57 9.69 -0.35
N GLN A 39 -11.29 8.68 0.13
CA GLN A 39 -12.71 8.86 0.39
C GLN A 39 -12.92 9.61 1.70
N HIS A 40 -11.84 9.76 2.46
CA HIS A 40 -11.93 10.48 3.74
C HIS A 40 -11.69 11.97 3.55
N LEU A 41 -10.54 12.32 3.00
CA LEU A 41 -10.21 13.72 2.79
C LEU A 41 -11.20 14.36 1.81
N GLU A 42 -11.55 13.63 0.75
CA GLU A 42 -12.46 14.14 -0.25
C GLU A 42 -13.89 14.26 0.29
N VAL A 43 -14.33 13.25 1.05
CA VAL A 43 -15.68 13.27 1.60
C VAL A 43 -15.86 14.44 2.55
N GLU A 44 -14.88 14.65 3.40
CA GLU A 44 -14.94 15.74 4.35
C GLU A 44 -15.11 17.07 3.64
N LEU A 45 -14.56 17.16 2.43
CA LEU A 45 -14.68 18.40 1.64
C LEU A 45 -16.15 18.70 1.36
N ASN A 46 -16.87 17.69 0.86
CA ASN A 46 -18.28 17.87 0.55
C ASN A 46 -19.11 18.09 1.81
N ARG A 47 -18.78 17.36 2.86
CA ARG A 47 -19.52 17.47 4.12
C ARG A 47 -19.46 18.87 4.69
N TRP A 48 -18.27 19.47 4.67
CA TRP A 48 -18.11 20.81 5.21
C TRP A 48 -18.39 21.87 4.14
N ARG A 49 -17.99 21.60 2.91
CA ARG A 49 -18.22 22.57 1.84
C ARG A 49 -19.53 23.31 2.03
N ASN A 50 -20.63 22.57 2.03
CA ASN A 50 -21.94 23.18 2.21
C ASN A 50 -22.13 23.67 3.64
N GLY A 51 -21.54 22.93 4.60
CA GLY A 51 -21.64 23.31 6.01
C GLY A 51 -23.05 23.75 6.37
N GLU A 52 -24.04 23.23 5.64
CA GLU A 52 -25.42 23.59 5.92
C GLU A 52 -25.85 23.07 7.29
N ALA A 53 -25.39 21.87 7.63
CA ALA A 53 -25.73 21.28 8.93
C ALA A 53 -25.10 22.08 10.06
N VAL A 54 -25.82 22.18 11.17
CA VAL A 54 -25.32 22.92 12.33
C VAL A 54 -24.87 21.95 13.43
N GLY B 1 5.05 -31.36 -26.99
CA GLY B 1 5.52 -32.70 -26.52
C GLY B 1 6.75 -32.53 -25.64
N SER B 2 6.59 -31.82 -24.53
CA SER B 2 7.68 -31.60 -23.59
C SER B 2 8.10 -32.91 -22.93
N LYS B 3 9.41 -33.05 -22.69
CA LYS B 3 9.93 -34.25 -22.06
C LYS B 3 9.38 -34.41 -20.65
N THR B 4 9.31 -33.29 -19.92
CA THR B 4 8.80 -33.31 -18.55
C THR B 4 7.27 -33.31 -18.56
N ILE B 5 6.69 -33.58 -17.40
CA ILE B 5 5.23 -33.61 -17.27
C ILE B 5 4.68 -32.19 -17.23
N LYS B 6 3.59 -31.95 -17.97
CA LYS B 6 2.97 -30.64 -18.01
C LYS B 6 2.79 -30.09 -16.60
N ASN B 7 3.05 -28.79 -16.45
CA ASN B 7 2.91 -28.14 -15.14
C ASN B 7 1.52 -27.55 -14.98
N THR B 8 1.18 -27.22 -13.73
CA THR B 8 -0.13 -26.65 -13.44
C THR B 8 0.02 -25.19 -13.01
N VAL B 9 -0.77 -24.31 -13.63
CA VAL B 9 -0.72 -22.90 -13.30
C VAL B 9 -1.58 -22.59 -12.07
N SER B 10 -0.94 -22.13 -11.01
CA SER B 10 -1.65 -21.81 -9.77
C SER B 10 -2.25 -20.41 -9.84
N VAL B 11 -3.34 -20.20 -9.12
CA VAL B 11 -3.99 -18.89 -9.12
C VAL B 11 -3.83 -18.22 -7.76
N ASN B 12 -2.77 -17.42 -7.64
CA ASN B 12 -2.51 -16.72 -6.38
C ASN B 12 -2.46 -17.70 -5.22
N LEU B 13 -2.45 -18.99 -5.55
CA LEU B 13 -2.40 -20.02 -4.51
C LEU B 13 -1.10 -19.92 -3.71
N GLU B 14 0.01 -19.73 -4.43
CA GLU B 14 1.30 -19.62 -3.76
C GLU B 14 2.26 -18.80 -4.63
N LEU B 15 2.29 -17.49 -4.39
CA LEU B 15 3.16 -16.60 -5.14
C LEU B 15 4.33 -16.13 -4.27
N THR B 16 5.50 -16.02 -4.86
CA THR B 16 6.69 -15.59 -4.12
C THR B 16 6.49 -14.17 -3.61
N ALA B 17 6.85 -13.93 -2.34
CA ALA B 17 6.69 -12.60 -1.76
C ALA B 17 7.58 -11.59 -2.48
N GLU B 18 8.68 -12.05 -3.05
CA GLU B 18 9.58 -11.15 -3.76
C GLU B 18 8.82 -10.44 -4.87
N GLU B 19 8.21 -11.22 -5.75
CA GLU B 19 7.43 -10.64 -6.85
C GLU B 19 6.14 -10.04 -6.30
N TRP B 20 5.67 -10.58 -5.19
CA TRP B 20 4.44 -10.10 -4.56
C TRP B 20 4.64 -8.70 -4.02
N LYS B 21 5.80 -8.46 -3.42
CA LYS B 21 6.08 -7.15 -2.85
C LYS B 21 6.20 -6.09 -3.94
N LYS B 22 7.04 -6.35 -4.94
CA LYS B 22 7.23 -5.38 -6.01
C LYS B 22 5.91 -4.74 -6.40
N LYS B 23 4.88 -5.56 -6.56
CA LYS B 23 3.57 -5.06 -6.93
C LYS B 23 3.01 -4.16 -5.83
N TYR B 24 3.19 -4.58 -4.58
CA TYR B 24 2.71 -3.81 -3.45
C TYR B 24 3.50 -2.53 -3.28
N GLU B 25 4.80 -2.59 -3.60
CA GLU B 25 5.67 -1.43 -3.47
C GLU B 25 5.11 -0.26 -4.28
N LYS B 26 4.75 -0.54 -5.53
CA LYS B 26 4.18 0.49 -6.40
C LYS B 26 2.85 0.96 -5.85
N GLU B 27 2.07 0.04 -5.30
CA GLU B 27 0.77 0.37 -4.74
C GLU B 27 0.91 1.37 -3.60
N LYS B 28 1.87 1.13 -2.73
CA LYS B 28 2.10 2.03 -1.59
C LYS B 28 2.46 3.41 -2.07
N GLU B 29 3.26 3.48 -3.13
CA GLU B 29 3.68 4.78 -3.68
C GLU B 29 2.45 5.61 -4.06
N LYS B 30 1.46 4.96 -4.68
CA LYS B 30 0.25 5.66 -5.07
C LYS B 30 -0.49 6.18 -3.85
N ASN B 31 -0.54 5.36 -2.80
CA ASN B 31 -1.22 5.75 -1.58
C ASN B 31 -0.51 6.96 -0.97
N LYS B 32 0.81 7.02 -1.16
CA LYS B 32 1.58 8.15 -0.65
C LYS B 32 1.02 9.44 -1.20
N ALA B 33 0.70 9.43 -2.49
CA ALA B 33 0.12 10.60 -3.15
C ALA B 33 -1.14 11.02 -2.41
N LEU B 34 -1.81 10.05 -1.79
CA LEU B 34 -3.04 10.34 -1.05
C LEU B 34 -2.71 11.26 0.12
N LYS B 35 -1.55 11.04 0.74
CA LYS B 35 -1.15 11.89 1.84
C LYS B 35 -1.07 13.34 1.34
N SER B 36 -0.52 13.51 0.15
CA SER B 36 -0.41 14.83 -0.44
C SER B 36 -1.80 15.42 -0.61
N VAL B 37 -2.80 14.55 -0.63
CA VAL B 37 -4.19 14.98 -0.77
C VAL B 37 -4.59 15.85 0.41
N ILE B 38 -4.20 15.43 1.61
CA ILE B 38 -4.51 16.20 2.80
C ILE B 38 -3.96 17.60 2.64
N GLN B 39 -2.73 17.69 2.15
CA GLN B 39 -2.11 18.99 1.95
C GLN B 39 -2.65 19.64 0.69
N HIS B 40 -3.37 18.87 -0.11
CA HIS B 40 -3.92 19.39 -1.35
C HIS B 40 -5.30 20.01 -1.13
N LEU B 41 -6.22 19.19 -0.60
CA LEU B 41 -7.57 19.67 -0.35
C LEU B 41 -7.56 20.80 0.69
N GLU B 42 -6.75 20.62 1.73
CA GLU B 42 -6.66 21.62 2.79
C GLU B 42 -5.98 22.91 2.32
N VAL B 43 -4.92 22.77 1.54
CA VAL B 43 -4.19 23.94 1.04
C VAL B 43 -5.08 24.78 0.15
N GLU B 44 -5.82 24.12 -0.74
CA GLU B 44 -6.70 24.82 -1.65
C GLU B 44 -7.71 25.65 -0.86
N LEU B 45 -8.08 25.17 0.32
CA LEU B 45 -9.03 25.90 1.15
C LEU B 45 -8.49 27.28 1.51
N ASN B 46 -7.25 27.30 2.00
CA ASN B 46 -6.62 28.56 2.37
C ASN B 46 -6.37 29.45 1.15
N ARG B 47 -5.94 28.84 0.07
CA ARG B 47 -5.64 29.58 -1.15
C ARG B 47 -6.87 30.32 -1.68
N TRP B 48 -8.01 29.66 -1.68
CA TRP B 48 -9.23 30.28 -2.17
C TRP B 48 -9.96 31.03 -1.07
N ARG B 49 -9.92 30.49 0.15
CA ARG B 49 -10.60 31.13 1.27
C ARG B 49 -10.51 32.65 1.15
N ASN B 50 -9.30 33.17 1.17
CA ASN B 50 -9.08 34.61 1.06
C ASN B 50 -9.42 35.10 -0.34
N GLY B 51 -9.14 34.27 -1.35
CA GLY B 51 -9.41 34.63 -2.73
C GLY B 51 -9.01 36.08 -3.02
N GLU B 52 -8.03 36.58 -2.29
CA GLU B 52 -7.57 37.95 -2.48
C GLU B 52 -6.91 38.10 -3.86
N ALA B 53 -6.17 37.08 -4.26
CA ALA B 53 -5.50 37.11 -5.56
C ALA B 53 -6.52 37.09 -6.69
N VAL B 54 -6.22 37.80 -7.77
CA VAL B 54 -7.13 37.84 -8.92
C VAL B 54 -6.58 37.00 -10.06
N GLY A 1 13.13 -53.14 -2.39
CA GLY A 1 12.10 -53.77 -3.27
C GLY A 1 11.79 -52.84 -4.43
N SER A 2 12.14 -53.29 -5.64
CA SER A 2 11.89 -52.49 -6.85
C SER A 2 11.96 -51.00 -6.52
N LYS A 3 11.28 -50.20 -7.32
CA LYS A 3 11.27 -48.75 -7.12
C LYS A 3 10.63 -48.40 -5.78
N THR A 4 9.53 -49.07 -5.45
CA THR A 4 8.83 -48.82 -4.20
C THR A 4 8.50 -47.34 -4.06
N ILE A 5 7.26 -46.98 -4.38
CA ILE A 5 6.84 -45.59 -4.29
C ILE A 5 5.79 -45.42 -3.20
N LYS A 6 6.01 -44.45 -2.31
CA LYS A 6 5.08 -44.19 -1.22
C LYS A 6 4.51 -42.78 -1.32
N ASN A 7 3.78 -42.37 -0.29
CA ASN A 7 3.19 -41.03 -0.27
C ASN A 7 4.29 -39.97 -0.18
N THR A 8 4.15 -38.92 -0.98
CA THR A 8 5.13 -37.84 -0.98
C THR A 8 5.08 -37.06 0.32
N VAL A 9 6.25 -36.72 0.85
CA VAL A 9 6.33 -35.97 2.09
C VAL A 9 7.06 -34.65 1.89
N SER A 10 6.48 -33.58 2.41
CA SER A 10 7.09 -32.26 2.28
C SER A 10 8.37 -32.16 3.11
N VAL A 11 9.34 -31.41 2.61
CA VAL A 11 10.61 -31.24 3.32
C VAL A 11 10.93 -29.77 3.51
N ASN A 12 11.31 -29.40 4.73
CA ASN A 12 11.65 -28.00 5.03
C ASN A 12 13.12 -27.73 4.73
N LEU A 13 13.39 -26.53 4.22
CA LEU A 13 14.76 -26.13 3.89
C LEU A 13 14.95 -24.64 4.07
N GLU A 14 13.93 -23.87 3.70
CA GLU A 14 13.98 -22.42 3.81
C GLU A 14 12.62 -21.87 4.23
N LEU A 15 12.60 -20.67 4.79
CA LEU A 15 11.34 -20.08 5.20
C LEU A 15 10.31 -20.23 4.08
N THR A 16 9.05 -20.34 4.44
CA THR A 16 8.02 -20.51 3.43
C THR A 16 7.66 -19.19 2.77
N ALA A 17 7.04 -19.27 1.59
CA ALA A 17 6.64 -18.07 0.88
C ALA A 17 5.64 -17.28 1.72
N GLU A 18 5.02 -17.99 2.66
CA GLU A 18 4.02 -17.38 3.53
C GLU A 18 4.66 -16.35 4.46
N GLU A 19 5.82 -16.68 5.02
CA GLU A 19 6.49 -15.76 5.92
C GLU A 19 6.79 -14.44 5.21
N TRP A 20 7.24 -14.52 3.96
CA TRP A 20 7.54 -13.31 3.19
C TRP A 20 6.27 -12.73 2.55
N LYS A 21 5.50 -13.58 1.90
CA LYS A 21 4.27 -13.15 1.24
C LYS A 21 3.24 -12.66 2.27
N LYS A 22 3.13 -13.36 3.39
CA LYS A 22 2.18 -12.98 4.44
C LYS A 22 2.50 -11.61 5.00
N LYS A 23 3.79 -11.35 5.22
CA LYS A 23 4.20 -10.05 5.75
C LYS A 23 3.55 -8.96 4.92
N TYR A 24 3.54 -9.14 3.60
CA TYR A 24 2.92 -8.20 2.70
C TYR A 24 1.42 -8.08 2.99
N GLU A 25 0.77 -9.20 3.27
CA GLU A 25 -0.67 -9.16 3.56
C GLU A 25 -0.95 -7.99 4.49
N LYS A 26 -0.11 -7.84 5.52
CA LYS A 26 -0.27 -6.75 6.46
C LYS A 26 -0.05 -5.42 5.75
N GLU A 27 0.90 -5.40 4.82
CA GLU A 27 1.21 -4.20 4.07
C GLU A 27 -0.05 -3.61 3.43
N LYS A 28 -0.87 -4.48 2.86
CA LYS A 28 -2.12 -4.05 2.23
C LYS A 28 -3.08 -3.47 3.28
N GLU A 29 -3.06 -4.06 4.47
CA GLU A 29 -3.95 -3.61 5.54
C GLU A 29 -3.79 -2.12 5.81
N LYS A 30 -2.57 -1.70 6.14
CA LYS A 30 -2.31 -0.30 6.44
C LYS A 30 -2.55 0.60 5.24
N ASN A 31 -2.06 0.19 4.08
CA ASN A 31 -2.22 0.98 2.87
C ASN A 31 -3.70 1.10 2.50
N LYS A 32 -4.45 0.02 2.69
CA LYS A 32 -5.87 0.04 2.39
C LYS A 32 -6.58 1.06 3.26
N ALA A 33 -6.18 1.12 4.53
CA ALA A 33 -6.77 2.06 5.47
C ALA A 33 -6.57 3.49 4.99
N LEU A 34 -5.47 3.73 4.28
CA LEU A 34 -5.19 5.06 3.75
C LEU A 34 -6.24 5.48 2.75
N LYS A 35 -6.69 4.53 1.92
CA LYS A 35 -7.71 4.84 0.92
C LYS A 35 -8.94 5.39 1.62
N SER A 36 -9.35 4.74 2.70
CA SER A 36 -10.50 5.18 3.47
C SER A 36 -10.23 6.57 4.05
N VAL A 37 -8.96 6.83 4.34
CA VAL A 37 -8.54 8.11 4.91
C VAL A 37 -8.81 9.25 3.94
N ILE A 38 -8.52 9.02 2.67
CA ILE A 38 -8.74 10.04 1.65
C ILE A 38 -10.20 10.46 1.67
N GLN A 39 -11.07 9.46 1.66
CA GLN A 39 -12.50 9.69 1.69
C GLN A 39 -12.89 10.33 3.02
N HIS A 40 -12.06 10.10 4.04
CA HIS A 40 -12.33 10.66 5.37
C HIS A 40 -12.33 12.17 5.33
N LEU A 41 -11.25 12.74 4.82
CA LEU A 41 -11.13 14.20 4.74
C LEU A 41 -12.21 14.78 3.83
N GLU A 42 -12.46 14.12 2.71
CA GLU A 42 -13.46 14.59 1.76
C GLU A 42 -14.76 14.96 2.48
N VAL A 43 -15.17 14.13 3.44
CA VAL A 43 -16.39 14.40 4.21
C VAL A 43 -16.20 15.67 5.02
N GLU A 44 -15.02 15.77 5.63
CA GLU A 44 -14.68 16.92 6.44
C GLU A 44 -14.81 18.20 5.59
N LEU A 45 -14.44 18.07 4.32
CA LEU A 45 -14.53 19.19 3.39
C LEU A 45 -15.97 19.63 3.17
N ASN A 46 -16.87 18.64 3.12
CA ASN A 46 -18.28 18.91 2.88
C ASN A 46 -18.81 20.00 3.78
N ARG A 47 -18.47 19.92 5.05
CA ARG A 47 -18.95 20.95 5.98
C ARG A 47 -17.95 22.09 6.04
N TRP A 48 -16.69 21.71 6.03
CA TRP A 48 -15.56 22.64 6.06
C TRP A 48 -15.57 23.56 4.82
N ARG A 49 -16.38 23.24 3.81
CA ARG A 49 -16.43 24.08 2.60
C ARG A 49 -16.65 25.54 2.98
N ASN A 50 -17.55 25.80 3.93
CA ASN A 50 -17.80 27.17 4.36
C ASN A 50 -17.14 27.44 5.71
N GLY A 51 -16.60 26.40 6.33
CA GLY A 51 -15.92 26.56 7.61
C GLY A 51 -16.93 26.63 8.75
N GLU A 52 -18.12 26.10 8.51
CA GLU A 52 -19.17 26.10 9.53
C GLU A 52 -19.01 24.90 10.45
N ALA A 53 -18.17 23.96 10.05
CA ALA A 53 -17.93 22.76 10.85
C ALA A 53 -17.19 23.12 12.13
N VAL A 54 -17.52 22.42 13.22
CA VAL A 54 -16.86 22.68 14.50
C VAL A 54 -15.35 22.59 14.36
N GLY B 1 36.82 -36.37 2.98
CA GLY B 1 37.78 -35.93 4.03
C GLY B 1 37.02 -35.32 5.19
N SER B 2 37.09 -35.99 6.35
CA SER B 2 36.40 -35.50 7.54
C SER B 2 35.13 -34.75 7.16
N LYS B 3 34.70 -33.84 8.03
CA LYS B 3 33.50 -33.06 7.79
C LYS B 3 33.67 -32.18 6.55
N THR B 4 34.85 -31.57 6.42
CA THR B 4 35.12 -30.70 5.28
C THR B 4 34.04 -29.63 5.14
N ILE B 5 34.33 -28.43 5.63
CA ILE B 5 33.37 -27.34 5.57
C ILE B 5 33.88 -26.23 4.64
N LYS B 6 33.03 -25.82 3.70
CA LYS B 6 33.40 -24.77 2.77
C LYS B 6 32.48 -23.58 2.89
N ASN B 7 32.61 -22.62 1.98
CA ASN B 7 31.77 -21.43 2.01
C ASN B 7 30.32 -21.79 1.70
N THR B 8 29.40 -21.22 2.49
CA THR B 8 27.98 -21.48 2.31
C THR B 8 27.49 -20.89 0.99
N VAL B 9 26.66 -21.64 0.28
CA VAL B 9 26.12 -21.18 -1.00
C VAL B 9 24.60 -21.14 -0.94
N SER B 10 24.03 -20.04 -1.41
CA SER B 10 22.58 -19.88 -1.41
C SER B 10 21.94 -20.81 -2.44
N VAL B 11 20.74 -21.30 -2.13
CA VAL B 11 20.04 -22.20 -3.02
C VAL B 11 18.63 -21.69 -3.31
N ASN B 12 18.25 -21.68 -4.59
CA ASN B 12 16.93 -21.20 -4.98
C ASN B 12 15.90 -22.34 -4.93
N LEU B 13 14.68 -22.01 -4.51
CA LEU B 13 13.62 -23.00 -4.41
C LEU B 13 12.27 -22.36 -4.67
N GLU B 14 12.09 -21.14 -4.17
CA GLU B 14 10.84 -20.42 -4.34
C GLU B 14 11.12 -18.93 -4.56
N LEU B 15 10.16 -18.22 -5.15
CA LEU B 15 10.34 -16.80 -5.38
C LEU B 15 10.87 -16.15 -4.10
N THR B 16 11.64 -15.09 -4.26
CA THR B 16 12.21 -14.42 -3.10
C THR B 16 11.19 -13.51 -2.44
N ALA B 17 11.44 -13.16 -1.18
CA ALA B 17 10.54 -12.28 -0.45
C ALA B 17 10.48 -10.93 -1.16
N GLU B 18 11.49 -10.66 -1.96
CA GLU B 18 11.58 -9.39 -2.69
C GLU B 18 10.48 -9.30 -3.74
N GLU B 19 10.23 -10.39 -4.45
CA GLU B 19 9.19 -10.37 -5.49
C GLU B 19 7.84 -10.02 -4.88
N TRP B 20 7.54 -10.58 -3.71
CA TRP B 20 6.27 -10.30 -3.04
C TRP B 20 6.35 -9.00 -2.23
N LYS B 21 7.41 -8.86 -1.44
CA LYS B 21 7.59 -7.67 -0.62
C LYS B 21 7.81 -6.43 -1.49
N LYS B 22 8.59 -6.57 -2.55
CA LYS B 22 8.86 -5.45 -3.45
C LYS B 22 7.58 -4.94 -4.11
N LYS B 23 6.74 -5.88 -4.53
CA LYS B 23 5.48 -5.49 -5.16
C LYS B 23 4.78 -4.45 -4.28
N TYR B 24 4.80 -4.71 -2.97
CA TYR B 24 4.21 -3.80 -2.01
C TYR B 24 4.90 -2.43 -2.08
N GLU B 25 6.23 -2.42 -2.20
CA GLU B 25 6.95 -1.16 -2.28
C GLU B 25 6.21 -0.20 -3.20
N LYS B 26 5.76 -0.71 -4.34
CA LYS B 26 5.01 0.10 -5.29
C LYS B 26 3.68 0.52 -4.67
N GLU B 27 3.09 -0.38 -3.90
CA GLU B 27 1.81 -0.10 -3.23
C GLU B 27 1.89 1.20 -2.45
N LYS B 28 2.99 1.37 -1.71
CA LYS B 28 3.19 2.58 -0.92
C LYS B 28 3.29 3.81 -1.83
N GLU B 29 3.91 3.63 -2.98
CA GLU B 29 4.10 4.74 -3.92
C GLU B 29 2.78 5.41 -4.26
N LYS B 30 1.84 4.63 -4.80
CA LYS B 30 0.54 5.16 -5.18
C LYS B 30 -0.24 5.70 -3.99
N ASN B 31 -0.26 4.93 -2.90
CA ASN B 31 -0.99 5.35 -1.70
C ASN B 31 -0.38 6.63 -1.11
N LYS B 32 0.94 6.72 -1.15
CA LYS B 32 1.63 7.90 -0.63
C LYS B 32 1.21 9.13 -1.43
N ALA B 33 1.09 8.97 -2.74
CA ALA B 33 0.70 10.06 -3.61
C ALA B 33 -0.68 10.58 -3.21
N LEU B 34 -1.52 9.69 -2.69
CA LEU B 34 -2.86 10.08 -2.26
C LEU B 34 -2.79 11.09 -1.11
N LYS B 35 -1.85 10.87 -0.20
CA LYS B 35 -1.70 11.78 0.93
C LYS B 35 -1.48 13.19 0.41
N SER B 36 -0.58 13.32 -0.56
CA SER B 36 -0.29 14.62 -1.15
C SER B 36 -1.55 15.18 -1.82
N VAL B 37 -2.38 14.26 -2.32
CA VAL B 37 -3.62 14.64 -2.99
C VAL B 37 -4.57 15.35 -2.02
N ILE B 38 -4.67 14.84 -0.80
CA ILE B 38 -5.54 15.44 0.19
C ILE B 38 -5.14 16.90 0.38
N GLN B 39 -3.84 17.11 0.56
CA GLN B 39 -3.31 18.44 0.74
C GLN B 39 -3.51 19.27 -0.53
N HIS B 40 -3.63 18.56 -1.66
CA HIS B 40 -3.83 19.22 -2.94
C HIS B 40 -5.13 20.00 -2.95
N LEU B 41 -6.22 19.33 -2.63
CA LEU B 41 -7.52 19.98 -2.62
C LEU B 41 -7.57 21.10 -1.60
N GLU B 42 -7.01 20.83 -0.42
CA GLU B 42 -7.00 21.82 0.65
C GLU B 42 -6.59 23.20 0.13
N VAL B 43 -5.55 23.22 -0.71
CA VAL B 43 -5.08 24.48 -1.29
C VAL B 43 -6.17 25.06 -2.18
N GLU B 44 -6.78 24.19 -2.96
CA GLU B 44 -7.87 24.60 -3.85
C GLU B 44 -8.97 25.27 -3.04
N LEU B 45 -9.20 24.75 -1.83
CA LEU B 45 -10.22 25.30 -0.95
C LEU B 45 -9.86 26.73 -0.52
N ASN B 46 -8.58 26.96 -0.29
CA ASN B 46 -8.11 28.27 0.15
C ASN B 46 -8.68 29.40 -0.70
N ARG B 47 -8.64 29.21 -2.01
CA ARG B 47 -9.17 30.26 -2.88
C ARG B 47 -10.65 30.01 -3.12
N TRP B 48 -10.97 28.73 -3.30
CA TRP B 48 -12.33 28.27 -3.53
C TRP B 48 -13.26 28.62 -2.35
N ARG B 49 -12.68 29.01 -1.21
CA ARG B 49 -13.50 29.35 -0.04
C ARG B 49 -14.60 30.35 -0.43
N ASN B 50 -14.25 31.35 -1.23
CA ASN B 50 -15.25 32.33 -1.67
C ASN B 50 -15.67 32.07 -3.12
N GLY B 51 -14.98 31.13 -3.78
CA GLY B 51 -15.33 30.79 -5.15
C GLY B 51 -14.74 31.80 -6.12
N GLU B 52 -13.71 32.51 -5.68
CA GLU B 52 -13.08 33.52 -6.52
C GLU B 52 -12.02 32.86 -7.42
N ALA B 53 -11.70 31.62 -7.12
CA ALA B 53 -10.70 30.89 -7.90
C ALA B 53 -11.24 30.60 -9.29
N VAL B 54 -10.36 30.63 -10.30
CA VAL B 54 -10.78 30.37 -11.67
C VAL B 54 -11.48 29.01 -11.77
#